data_4QF8
# 
_entry.id   4QF8 
# 
_audit_conform.dict_name       mmcif_pdbx.dic 
_audit_conform.dict_version    5.399 
_audit_conform.dict_location   http://mmcif.pdb.org/dictionaries/ascii/mmcif_pdbx.dic 
# 
loop_
_database_2.database_id 
_database_2.database_code 
_database_2.pdbx_database_accession 
_database_2.pdbx_DOI 
PDB   4QF8         pdb_00004qf8 10.2210/pdb4qf8/pdb 
RCSB  RCSB085979   ?            ?                   
WWPDB D_1000085979 ?            ?                   
# 
loop_
_pdbx_audit_revision_history.ordinal 
_pdbx_audit_revision_history.data_content_type 
_pdbx_audit_revision_history.major_revision 
_pdbx_audit_revision_history.minor_revision 
_pdbx_audit_revision_history.revision_date 
1 'Structure model' 1 0 2014-06-18 
2 'Structure model' 1 1 2015-01-28 
3 'Structure model' 1 2 2023-11-08 
4 'Structure model' 1 3 2024-11-20 
# 
_pdbx_audit_revision_details.ordinal             1 
_pdbx_audit_revision_details.revision_ordinal    1 
_pdbx_audit_revision_details.data_content_type   'Structure model' 
_pdbx_audit_revision_details.provider            repository 
_pdbx_audit_revision_details.type                'Initial release' 
_pdbx_audit_revision_details.description         ? 
_pdbx_audit_revision_details.details             ? 
# 
loop_
_pdbx_audit_revision_group.ordinal 
_pdbx_audit_revision_group.revision_ordinal 
_pdbx_audit_revision_group.data_content_type 
_pdbx_audit_revision_group.group 
1 2 'Structure model' 'Database references'    
2 2 'Structure model' 'Structure summary'      
3 3 'Structure model' 'Data collection'        
4 3 'Structure model' 'Database references'    
5 3 'Structure model' 'Derived calculations'   
6 3 'Structure model' 'Refinement description' 
7 4 'Structure model' 'Structure summary'      
# 
loop_
_pdbx_audit_revision_category.ordinal 
_pdbx_audit_revision_category.revision_ordinal 
_pdbx_audit_revision_category.data_content_type 
_pdbx_audit_revision_category.category 
1 3 'Structure model' chem_comp_atom                
2 3 'Structure model' chem_comp_bond                
3 3 'Structure model' database_2                    
4 3 'Structure model' pdbx_initial_refinement_model 
5 3 'Structure model' struct_site                   
6 4 'Structure model' pdbx_entry_details            
7 4 'Structure model' pdbx_modification_feature     
# 
loop_
_pdbx_audit_revision_item.ordinal 
_pdbx_audit_revision_item.revision_ordinal 
_pdbx_audit_revision_item.data_content_type 
_pdbx_audit_revision_item.item 
1 3 'Structure model' '_database_2.pdbx_DOI'                
2 3 'Structure model' '_database_2.pdbx_database_accession' 
3 3 'Structure model' '_struct_site.pdbx_auth_asym_id'      
4 3 'Structure model' '_struct_site.pdbx_auth_comp_id'      
5 3 'Structure model' '_struct_site.pdbx_auth_seq_id'       
# 
_pdbx_database_status.status_code                     REL 
_pdbx_database_status.entry_id                        4QF8 
_pdbx_database_status.recvd_initial_deposition_date   2014-05-20 
_pdbx_database_status.deposit_site                    RCSB 
_pdbx_database_status.process_site                    PDBJ 
_pdbx_database_status.methods_development_category    ? 
_pdbx_database_status.status_code_sf                  REL 
_pdbx_database_status.status_code_mr                  ? 
_pdbx_database_status.SG_entry                        ? 
_pdbx_database_status.status_code_cs                  ? 
_pdbx_database_status.pdb_format_compatible           Y 
_pdbx_database_status.status_code_nmr_data            ? 
# 
loop_
_pdbx_database_related.db_name 
_pdbx_database_related.db_id 
_pdbx_database_related.details 
_pdbx_database_related.content_type 
PDB 1FB2 . unspecified 
PDB 4QEM . unspecified 
PDB 4QER . unspecified 
PDB 4QF7 . unspecified 
PDB 4QGD . unspecified 
# 
loop_
_audit_author.name 
_audit_author.pdbx_ordinal 
'Shukla, P.K.' 1 
'Sinha, M.'    2 
'Kaur, P.'     3 
'Sharma, S.'   4 
'Singh, T.P.'  5 
# 
_citation.id                        primary 
_citation.title                     'Structures and binding studies of the complexes of phospholipase A2 with five inhibitors' 
_citation.journal_abbrev            Biochim.Biophys.Acta 
_citation.journal_volume            1854 
_citation.page_first                269 
_citation.page_last                 277 
_citation.year                      2015 
_citation.journal_id_ASTM           BBACAQ 
_citation.country                   NE 
_citation.journal_id_ISSN           0006-3002 
_citation.journal_id_CSD            0113 
_citation.book_publisher            ? 
_citation.pdbx_database_id_PubMed   25541253 
_citation.pdbx_database_id_DOI      10.1016/j.bbapap.2014.12.017 
# 
loop_
_citation_author.citation_id 
_citation_author.name 
_citation_author.ordinal 
_citation_author.identifier_ORCID 
primary 'Shukla, P.K.' 1 ? 
primary 'Gautam, L.'   2 ? 
primary 'Sinha, M.'    3 ? 
primary 'Kaur, P.'     4 ? 
primary 'Sharma, S.'   5 ? 
primary 'Singh, T.P.'  6 ? 
# 
loop_
_entity.id 
_entity.type 
_entity.src_method 
_entity.pdbx_description 
_entity.formula_weight 
_entity.pdbx_number_of_molecules 
_entity.pdbx_ec 
_entity.pdbx_mutation 
_entity.pdbx_fragment 
_entity.details 
1 polymer     nat 'Phospholipase A2 VRV-PL-VIIIa' 13629.767 1   3.1.1.4 ? ? ? 
2 non-polymer syn SPERMIDINE                      145.246   1   ?       ? ? ? 
3 non-polymer syn 'SULFATE ION'                   96.063    1   ?       ? ? ? 
4 water       nat water                           18.015    152 ?       ? ? ? 
# 
_entity_poly.entity_id                      1 
_entity_poly.type                           'polypeptide(L)' 
_entity_poly.nstd_linkage                   no 
_entity_poly.nstd_monomer                   no 
_entity_poly.pdbx_seq_one_letter_code       
;SLLEFGKMILEETGKLAIPSYSSYGCYCGWGGKGTPKDATDRCCFVHDCCYGNLPDCNPKSDRYKYKRVNGAIVCEKGTS
CENRICECDKAAAICFRQNLNTYSKKYMLYPDFLCKGELKC
;
_entity_poly.pdbx_seq_one_letter_code_can   
;SLLEFGKMILEETGKLAIPSYSSYGCYCGWGGKGTPKDATDRCCFVHDCCYGNLPDCNPKSDRYKYKRVNGAIVCEKGTS
CENRICECDKAAAICFRQNLNTYSKKYMLYPDFLCKGELKC
;
_entity_poly.pdbx_strand_id                 A 
_entity_poly.pdbx_target_identifier         ? 
# 
loop_
_pdbx_entity_nonpoly.entity_id 
_pdbx_entity_nonpoly.name 
_pdbx_entity_nonpoly.comp_id 
2 SPERMIDINE    SPD 
3 'SULFATE ION' SO4 
4 water         HOH 
# 
loop_
_entity_poly_seq.entity_id 
_entity_poly_seq.num 
_entity_poly_seq.mon_id 
_entity_poly_seq.hetero 
1 1   SER n 
1 2   LEU n 
1 3   LEU n 
1 4   GLU n 
1 5   PHE n 
1 6   GLY n 
1 7   LYS n 
1 8   MET n 
1 9   ILE n 
1 10  LEU n 
1 11  GLU n 
1 12  GLU n 
1 13  THR n 
1 14  GLY n 
1 15  LYS n 
1 16  LEU n 
1 17  ALA n 
1 18  ILE n 
1 19  PRO n 
1 20  SER n 
1 21  TYR n 
1 22  SER n 
1 23  SER n 
1 24  TYR n 
1 25  GLY n 
1 26  CYS n 
1 27  TYR n 
1 28  CYS n 
1 29  GLY n 
1 30  TRP n 
1 31  GLY n 
1 32  GLY n 
1 33  LYS n 
1 34  GLY n 
1 35  THR n 
1 36  PRO n 
1 37  LYS n 
1 38  ASP n 
1 39  ALA n 
1 40  THR n 
1 41  ASP n 
1 42  ARG n 
1 43  CYS n 
1 44  CYS n 
1 45  PHE n 
1 46  VAL n 
1 47  HIS n 
1 48  ASP n 
1 49  CYS n 
1 50  CYS n 
1 51  TYR n 
1 52  GLY n 
1 53  ASN n 
1 54  LEU n 
1 55  PRO n 
1 56  ASP n 
1 57  CYS n 
1 58  ASN n 
1 59  PRO n 
1 60  LYS n 
1 61  SER n 
1 62  ASP n 
1 63  ARG n 
1 64  TYR n 
1 65  LYS n 
1 66  TYR n 
1 67  LYS n 
1 68  ARG n 
1 69  VAL n 
1 70  ASN n 
1 71  GLY n 
1 72  ALA n 
1 73  ILE n 
1 74  VAL n 
1 75  CYS n 
1 76  GLU n 
1 77  LYS n 
1 78  GLY n 
1 79  THR n 
1 80  SER n 
1 81  CYS n 
1 82  GLU n 
1 83  ASN n 
1 84  ARG n 
1 85  ILE n 
1 86  CYS n 
1 87  GLU n 
1 88  CYS n 
1 89  ASP n 
1 90  LYS n 
1 91  ALA n 
1 92  ALA n 
1 93  ALA n 
1 94  ILE n 
1 95  CYS n 
1 96  PHE n 
1 97  ARG n 
1 98  GLN n 
1 99  ASN n 
1 100 LEU n 
1 101 ASN n 
1 102 THR n 
1 103 TYR n 
1 104 SER n 
1 105 LYS n 
1 106 LYS n 
1 107 TYR n 
1 108 MET n 
1 109 LEU n 
1 110 TYR n 
1 111 PRO n 
1 112 ASP n 
1 113 PHE n 
1 114 LEU n 
1 115 CYS n 
1 116 LYS n 
1 117 GLY n 
1 118 GLU n 
1 119 LEU n 
1 120 LYS n 
1 121 CYS n 
# 
_entity_src_nat.entity_id                  1 
_entity_src_nat.pdbx_src_id                1 
_entity_src_nat.pdbx_alt_source_flag       sample 
_entity_src_nat.pdbx_beg_seq_num           ? 
_entity_src_nat.pdbx_end_seq_num           ? 
_entity_src_nat.common_name                ? 
_entity_src_nat.pdbx_organism_scientific   'Daboia russellii pulchella' 
_entity_src_nat.pdbx_ncbi_taxonomy_id      97228 
_entity_src_nat.genus                      ? 
_entity_src_nat.species                    ? 
_entity_src_nat.strain                     ? 
_entity_src_nat.tissue                     ? 
_entity_src_nat.tissue_fraction            ? 
_entity_src_nat.pdbx_secretion             ? 
_entity_src_nat.pdbx_fragment              ? 
_entity_src_nat.pdbx_variant               ? 
_entity_src_nat.pdbx_cell_line             ? 
_entity_src_nat.pdbx_atcc                  ? 
_entity_src_nat.pdbx_cellular_location     ? 
_entity_src_nat.pdbx_organ                 ? 
_entity_src_nat.pdbx_organelle             ? 
_entity_src_nat.pdbx_cell                  ? 
_entity_src_nat.pdbx_plasmid_name          ? 
_entity_src_nat.pdbx_plasmid_details       ? 
_entity_src_nat.details                    ? 
# 
loop_
_chem_comp.id 
_chem_comp.type 
_chem_comp.mon_nstd_flag 
_chem_comp.name 
_chem_comp.pdbx_synonyms 
_chem_comp.formula 
_chem_comp.formula_weight 
ALA 'L-peptide linking' y ALANINE         ?                                              'C3 H7 N O2'     89.093  
ARG 'L-peptide linking' y ARGININE        ?                                              'C6 H15 N4 O2 1' 175.209 
ASN 'L-peptide linking' y ASPARAGINE      ?                                              'C4 H8 N2 O3'    132.118 
ASP 'L-peptide linking' y 'ASPARTIC ACID' ?                                              'C4 H7 N O4'     133.103 
CYS 'L-peptide linking' y CYSTEINE        ?                                              'C3 H7 N O2 S'   121.158 
GLN 'L-peptide linking' y GLUTAMINE       ?                                              'C5 H10 N2 O3'   146.144 
GLU 'L-peptide linking' y 'GLUTAMIC ACID' ?                                              'C5 H9 N O4'     147.129 
GLY 'peptide linking'   y GLYCINE         ?                                              'C2 H5 N O2'     75.067  
HIS 'L-peptide linking' y HISTIDINE       ?                                              'C6 H10 N3 O2 1' 156.162 
HOH non-polymer         . WATER           ?                                              'H2 O'           18.015  
ILE 'L-peptide linking' y ISOLEUCINE      ?                                              'C6 H13 N O2'    131.173 
LEU 'L-peptide linking' y LEUCINE         ?                                              'C6 H13 N O2'    131.173 
LYS 'L-peptide linking' y LYSINE          ?                                              'C6 H15 N2 O2 1' 147.195 
MET 'L-peptide linking' y METHIONINE      ?                                              'C5 H11 N O2 S'  149.211 
PHE 'L-peptide linking' y PHENYLALANINE   ?                                              'C9 H11 N O2'    165.189 
PRO 'L-peptide linking' y PROLINE         ?                                              'C5 H9 N O2'     115.130 
SER 'L-peptide linking' y SERINE          ?                                              'C3 H7 N O3'     105.093 
SO4 non-polymer         . 'SULFATE ION'   ?                                              'O4 S -2'        96.063  
SPD non-polymer         . SPERMIDINE      'N-(2-AMINO-PROPYL)-1,4-DIAMINOBUTANE; PA(34)' 'C7 H19 N3'      145.246 
THR 'L-peptide linking' y THREONINE       ?                                              'C4 H9 N O3'     119.119 
TRP 'L-peptide linking' y TRYPTOPHAN      ?                                              'C11 H12 N2 O2'  204.225 
TYR 'L-peptide linking' y TYROSINE        ?                                              'C9 H11 N O3'    181.189 
VAL 'L-peptide linking' y VALINE          ?                                              'C5 H11 N O2'    117.146 
# 
loop_
_pdbx_poly_seq_scheme.asym_id 
_pdbx_poly_seq_scheme.entity_id 
_pdbx_poly_seq_scheme.seq_id 
_pdbx_poly_seq_scheme.mon_id 
_pdbx_poly_seq_scheme.ndb_seq_num 
_pdbx_poly_seq_scheme.pdb_seq_num 
_pdbx_poly_seq_scheme.auth_seq_num 
_pdbx_poly_seq_scheme.pdb_mon_id 
_pdbx_poly_seq_scheme.auth_mon_id 
_pdbx_poly_seq_scheme.pdb_strand_id 
_pdbx_poly_seq_scheme.pdb_ins_code 
_pdbx_poly_seq_scheme.hetero 
A 1 1   SER 1   1   1   SER SER A . n 
A 1 2   LEU 2   2   2   LEU LEU A . n 
A 1 3   LEU 3   3   3   LEU LEU A . n 
A 1 4   GLU 4   4   4   GLU GLU A . n 
A 1 5   PHE 5   5   5   PHE PHE A . n 
A 1 6   GLY 6   6   6   GLY GLY A . n 
A 1 7   LYS 7   7   7   LYS LYS A . n 
A 1 8   MET 8   8   8   MET MET A . n 
A 1 9   ILE 9   9   9   ILE ILE A . n 
A 1 10  LEU 10  10  10  LEU LEU A . n 
A 1 11  GLU 11  11  11  GLU GLU A . n 
A 1 12  GLU 12  12  12  GLU GLU A . n 
A 1 13  THR 13  13  13  THR THR A . n 
A 1 14  GLY 14  14  14  GLY GLY A . n 
A 1 15  LYS 15  16  16  LYS LYS A . n 
A 1 16  LEU 16  17  17  LEU LEU A . n 
A 1 17  ALA 17  18  18  ALA ALA A . n 
A 1 18  ILE 18  19  19  ILE ILE A . n 
A 1 19  PRO 19  20  20  PRO PRO A . n 
A 1 20  SER 20  21  21  SER SER A . n 
A 1 21  TYR 21  22  22  TYR TYR A . n 
A 1 22  SER 22  23  23  SER SER A . n 
A 1 23  SER 23  24  24  SER SER A . n 
A 1 24  TYR 24  25  25  TYR TYR A . n 
A 1 25  GLY 25  26  26  GLY GLY A . n 
A 1 26  CYS 26  27  27  CYS CYS A . n 
A 1 27  TYR 27  28  28  TYR TYR A . n 
A 1 28  CYS 28  29  29  CYS CYS A . n 
A 1 29  GLY 29  30  30  GLY GLY A . n 
A 1 30  TRP 30  31  31  TRP TRP A . n 
A 1 31  GLY 31  32  32  GLY GLY A . n 
A 1 32  GLY 32  33  33  GLY GLY A . n 
A 1 33  LYS 33  34  34  LYS LYS A . n 
A 1 34  GLY 34  35  35  GLY GLY A . n 
A 1 35  THR 35  36  36  THR THR A . n 
A 1 36  PRO 36  37  37  PRO PRO A . n 
A 1 37  LYS 37  38  38  LYS LYS A . n 
A 1 38  ASP 38  39  39  ASP ASP A . n 
A 1 39  ALA 39  40  40  ALA ALA A . n 
A 1 40  THR 40  41  41  THR THR A . n 
A 1 41  ASP 41  42  42  ASP ASP A . n 
A 1 42  ARG 42  43  43  ARG ARG A . n 
A 1 43  CYS 43  44  44  CYS CYS A . n 
A 1 44  CYS 44  45  45  CYS CYS A . n 
A 1 45  PHE 45  46  46  PHE PHE A . n 
A 1 46  VAL 46  47  47  VAL VAL A . n 
A 1 47  HIS 47  48  48  HIS HIS A . n 
A 1 48  ASP 48  49  49  ASP ASP A . n 
A 1 49  CYS 49  50  50  CYS CYS A . n 
A 1 50  CYS 50  51  51  CYS CYS A . n 
A 1 51  TYR 51  52  52  TYR TYR A . n 
A 1 52  GLY 52  53  53  GLY GLY A . n 
A 1 53  ASN 53  54  54  ASN ASN A . n 
A 1 54  LEU 54  55  55  LEU LEU A . n 
A 1 55  PRO 55  56  56  PRO PRO A . n 
A 1 56  ASP 56  59  59  ASP ASP A . n 
A 1 57  CYS 57  61  61  CYS CYS A . n 
A 1 58  ASN 58  67  67  ASN ASN A . n 
A 1 59  PRO 59  68  68  PRO PRO A . n 
A 1 60  LYS 60  69  69  LYS LYS A . n 
A 1 61  SER 61  70  70  SER SER A . n 
A 1 62  ASP 62  71  71  ASP ASP A . n 
A 1 63  ARG 63  72  72  ARG ARG A . n 
A 1 64  TYR 64  73  73  TYR TYR A . n 
A 1 65  LYS 65  74  74  LYS LYS A . n 
A 1 66  TYR 66  75  75  TYR TYR A . n 
A 1 67  LYS 67  76  76  LYS LYS A . n 
A 1 68  ARG 68  77  77  ARG ARG A . n 
A 1 69  VAL 69  78  78  VAL VAL A . n 
A 1 70  ASN 70  79  79  ASN ASN A . n 
A 1 71  GLY 71  80  80  GLY GLY A . n 
A 1 72  ALA 72  81  81  ALA ALA A . n 
A 1 73  ILE 73  82  82  ILE ILE A . n 
A 1 74  VAL 74  83  83  VAL VAL A . n 
A 1 75  CYS 75  84  84  CYS CYS A . n 
A 1 76  GLU 76  85  85  GLU GLU A . n 
A 1 77  LYS 77  86  86  LYS LYS A . n 
A 1 78  GLY 78  88  88  GLY GLY A . n 
A 1 79  THR 79  89  89  THR THR A . n 
A 1 80  SER 80  90  90  SER SER A . n 
A 1 81  CYS 81  91  91  CYS CYS A . n 
A 1 82  GLU 82  92  92  GLU GLU A . n 
A 1 83  ASN 83  93  93  ASN ASN A . n 
A 1 84  ARG 84  94  94  ARG ARG A . n 
A 1 85  ILE 85  95  95  ILE ILE A . n 
A 1 86  CYS 86  96  96  CYS CYS A . n 
A 1 87  GLU 87  97  97  GLU GLU A . n 
A 1 88  CYS 88  98  98  CYS CYS A . n 
A 1 89  ASP 89  99  99  ASP ASP A . n 
A 1 90  LYS 90  100 100 LYS LYS A . n 
A 1 91  ALA 91  101 101 ALA ALA A . n 
A 1 92  ALA 92  102 102 ALA ALA A . n 
A 1 93  ALA 93  103 103 ALA ALA A . n 
A 1 94  ILE 94  104 104 ILE ILE A . n 
A 1 95  CYS 95  105 105 CYS CYS A . n 
A 1 96  PHE 96  106 106 PHE PHE A . n 
A 1 97  ARG 97  107 107 ARG ARG A . n 
A 1 98  GLN 98  108 108 GLN GLN A . n 
A 1 99  ASN 99  109 109 ASN ASN A . n 
A 1 100 LEU 100 110 110 LEU LEU A . n 
A 1 101 ASN 101 111 111 ASN ASN A . n 
A 1 102 THR 102 112 112 THR THR A . n 
A 1 103 TYR 103 113 113 TYR TYR A . n 
A 1 104 SER 104 114 114 SER SER A . n 
A 1 105 LYS 105 115 115 LYS LYS A . n 
A 1 106 LYS 106 116 116 LYS LYS A . n 
A 1 107 TYR 107 117 117 TYR TYR A . n 
A 1 108 MET 108 118 118 MET MET A . n 
A 1 109 LEU 109 119 119 LEU LEU A . n 
A 1 110 TYR 110 120 120 TYR TYR A . n 
A 1 111 PRO 111 121 121 PRO PRO A . n 
A 1 112 ASP 112 122 122 ASP ASP A . n 
A 1 113 PHE 113 124 124 PHE PHE A . n 
A 1 114 LEU 114 125 125 LEU LEU A . n 
A 1 115 CYS 115 126 126 CYS CYS A . n 
A 1 116 LYS 116 127 127 LYS LYS A . n 
A 1 117 GLY 117 128 128 GLY GLY A . n 
A 1 118 GLU 118 129 129 GLU GLU A . n 
A 1 119 LEU 119 130 130 LEU LEU A . n 
A 1 120 LYS 120 131 131 LYS LYS A . n 
A 1 121 CYS 121 133 133 CYS CYS A . n 
# 
loop_
_pdbx_nonpoly_scheme.asym_id 
_pdbx_nonpoly_scheme.entity_id 
_pdbx_nonpoly_scheme.mon_id 
_pdbx_nonpoly_scheme.ndb_seq_num 
_pdbx_nonpoly_scheme.pdb_seq_num 
_pdbx_nonpoly_scheme.auth_seq_num 
_pdbx_nonpoly_scheme.pdb_mon_id 
_pdbx_nonpoly_scheme.auth_mon_id 
_pdbx_nonpoly_scheme.pdb_strand_id 
_pdbx_nonpoly_scheme.pdb_ins_code 
B 2 SPD 1   201 1   SPD SPD A . 
C 3 SO4 1   202 1   SO4 SO4 A . 
D 4 HOH 1   301 1   HOH HOH A . 
D 4 HOH 2   302 2   HOH HOH A . 
D 4 HOH 3   303 3   HOH HOH A . 
D 4 HOH 4   304 4   HOH HOH A . 
D 4 HOH 5   305 5   HOH HOH A . 
D 4 HOH 6   306 6   HOH HOH A . 
D 4 HOH 7   307 7   HOH HOH A . 
D 4 HOH 8   308 8   HOH HOH A . 
D 4 HOH 9   309 9   HOH HOH A . 
D 4 HOH 10  310 10  HOH HOH A . 
D 4 HOH 11  311 11  HOH HOH A . 
D 4 HOH 12  312 12  HOH HOH A . 
D 4 HOH 13  313 13  HOH HOH A . 
D 4 HOH 14  314 14  HOH HOH A . 
D 4 HOH 15  315 15  HOH HOH A . 
D 4 HOH 16  316 16  HOH HOH A . 
D 4 HOH 17  317 17  HOH HOH A . 
D 4 HOH 18  318 18  HOH HOH A . 
D 4 HOH 19  319 19  HOH HOH A . 
D 4 HOH 20  320 20  HOH HOH A . 
D 4 HOH 21  321 21  HOH HOH A . 
D 4 HOH 22  322 22  HOH HOH A . 
D 4 HOH 23  323 23  HOH HOH A . 
D 4 HOH 24  324 24  HOH HOH A . 
D 4 HOH 25  325 25  HOH HOH A . 
D 4 HOH 26  326 26  HOH HOH A . 
D 4 HOH 27  327 27  HOH HOH A . 
D 4 HOH 28  328 28  HOH HOH A . 
D 4 HOH 29  329 29  HOH HOH A . 
D 4 HOH 30  330 30  HOH HOH A . 
D 4 HOH 31  331 31  HOH HOH A . 
D 4 HOH 32  332 32  HOH HOH A . 
D 4 HOH 33  333 33  HOH HOH A . 
D 4 HOH 34  334 34  HOH HOH A . 
D 4 HOH 35  335 35  HOH HOH A . 
D 4 HOH 36  336 36  HOH HOH A . 
D 4 HOH 37  337 37  HOH HOH A . 
D 4 HOH 38  338 38  HOH HOH A . 
D 4 HOH 39  339 39  HOH HOH A . 
D 4 HOH 40  340 40  HOH HOH A . 
D 4 HOH 41  341 41  HOH HOH A . 
D 4 HOH 42  342 42  HOH HOH A . 
D 4 HOH 43  343 43  HOH HOH A . 
D 4 HOH 44  344 44  HOH HOH A . 
D 4 HOH 45  345 45  HOH HOH A . 
D 4 HOH 46  346 46  HOH HOH A . 
D 4 HOH 47  347 47  HOH HOH A . 
D 4 HOH 48  348 48  HOH HOH A . 
D 4 HOH 49  349 49  HOH HOH A . 
D 4 HOH 50  350 51  HOH HOH A . 
D 4 HOH 51  351 52  HOH HOH A . 
D 4 HOH 52  352 53  HOH HOH A . 
D 4 HOH 53  353 54  HOH HOH A . 
D 4 HOH 54  354 55  HOH HOH A . 
D 4 HOH 55  355 56  HOH HOH A . 
D 4 HOH 56  356 57  HOH HOH A . 
D 4 HOH 57  357 58  HOH HOH A . 
D 4 HOH 58  358 59  HOH HOH A . 
D 4 HOH 59  359 60  HOH HOH A . 
D 4 HOH 60  360 61  HOH HOH A . 
D 4 HOH 61  361 62  HOH HOH A . 
D 4 HOH 62  362 63  HOH HOH A . 
D 4 HOH 63  363 64  HOH HOH A . 
D 4 HOH 64  364 65  HOH HOH A . 
D 4 HOH 65  365 66  HOH HOH A . 
D 4 HOH 66  366 67  HOH HOH A . 
D 4 HOH 67  367 68  HOH HOH A . 
D 4 HOH 68  368 69  HOH HOH A . 
D 4 HOH 69  369 70  HOH HOH A . 
D 4 HOH 70  370 71  HOH HOH A . 
D 4 HOH 71  371 72  HOH HOH A . 
D 4 HOH 72  372 73  HOH HOH A . 
D 4 HOH 73  373 74  HOH HOH A . 
D 4 HOH 74  374 75  HOH HOH A . 
D 4 HOH 75  375 76  HOH HOH A . 
D 4 HOH 76  376 77  HOH HOH A . 
D 4 HOH 77  377 78  HOH HOH A . 
D 4 HOH 78  378 79  HOH HOH A . 
D 4 HOH 79  379 80  HOH HOH A . 
D 4 HOH 80  380 81  HOH HOH A . 
D 4 HOH 81  381 82  HOH HOH A . 
D 4 HOH 82  382 83  HOH HOH A . 
D 4 HOH 83  383 84  HOH HOH A . 
D 4 HOH 84  384 85  HOH HOH A . 
D 4 HOH 85  385 86  HOH HOH A . 
D 4 HOH 86  386 87  HOH HOH A . 
D 4 HOH 87  387 88  HOH HOH A . 
D 4 HOH 88  388 90  HOH HOH A . 
D 4 HOH 89  389 91  HOH HOH A . 
D 4 HOH 90  390 92  HOH HOH A . 
D 4 HOH 91  391 93  HOH HOH A . 
D 4 HOH 92  392 94  HOH HOH A . 
D 4 HOH 93  393 95  HOH HOH A . 
D 4 HOH 94  394 96  HOH HOH A . 
D 4 HOH 95  395 97  HOH HOH A . 
D 4 HOH 96  396 98  HOH HOH A . 
D 4 HOH 97  397 99  HOH HOH A . 
D 4 HOH 98  398 100 HOH HOH A . 
D 4 HOH 99  399 101 HOH HOH A . 
D 4 HOH 100 400 102 HOH HOH A . 
D 4 HOH 101 401 104 HOH HOH A . 
D 4 HOH 102 402 105 HOH HOH A . 
D 4 HOH 103 403 106 HOH HOH A . 
D 4 HOH 104 404 107 HOH HOH A . 
D 4 HOH 105 405 108 HOH HOH A . 
D 4 HOH 106 406 109 HOH HOH A . 
D 4 HOH 107 407 110 HOH HOH A . 
D 4 HOH 108 408 111 HOH HOH A . 
D 4 HOH 109 409 112 HOH HOH A . 
D 4 HOH 110 410 113 HOH HOH A . 
D 4 HOH 111 411 114 HOH HOH A . 
D 4 HOH 112 412 115 HOH HOH A . 
D 4 HOH 113 413 116 HOH HOH A . 
D 4 HOH 114 414 117 HOH HOH A . 
D 4 HOH 115 415 118 HOH HOH A . 
D 4 HOH 116 416 119 HOH HOH A . 
D 4 HOH 117 417 120 HOH HOH A . 
D 4 HOH 118 418 122 HOH HOH A . 
D 4 HOH 119 419 123 HOH HOH A . 
D 4 HOH 120 420 124 HOH HOH A . 
D 4 HOH 121 421 126 HOH HOH A . 
D 4 HOH 122 422 127 HOH HOH A . 
D 4 HOH 123 423 128 HOH HOH A . 
D 4 HOH 124 424 129 HOH HOH A . 
D 4 HOH 125 425 131 HOH HOH A . 
D 4 HOH 126 426 132 HOH HOH A . 
D 4 HOH 127 427 133 HOH HOH A . 
D 4 HOH 128 428 134 HOH HOH A . 
D 4 HOH 129 429 135 HOH HOH A . 
D 4 HOH 130 430 136 HOH HOH A . 
D 4 HOH 131 431 137 HOH HOH A . 
D 4 HOH 132 432 138 HOH HOH A . 
D 4 HOH 133 433 139 HOH HOH A . 
D 4 HOH 134 434 140 HOH HOH A . 
D 4 HOH 135 435 141 HOH HOH A . 
D 4 HOH 136 436 142 HOH HOH A . 
D 4 HOH 137 437 143 HOH HOH A . 
D 4 HOH 138 438 144 HOH HOH A . 
D 4 HOH 139 439 145 HOH HOH A . 
D 4 HOH 140 440 146 HOH HOH A . 
D 4 HOH 141 441 147 HOH HOH A . 
D 4 HOH 142 442 148 HOH HOH A . 
D 4 HOH 143 443 149 HOH HOH A . 
D 4 HOH 144 444 150 HOH HOH A . 
D 4 HOH 145 445 151 HOH HOH A . 
D 4 HOH 146 446 152 HOH HOH A . 
D 4 HOH 147 447 153 HOH HOH A . 
D 4 HOH 148 448 154 HOH HOH A . 
D 4 HOH 149 449 155 HOH HOH A . 
D 4 HOH 150 450 156 HOH HOH A . 
D 4 HOH 151 451 157 HOH HOH A . 
D 4 HOH 152 452 158 HOH HOH A . 
# 
loop_
_software.name 
_software.classification 
_software.version 
_software.citation_id 
_software.pdbx_ordinal 
HKL-2000  'data collection' .        ? 1 
AMoRE     phasing           .        ? 2 
REFMAC    refinement        5.6.0117 ? 3 
HKL-2000  'data reduction'  .        ? 4 
SCALEPACK 'data scaling'    .        ? 5 
# 
_cell.entry_id           4QF8 
_cell.length_a           51.555 
_cell.length_b           51.555 
_cell.length_c           47.417 
_cell.angle_alpha        90.00 
_cell.angle_beta         90.00 
_cell.angle_gamma        90.00 
_cell.Z_PDB              4 
_cell.pdbx_unique_axis   ? 
_cell.length_a_esd       ? 
_cell.length_b_esd       ? 
_cell.length_c_esd       ? 
_cell.angle_alpha_esd    ? 
_cell.angle_beta_esd     ? 
_cell.angle_gamma_esd    ? 
# 
_symmetry.entry_id                         4QF8 
_symmetry.space_group_name_H-M             'P 43' 
_symmetry.pdbx_full_space_group_name_H-M   ? 
_symmetry.cell_setting                     ? 
_symmetry.Int_Tables_number                78 
_symmetry.space_group_name_Hall            ? 
# 
_exptl.entry_id          4QF8 
_exptl.method            'X-RAY DIFFRACTION' 
_exptl.crystals_number   1 
# 
_exptl_crystal.id                    1 
_exptl_crystal.density_meas          ? 
_exptl_crystal.density_Matthews      2.31 
_exptl_crystal.density_percent_sol   46.79 
_exptl_crystal.description           ? 
_exptl_crystal.F_000                 ? 
_exptl_crystal.preparation           ? 
# 
_exptl_crystal_grow.crystal_id      1 
_exptl_crystal_grow.method          'VAPOR DIFFUSION, HANGING DROP' 
_exptl_crystal_grow.temp            298 
_exptl_crystal_grow.temp_details    ? 
_exptl_crystal_grow.pH              6.5 
_exptl_crystal_grow.pdbx_details    'Ammonium sulphate, PEG 4000, pH 6.5, VAPOR DIFFUSION, HANGING DROP, temperature 298K' 
_exptl_crystal_grow.pdbx_pH_range   . 
# 
_diffrn.id                     1 
_diffrn.ambient_temp           77 
_diffrn.ambient_temp_details   ? 
_diffrn.crystal_id             1 
# 
_diffrn_detector.diffrn_id              1 
_diffrn_detector.detector               CCD 
_diffrn_detector.type                   MARRESEARCH 
_diffrn_detector.pdbx_collection_date   2014-02-26 
_diffrn_detector.details                mirror 
# 
_diffrn_radiation.diffrn_id                        1 
_diffrn_radiation.wavelength_id                    1 
_diffrn_radiation.pdbx_monochromatic_or_laue_m_l   M 
_diffrn_radiation.monochromator                    Graphite 
_diffrn_radiation.pdbx_diffrn_protocol             'SINGLE WAVELENGTH' 
_diffrn_radiation.pdbx_scattering_type             x-ray 
# 
_diffrn_radiation_wavelength.id           1 
_diffrn_radiation_wavelength.wavelength   0.97 
_diffrn_radiation_wavelength.wt           1.0 
# 
_diffrn_source.diffrn_id                   1 
_diffrn_source.source                      SYNCHROTRON 
_diffrn_source.type                        'ESRF BEAMLINE BM14' 
_diffrn_source.pdbx_synchrotron_site       ESRF 
_diffrn_source.pdbx_synchrotron_beamline   BM14 
_diffrn_source.pdbx_wavelength             ? 
_diffrn_source.pdbx_wavelength_list        0.97 
# 
_reflns.entry_id                     4QF8 
_reflns.observed_criterion_sigma_I   0.0 
_reflns.observed_criterion_sigma_F   0.0 
_reflns.d_resolution_low             50.0 
_reflns.d_resolution_high            1.65 
_reflns.number_obs                   14473 
_reflns.number_all                   ? 
_reflns.percent_possible_obs         96.7 
_reflns.pdbx_Rmerge_I_obs            0.087 
_reflns.pdbx_Rsym_value              ? 
_reflns.pdbx_netI_over_sigmaI        19.8 
_reflns.B_iso_Wilson_estimate        ? 
_reflns.pdbx_redundancy              ? 
_reflns.R_free_details               ? 
_reflns.limit_h_max                  ? 
_reflns.limit_h_min                  ? 
_reflns.limit_k_max                  ? 
_reflns.limit_k_min                  ? 
_reflns.limit_l_max                  ? 
_reflns.limit_l_min                  ? 
_reflns.observed_criterion_F_max     ? 
_reflns.observed_criterion_F_min     ? 
_reflns.pdbx_chi_squared             ? 
_reflns.pdbx_scaling_rejects         ? 
_reflns.pdbx_ordinal                 1 
_reflns.pdbx_diffrn_id               1 
# 
_reflns_shell.d_res_high                  1.65 
_reflns_shell.d_res_low                   1.68 
_reflns_shell.percent_possible_all        95.6 
_reflns_shell.Rmerge_I_obs                0.463 
_reflns_shell.pdbx_Rsym_value             ? 
_reflns_shell.meanI_over_sigI_obs         2.0 
_reflns_shell.pdbx_redundancy             ? 
_reflns_shell.percent_possible_obs        ? 
_reflns_shell.number_unique_all           ? 
_reflns_shell.number_measured_all         ? 
_reflns_shell.number_measured_obs         ? 
_reflns_shell.number_unique_obs           ? 
_reflns_shell.pdbx_chi_squared            ? 
_reflns_shell.pdbx_rejects                ? 
_reflns_shell.pdbx_netI_over_sigmaI_obs   ? 
_reflns_shell.number_possible             ? 
_reflns_shell.Rmerge_F_all                ? 
_reflns_shell.Rmerge_F_obs                ? 
_reflns_shell.Rmerge_I_all                ? 
_reflns_shell.meanI_over_sigI_all         ? 
_reflns_shell.pdbx_Rrim_I_all             ? 
_reflns_shell.pdbx_Rpim_I_all             ? 
_reflns_shell.pdbx_ordinal                1 
_reflns_shell.pdbx_diffrn_id              1 
# 
_refine.entry_id                                 4QF8 
_refine.ls_number_reflns_obs                     13728 
_refine.ls_number_reflns_all                     14473 
_refine.pdbx_ls_sigma_I                          0.0 
_refine.pdbx_ls_sigma_F                          0.0 
_refine.pdbx_data_cutoff_high_absF               ? 
_refine.pdbx_data_cutoff_low_absF                ? 
_refine.pdbx_data_cutoff_high_rms_absF           ? 
_refine.ls_d_res_low                             25.78 
_refine.ls_d_res_high                            1.65 
_refine.ls_percent_reflns_obs                    96.43 
_refine.ls_R_factor_obs                          0.19002 
_refine.ls_R_factor_all                          0.19002 
_refine.ls_R_factor_R_work                       0.18764 
_refine.ls_R_factor_R_free                       0.23728 
_refine.ls_R_factor_R_free_error                 ? 
_refine.ls_R_factor_R_free_error_details         ? 
_refine.ls_percent_reflns_R_free                 5.1 
_refine.ls_number_reflns_R_free                  734 
_refine.ls_number_parameters                     ? 
_refine.ls_number_restraints                     ? 
_refine.occupancy_min                            ? 
_refine.occupancy_max                            ? 
_refine.correlation_coeff_Fo_to_Fc               0.966 
_refine.correlation_coeff_Fo_to_Fc_free          0.945 
_refine.B_iso_mean                               32.582 
_refine.aniso_B[1][1]                            0.27 
_refine.aniso_B[2][2]                            0.27 
_refine.aniso_B[3][3]                            -0.53 
_refine.aniso_B[1][2]                            0.00 
_refine.aniso_B[1][3]                            0.00 
_refine.aniso_B[2][3]                            0.00 
_refine.solvent_model_details                    MASK 
_refine.solvent_model_param_ksol                 ? 
_refine.solvent_model_param_bsol                 ? 
_refine.pdbx_solvent_vdw_probe_radii             1.20 
_refine.pdbx_solvent_ion_probe_radii             0.80 
_refine.pdbx_solvent_shrinkage_radii             0.80 
_refine.pdbx_ls_cross_valid_method               THROUGHOUT 
_refine.details                                  'HYDROGENS HAVE BEEN USED IF PRESENT IN THE INPUT' 
_refine.pdbx_starting_model                      1FB2 
_refine.pdbx_method_to_determine_struct          'MOLECULAR REPLACEMENT' 
_refine.pdbx_isotropic_thermal_model             ? 
_refine.pdbx_stereochemistry_target_values       'MAXIMUM LIKELIHOOD' 
_refine.pdbx_stereochem_target_val_spec_case     ? 
_refine.pdbx_R_Free_selection_details            RANDOM 
_refine.pdbx_overall_ESU_R                       0.111 
_refine.pdbx_overall_ESU_R_Free                  0.115 
_refine.overall_SU_ML                            0.086 
_refine.pdbx_overall_phase_error                 ? 
_refine.overall_SU_B                             2.470 
_refine.overall_SU_R_Cruickshank_DPI             ? 
_refine.ls_redundancy_reflns_obs                 ? 
_refine.B_iso_min                                ? 
_refine.B_iso_max                                ? 
_refine.overall_SU_R_free                        ? 
_refine.ls_wR_factor_R_free                      ? 
_refine.ls_wR_factor_R_work                      ? 
_refine.overall_FOM_free_R_set                   ? 
_refine.overall_FOM_work_R_set                   ? 
_refine.pdbx_diffrn_id                           1 
_refine.pdbx_refine_id                           'X-RAY DIFFRACTION' 
_refine.pdbx_TLS_residual_ADP_flag               ? 
_refine.pdbx_overall_SU_R_free_Cruickshank_DPI   ? 
_refine.pdbx_overall_SU_R_Blow_DPI               ? 
_refine.pdbx_overall_SU_R_free_Blow_DPI          ? 
# 
_refine_hist.pdbx_refine_id                   'X-RAY DIFFRACTION' 
_refine_hist.cycle_id                         LAST 
_refine_hist.pdbx_number_atoms_protein        944 
_refine_hist.pdbx_number_atoms_nucleic_acid   0 
_refine_hist.pdbx_number_atoms_ligand         15 
_refine_hist.number_atoms_solvent             152 
_refine_hist.number_atoms_total               1111 
_refine_hist.d_res_high                       1.65 
_refine_hist.d_res_low                        25.78 
# 
loop_
_refine_ls_restr.type 
_refine_ls_restr.dev_ideal 
_refine_ls_restr.dev_ideal_target 
_refine_ls_restr.weight 
_refine_ls_restr.number 
_refine_ls_restr.pdbx_restraint_function 
_refine_ls_restr.pdbx_refine_id 
r_bond_refined_d       0.020  0.020  ? 977  ? 'X-RAY DIFFRACTION' 
r_angle_refined_deg    1.781  1.993  ? 1301 ? 'X-RAY DIFFRACTION' 
r_dihedral_angle_1_deg 6.072  5.000  ? 113  ? 'X-RAY DIFFRACTION' 
r_dihedral_angle_2_deg 38.505 23.902 ? 41   ? 'X-RAY DIFFRACTION' 
r_dihedral_angle_3_deg 14.957 15.000 ? 174  ? 'X-RAY DIFFRACTION' 
r_dihedral_angle_4_deg 8.000  15.000 ? 5    ? 'X-RAY DIFFRACTION' 
r_chiral_restr         0.144  0.200  ? 133  ? 'X-RAY DIFFRACTION' 
r_gen_planes_refined   0.011  0.021  ? 701  ? 'X-RAY DIFFRACTION' 
# 
_refine_ls_shell.pdbx_refine_id                   'X-RAY DIFFRACTION' 
_refine_ls_shell.pdbx_total_number_of_bins_used   20 
_refine_ls_shell.d_res_high                       1.654 
_refine_ls_shell.d_res_low                        1.68 
_refine_ls_shell.number_reflns_R_work             941 
_refine_ls_shell.R_factor_R_work                  0.238 
_refine_ls_shell.percent_reflns_obs               89.76 
_refine_ls_shell.R_factor_R_free                  0.293 
_refine_ls_shell.R_factor_R_free_error            ? 
_refine_ls_shell.percent_reflns_R_free            ? 
_refine_ls_shell.number_reflns_R_free             49 
_refine_ls_shell.number_reflns_all                ? 
_refine_ls_shell.R_factor_all                     ? 
_refine_ls_shell.number_reflns_obs                ? 
_refine_ls_shell.redundancy_reflns_obs            ? 
# 
_struct.entry_id                  4QF8 
_struct.title                     'Crystal Structure of the Complex of Phospholipase A2 with Spermidine at 1.65 A Resolution' 
_struct.pdbx_model_details        ? 
_struct.pdbx_CASP_flag            ? 
_struct.pdbx_model_type_details   ? 
# 
_struct_keywords.entry_id        4QF8 
_struct_keywords.pdbx_keywords   'HYDROLASE/HYDROLASE INHIBITOR' 
_struct_keywords.text            'HYDROLASE-HYDROLASE INHIBITOR complex' 
# 
loop_
_struct_asym.id 
_struct_asym.pdbx_blank_PDB_chainid_flag 
_struct_asym.pdbx_modified 
_struct_asym.entity_id 
_struct_asym.details 
A N N 1 ? 
B N N 2 ? 
C N N 3 ? 
D N N 4 ? 
# 
_struct_ref.id                         1 
_struct_ref.db_name                    UNP 
_struct_ref.db_code                    D0VX11_9SAUR 
_struct_ref.pdbx_db_accession          D0VX11 
_struct_ref.entity_id                  1 
_struct_ref.pdbx_seq_one_letter_code   
;SLLEFGKMILEETGKLAIPSYSSYGCYCGWGGKGTPKDATDRCCFVHDCCYGNLPDCNPKSDRYKYKRVNGAIVCEKGTS
CENRICECDKAAAICFRQNLNTYSKKYMLYPDFLCKGELKC
;
_struct_ref.pdbx_align_begin           1 
_struct_ref.pdbx_db_isoform            ? 
# 
_struct_ref_seq.align_id                      1 
_struct_ref_seq.ref_id                        1 
_struct_ref_seq.pdbx_PDB_id_code              4QF8 
_struct_ref_seq.pdbx_strand_id                A 
_struct_ref_seq.seq_align_beg                 1 
_struct_ref_seq.pdbx_seq_align_beg_ins_code   ? 
_struct_ref_seq.seq_align_end                 121 
_struct_ref_seq.pdbx_seq_align_end_ins_code   ? 
_struct_ref_seq.pdbx_db_accession             D0VX11 
_struct_ref_seq.db_align_beg                  1 
_struct_ref_seq.pdbx_db_align_beg_ins_code    ? 
_struct_ref_seq.db_align_end                  121 
_struct_ref_seq.pdbx_db_align_end_ins_code    ? 
_struct_ref_seq.pdbx_auth_seq_align_beg       1 
_struct_ref_seq.pdbx_auth_seq_align_end       133 
# 
_pdbx_struct_assembly.id                   1 
_pdbx_struct_assembly.details              author_and_software_defined_assembly 
_pdbx_struct_assembly.method_details       PISA 
_pdbx_struct_assembly.oligomeric_details   monomeric 
_pdbx_struct_assembly.oligomeric_count     1 
# 
_pdbx_struct_assembly_gen.assembly_id       1 
_pdbx_struct_assembly_gen.oper_expression   1 
_pdbx_struct_assembly_gen.asym_id_list      A,B,C,D 
# 
_pdbx_struct_oper_list.id                   1 
_pdbx_struct_oper_list.type                 'identity operation' 
_pdbx_struct_oper_list.name                 1_555 
_pdbx_struct_oper_list.symmetry_operation   x,y,z 
_pdbx_struct_oper_list.matrix[1][1]         1.0000000000 
_pdbx_struct_oper_list.matrix[1][2]         0.0000000000 
_pdbx_struct_oper_list.matrix[1][3]         0.0000000000 
_pdbx_struct_oper_list.vector[1]            0.0000000000 
_pdbx_struct_oper_list.matrix[2][1]         0.0000000000 
_pdbx_struct_oper_list.matrix[2][2]         1.0000000000 
_pdbx_struct_oper_list.matrix[2][3]         0.0000000000 
_pdbx_struct_oper_list.vector[2]            0.0000000000 
_pdbx_struct_oper_list.matrix[3][1]         0.0000000000 
_pdbx_struct_oper_list.matrix[3][2]         0.0000000000 
_pdbx_struct_oper_list.matrix[3][3]         1.0000000000 
_pdbx_struct_oper_list.vector[3]            0.0000000000 
# 
_struct_biol.id        1 
_struct_biol.details   ? 
# 
loop_
_struct_conf.conf_type_id 
_struct_conf.id 
_struct_conf.pdbx_PDB_helix_id 
_struct_conf.beg_label_comp_id 
_struct_conf.beg_label_asym_id 
_struct_conf.beg_label_seq_id 
_struct_conf.pdbx_beg_PDB_ins_code 
_struct_conf.end_label_comp_id 
_struct_conf.end_label_asym_id 
_struct_conf.end_label_seq_id 
_struct_conf.pdbx_end_PDB_ins_code 
_struct_conf.beg_auth_comp_id 
_struct_conf.beg_auth_asym_id 
_struct_conf.beg_auth_seq_id 
_struct_conf.end_auth_comp_id 
_struct_conf.end_auth_asym_id 
_struct_conf.end_auth_seq_id 
_struct_conf.pdbx_PDB_helix_class 
_struct_conf.details 
_struct_conf.pdbx_PDB_helix_length 
HELX_P HELX_P1 1 SER A 1   ? GLY A 14  ? SER A 1   GLY A 14  1 ? 14 
HELX_P HELX_P2 2 LEU A 16  ? TYR A 21  ? LEU A 17  TYR A 22  1 ? 6  
HELX_P HELX_P3 3 ASP A 38  ? ASN A 53  ? ASP A 39  ASN A 54  1 ? 16 
HELX_P HELX_P4 4 THR A 79  ? ASN A 99  ? THR A 89  ASN A 109 1 ? 21 
HELX_P HELX_P5 5 LEU A 100 ? TYR A 103 ? LEU A 110 TYR A 113 5 ? 4  
HELX_P HELX_P6 6 SER A 104 ? MET A 108 ? SER A 114 MET A 118 5 ? 5  
HELX_P HELX_P7 7 PRO A 111 ? CYS A 115 ? PRO A 121 CYS A 126 5 ? 5  
# 
_struct_conf_type.id          HELX_P 
_struct_conf_type.criteria    ? 
_struct_conf_type.reference   ? 
# 
loop_
_struct_conn.id 
_struct_conn.conn_type_id 
_struct_conn.pdbx_leaving_atom_flag 
_struct_conn.pdbx_PDB_id 
_struct_conn.ptnr1_label_asym_id 
_struct_conn.ptnr1_label_comp_id 
_struct_conn.ptnr1_label_seq_id 
_struct_conn.ptnr1_label_atom_id 
_struct_conn.pdbx_ptnr1_label_alt_id 
_struct_conn.pdbx_ptnr1_PDB_ins_code 
_struct_conn.pdbx_ptnr1_standard_comp_id 
_struct_conn.ptnr1_symmetry 
_struct_conn.ptnr2_label_asym_id 
_struct_conn.ptnr2_label_comp_id 
_struct_conn.ptnr2_label_seq_id 
_struct_conn.ptnr2_label_atom_id 
_struct_conn.pdbx_ptnr2_label_alt_id 
_struct_conn.pdbx_ptnr2_PDB_ins_code 
_struct_conn.ptnr1_auth_asym_id 
_struct_conn.ptnr1_auth_comp_id 
_struct_conn.ptnr1_auth_seq_id 
_struct_conn.ptnr2_auth_asym_id 
_struct_conn.ptnr2_auth_comp_id 
_struct_conn.ptnr2_auth_seq_id 
_struct_conn.ptnr2_symmetry 
_struct_conn.pdbx_ptnr3_label_atom_id 
_struct_conn.pdbx_ptnr3_label_seq_id 
_struct_conn.pdbx_ptnr3_label_comp_id 
_struct_conn.pdbx_ptnr3_label_asym_id 
_struct_conn.pdbx_ptnr3_label_alt_id 
_struct_conn.pdbx_ptnr3_PDB_ins_code 
_struct_conn.details 
_struct_conn.pdbx_dist_value 
_struct_conn.pdbx_value_order 
_struct_conn.pdbx_role 
disulf1 disulf ? ? A CYS 26 SG ? ? ? 1_555 A CYS 115 SG ? ? A CYS 27 A CYS 126 1_555 ? ? ? ? ? ? ? 2.074 ? ? 
disulf2 disulf ? ? A CYS 28 SG ? ? ? 1_555 A CYS 44  SG ? ? A CYS 29 A CYS 45  1_555 ? ? ? ? ? ? ? 2.025 ? ? 
disulf3 disulf ? ? A CYS 43 SG ? ? ? 1_555 A CYS 95  SG ? ? A CYS 44 A CYS 105 1_555 ? ? ? ? ? ? ? 2.032 ? ? 
disulf4 disulf ? ? A CYS 49 SG ? ? ? 1_555 A CYS 121 SG ? ? A CYS 50 A CYS 133 1_555 ? ? ? ? ? ? ? 2.057 ? ? 
disulf5 disulf ? ? A CYS 50 SG ? ? ? 1_555 A CYS 88  SG ? ? A CYS 51 A CYS 98  1_555 ? ? ? ? ? ? ? 2.012 ? ? 
disulf6 disulf ? ? A CYS 57 SG ? ? ? 1_555 A CYS 81  SG ? ? A CYS 61 A CYS 91  1_555 ? ? ? ? ? ? ? 2.082 ? ? 
disulf7 disulf ? ? A CYS 75 SG ? ? ? 1_555 A CYS 86  SG ? ? A CYS 84 A CYS 96  1_555 ? ? ? ? ? ? ? 2.027 ? ? 
# 
_struct_conn_type.id          disulf 
_struct_conn_type.criteria    ? 
_struct_conn_type.reference   ? 
# 
loop_
_pdbx_modification_feature.ordinal 
_pdbx_modification_feature.label_comp_id 
_pdbx_modification_feature.label_asym_id 
_pdbx_modification_feature.label_seq_id 
_pdbx_modification_feature.label_alt_id 
_pdbx_modification_feature.modified_residue_label_comp_id 
_pdbx_modification_feature.modified_residue_label_asym_id 
_pdbx_modification_feature.modified_residue_label_seq_id 
_pdbx_modification_feature.modified_residue_label_alt_id 
_pdbx_modification_feature.auth_comp_id 
_pdbx_modification_feature.auth_asym_id 
_pdbx_modification_feature.auth_seq_id 
_pdbx_modification_feature.PDB_ins_code 
_pdbx_modification_feature.symmetry 
_pdbx_modification_feature.modified_residue_auth_comp_id 
_pdbx_modification_feature.modified_residue_auth_asym_id 
_pdbx_modification_feature.modified_residue_auth_seq_id 
_pdbx_modification_feature.modified_residue_PDB_ins_code 
_pdbx_modification_feature.modified_residue_symmetry 
_pdbx_modification_feature.comp_id_linking_atom 
_pdbx_modification_feature.modified_residue_id_linking_atom 
_pdbx_modification_feature.modified_residue_id 
_pdbx_modification_feature.ref_pcm_id 
_pdbx_modification_feature.ref_comp_id 
_pdbx_modification_feature.type 
_pdbx_modification_feature.category 
1 CYS A 26 ? CYS A 115 ? CYS A 27 ? 1_555 CYS A 126 ? 1_555 SG SG . . . None 'Disulfide bridge' 
2 CYS A 28 ? CYS A 44  ? CYS A 29 ? 1_555 CYS A 45  ? 1_555 SG SG . . . None 'Disulfide bridge' 
3 CYS A 43 ? CYS A 95  ? CYS A 44 ? 1_555 CYS A 105 ? 1_555 SG SG . . . None 'Disulfide bridge' 
4 CYS A 49 ? CYS A 121 ? CYS A 50 ? 1_555 CYS A 133 ? 1_555 SG SG . . . None 'Disulfide bridge' 
5 CYS A 50 ? CYS A 88  ? CYS A 51 ? 1_555 CYS A 98  ? 1_555 SG SG . . . None 'Disulfide bridge' 
6 CYS A 57 ? CYS A 81  ? CYS A 61 ? 1_555 CYS A 91  ? 1_555 SG SG . . . None 'Disulfide bridge' 
7 CYS A 75 ? CYS A 86  ? CYS A 84 ? 1_555 CYS A 96  ? 1_555 SG SG . . . None 'Disulfide bridge' 
# 
_struct_mon_prot_cis.pdbx_id                1 
_struct_mon_prot_cis.label_comp_id          ILE 
_struct_mon_prot_cis.label_seq_id           18 
_struct_mon_prot_cis.label_asym_id          A 
_struct_mon_prot_cis.label_alt_id           . 
_struct_mon_prot_cis.pdbx_PDB_ins_code      ? 
_struct_mon_prot_cis.auth_comp_id           ILE 
_struct_mon_prot_cis.auth_seq_id            19 
_struct_mon_prot_cis.auth_asym_id           A 
_struct_mon_prot_cis.pdbx_label_comp_id_2   PRO 
_struct_mon_prot_cis.pdbx_label_seq_id_2    19 
_struct_mon_prot_cis.pdbx_label_asym_id_2   A 
_struct_mon_prot_cis.pdbx_PDB_ins_code_2    ? 
_struct_mon_prot_cis.pdbx_auth_comp_id_2    PRO 
_struct_mon_prot_cis.pdbx_auth_seq_id_2     20 
_struct_mon_prot_cis.pdbx_auth_asym_id_2    A 
_struct_mon_prot_cis.pdbx_PDB_model_num     1 
_struct_mon_prot_cis.pdbx_omega_angle       14.80 
# 
_struct_sheet.id               A 
_struct_sheet.type             ? 
_struct_sheet.number_strands   2 
_struct_sheet.details          ? 
# 
_struct_sheet_order.sheet_id     A 
_struct_sheet_order.range_id_1   1 
_struct_sheet_order.range_id_2   2 
_struct_sheet_order.offset       ? 
_struct_sheet_order.sense        anti-parallel 
# 
loop_
_struct_sheet_range.sheet_id 
_struct_sheet_range.id 
_struct_sheet_range.beg_label_comp_id 
_struct_sheet_range.beg_label_asym_id 
_struct_sheet_range.beg_label_seq_id 
_struct_sheet_range.pdbx_beg_PDB_ins_code 
_struct_sheet_range.end_label_comp_id 
_struct_sheet_range.end_label_asym_id 
_struct_sheet_range.end_label_seq_id 
_struct_sheet_range.pdbx_end_PDB_ins_code 
_struct_sheet_range.beg_auth_comp_id 
_struct_sheet_range.beg_auth_asym_id 
_struct_sheet_range.beg_auth_seq_id 
_struct_sheet_range.end_auth_comp_id 
_struct_sheet_range.end_auth_asym_id 
_struct_sheet_range.end_auth_seq_id 
A 1 TYR A 66 ? VAL A 69 ? TYR A 75 VAL A 78 
A 2 ALA A 72 ? CYS A 75 ? ALA A 81 CYS A 84 
# 
_pdbx_struct_sheet_hbond.sheet_id                A 
_pdbx_struct_sheet_hbond.range_id_1              1 
_pdbx_struct_sheet_hbond.range_id_2              2 
_pdbx_struct_sheet_hbond.range_1_label_atom_id   N 
_pdbx_struct_sheet_hbond.range_1_label_comp_id   LYS 
_pdbx_struct_sheet_hbond.range_1_label_asym_id   A 
_pdbx_struct_sheet_hbond.range_1_label_seq_id    67 
_pdbx_struct_sheet_hbond.range_1_PDB_ins_code    ? 
_pdbx_struct_sheet_hbond.range_1_auth_atom_id    N 
_pdbx_struct_sheet_hbond.range_1_auth_comp_id    LYS 
_pdbx_struct_sheet_hbond.range_1_auth_asym_id    A 
_pdbx_struct_sheet_hbond.range_1_auth_seq_id     76 
_pdbx_struct_sheet_hbond.range_2_label_atom_id   O 
_pdbx_struct_sheet_hbond.range_2_label_comp_id   VAL 
_pdbx_struct_sheet_hbond.range_2_label_asym_id   A 
_pdbx_struct_sheet_hbond.range_2_label_seq_id    74 
_pdbx_struct_sheet_hbond.range_2_PDB_ins_code    ? 
_pdbx_struct_sheet_hbond.range_2_auth_atom_id    O 
_pdbx_struct_sheet_hbond.range_2_auth_comp_id    VAL 
_pdbx_struct_sheet_hbond.range_2_auth_asym_id    A 
_pdbx_struct_sheet_hbond.range_2_auth_seq_id     83 
# 
loop_
_struct_site.id 
_struct_site.pdbx_evidence_code 
_struct_site.pdbx_auth_asym_id 
_struct_site.pdbx_auth_comp_id 
_struct_site.pdbx_auth_seq_id 
_struct_site.pdbx_auth_ins_code 
_struct_site.pdbx_num_residues 
_struct_site.details 
AC1 Software A SPD 201 ? 9 'BINDING SITE FOR RESIDUE SPD A 201' 
AC2 Software A SO4 202 ? 6 'BINDING SITE FOR RESIDUE SO4 A 202' 
# 
loop_
_struct_site_gen.id 
_struct_site_gen.site_id 
_struct_site_gen.pdbx_num_res 
_struct_site_gen.label_comp_id 
_struct_site_gen.label_asym_id 
_struct_site_gen.label_seq_id 
_struct_site_gen.pdbx_auth_ins_code 
_struct_site_gen.auth_comp_id 
_struct_site_gen.auth_asym_id 
_struct_site_gen.auth_seq_id 
_struct_site_gen.label_atom_id 
_struct_site_gen.label_alt_id 
_struct_site_gen.symmetry 
_struct_site_gen.details 
1  AC1 9 LEU A 2  ? LEU A 2   . ? 1_555 ? 
2  AC1 9 ALA A 17 ? ALA A 18  . ? 1_555 ? 
3  AC1 9 TYR A 21 ? TYR A 22  . ? 1_555 ? 
4  AC1 9 TYR A 27 ? TYR A 28  . ? 1_555 ? 
5  AC1 9 CYS A 28 ? CYS A 29  . ? 1_555 ? 
6  AC1 9 GLY A 29 ? GLY A 30  . ? 1_555 ? 
7  AC1 9 CYS A 44 ? CYS A 45  . ? 1_555 ? 
8  AC1 9 HIS A 47 ? HIS A 48  . ? 1_555 ? 
9  AC1 9 ASP A 48 ? ASP A 49  . ? 1_555 ? 
10 AC2 6 SER A 1  ? SER A 1   . ? 1_555 ? 
11 AC2 6 LEU A 3  ? LEU A 3   . ? 1_555 ? 
12 AC2 6 ARG A 63 ? ARG A 72  . ? 1_555 ? 
13 AC2 6 HOH D .  ? HOH A 432 . ? 1_555 ? 
14 AC2 6 HOH D .  ? HOH A 442 . ? 1_555 ? 
15 AC2 6 HOH D .  ? HOH A 443 . ? 1_555 ? 
# 
_pdbx_entry_details.entry_id                   4QF8 
_pdbx_entry_details.compound_details           ? 
_pdbx_entry_details.source_details             ? 
_pdbx_entry_details.nonpolymer_details         ? 
_pdbx_entry_details.sequence_details           ? 
_pdbx_entry_details.has_ligand_of_interest     ? 
_pdbx_entry_details.has_protein_modification   Y 
# 
_pdbx_validate_rmsd_angle.id                         1 
_pdbx_validate_rmsd_angle.PDB_model_num              1 
_pdbx_validate_rmsd_angle.auth_atom_id_1             NE 
_pdbx_validate_rmsd_angle.auth_asym_id_1             A 
_pdbx_validate_rmsd_angle.auth_comp_id_1             ARG 
_pdbx_validate_rmsd_angle.auth_seq_id_1              43 
_pdbx_validate_rmsd_angle.PDB_ins_code_1             ? 
_pdbx_validate_rmsd_angle.label_alt_id_1             ? 
_pdbx_validate_rmsd_angle.auth_atom_id_2             CZ 
_pdbx_validate_rmsd_angle.auth_asym_id_2             A 
_pdbx_validate_rmsd_angle.auth_comp_id_2             ARG 
_pdbx_validate_rmsd_angle.auth_seq_id_2              43 
_pdbx_validate_rmsd_angle.PDB_ins_code_2             ? 
_pdbx_validate_rmsd_angle.label_alt_id_2             ? 
_pdbx_validate_rmsd_angle.auth_atom_id_3             NH1 
_pdbx_validate_rmsd_angle.auth_asym_id_3             A 
_pdbx_validate_rmsd_angle.auth_comp_id_3             ARG 
_pdbx_validate_rmsd_angle.auth_seq_id_3              43 
_pdbx_validate_rmsd_angle.PDB_ins_code_3             ? 
_pdbx_validate_rmsd_angle.label_alt_id_3             ? 
_pdbx_validate_rmsd_angle.angle_value                123.46 
_pdbx_validate_rmsd_angle.angle_target_value         120.30 
_pdbx_validate_rmsd_angle.angle_deviation            3.16 
_pdbx_validate_rmsd_angle.angle_standard_deviation   0.50 
_pdbx_validate_rmsd_angle.linker_flag                N 
# 
loop_
_chem_comp_atom.comp_id 
_chem_comp_atom.atom_id 
_chem_comp_atom.type_symbol 
_chem_comp_atom.pdbx_aromatic_flag 
_chem_comp_atom.pdbx_stereo_config 
_chem_comp_atom.pdbx_ordinal 
ALA N    N N N 1   
ALA CA   C N S 2   
ALA C    C N N 3   
ALA O    O N N 4   
ALA CB   C N N 5   
ALA OXT  O N N 6   
ALA H    H N N 7   
ALA H2   H N N 8   
ALA HA   H N N 9   
ALA HB1  H N N 10  
ALA HB2  H N N 11  
ALA HB3  H N N 12  
ALA HXT  H N N 13  
ARG N    N N N 14  
ARG CA   C N S 15  
ARG C    C N N 16  
ARG O    O N N 17  
ARG CB   C N N 18  
ARG CG   C N N 19  
ARG CD   C N N 20  
ARG NE   N N N 21  
ARG CZ   C N N 22  
ARG NH1  N N N 23  
ARG NH2  N N N 24  
ARG OXT  O N N 25  
ARG H    H N N 26  
ARG H2   H N N 27  
ARG HA   H N N 28  
ARG HB2  H N N 29  
ARG HB3  H N N 30  
ARG HG2  H N N 31  
ARG HG3  H N N 32  
ARG HD2  H N N 33  
ARG HD3  H N N 34  
ARG HE   H N N 35  
ARG HH11 H N N 36  
ARG HH12 H N N 37  
ARG HH21 H N N 38  
ARG HH22 H N N 39  
ARG HXT  H N N 40  
ASN N    N N N 41  
ASN CA   C N S 42  
ASN C    C N N 43  
ASN O    O N N 44  
ASN CB   C N N 45  
ASN CG   C N N 46  
ASN OD1  O N N 47  
ASN ND2  N N N 48  
ASN OXT  O N N 49  
ASN H    H N N 50  
ASN H2   H N N 51  
ASN HA   H N N 52  
ASN HB2  H N N 53  
ASN HB3  H N N 54  
ASN HD21 H N N 55  
ASN HD22 H N N 56  
ASN HXT  H N N 57  
ASP N    N N N 58  
ASP CA   C N S 59  
ASP C    C N N 60  
ASP O    O N N 61  
ASP CB   C N N 62  
ASP CG   C N N 63  
ASP OD1  O N N 64  
ASP OD2  O N N 65  
ASP OXT  O N N 66  
ASP H    H N N 67  
ASP H2   H N N 68  
ASP HA   H N N 69  
ASP HB2  H N N 70  
ASP HB3  H N N 71  
ASP HD2  H N N 72  
ASP HXT  H N N 73  
CYS N    N N N 74  
CYS CA   C N R 75  
CYS C    C N N 76  
CYS O    O N N 77  
CYS CB   C N N 78  
CYS SG   S N N 79  
CYS OXT  O N N 80  
CYS H    H N N 81  
CYS H2   H N N 82  
CYS HA   H N N 83  
CYS HB2  H N N 84  
CYS HB3  H N N 85  
CYS HG   H N N 86  
CYS HXT  H N N 87  
GLN N    N N N 88  
GLN CA   C N S 89  
GLN C    C N N 90  
GLN O    O N N 91  
GLN CB   C N N 92  
GLN CG   C N N 93  
GLN CD   C N N 94  
GLN OE1  O N N 95  
GLN NE2  N N N 96  
GLN OXT  O N N 97  
GLN H    H N N 98  
GLN H2   H N N 99  
GLN HA   H N N 100 
GLN HB2  H N N 101 
GLN HB3  H N N 102 
GLN HG2  H N N 103 
GLN HG3  H N N 104 
GLN HE21 H N N 105 
GLN HE22 H N N 106 
GLN HXT  H N N 107 
GLU N    N N N 108 
GLU CA   C N S 109 
GLU C    C N N 110 
GLU O    O N N 111 
GLU CB   C N N 112 
GLU CG   C N N 113 
GLU CD   C N N 114 
GLU OE1  O N N 115 
GLU OE2  O N N 116 
GLU OXT  O N N 117 
GLU H    H N N 118 
GLU H2   H N N 119 
GLU HA   H N N 120 
GLU HB2  H N N 121 
GLU HB3  H N N 122 
GLU HG2  H N N 123 
GLU HG3  H N N 124 
GLU HE2  H N N 125 
GLU HXT  H N N 126 
GLY N    N N N 127 
GLY CA   C N N 128 
GLY C    C N N 129 
GLY O    O N N 130 
GLY OXT  O N N 131 
GLY H    H N N 132 
GLY H2   H N N 133 
GLY HA2  H N N 134 
GLY HA3  H N N 135 
GLY HXT  H N N 136 
HIS N    N N N 137 
HIS CA   C N S 138 
HIS C    C N N 139 
HIS O    O N N 140 
HIS CB   C N N 141 
HIS CG   C Y N 142 
HIS ND1  N Y N 143 
HIS CD2  C Y N 144 
HIS CE1  C Y N 145 
HIS NE2  N Y N 146 
HIS OXT  O N N 147 
HIS H    H N N 148 
HIS H2   H N N 149 
HIS HA   H N N 150 
HIS HB2  H N N 151 
HIS HB3  H N N 152 
HIS HD1  H N N 153 
HIS HD2  H N N 154 
HIS HE1  H N N 155 
HIS HE2  H N N 156 
HIS HXT  H N N 157 
HOH O    O N N 158 
HOH H1   H N N 159 
HOH H2   H N N 160 
ILE N    N N N 161 
ILE CA   C N S 162 
ILE C    C N N 163 
ILE O    O N N 164 
ILE CB   C N S 165 
ILE CG1  C N N 166 
ILE CG2  C N N 167 
ILE CD1  C N N 168 
ILE OXT  O N N 169 
ILE H    H N N 170 
ILE H2   H N N 171 
ILE HA   H N N 172 
ILE HB   H N N 173 
ILE HG12 H N N 174 
ILE HG13 H N N 175 
ILE HG21 H N N 176 
ILE HG22 H N N 177 
ILE HG23 H N N 178 
ILE HD11 H N N 179 
ILE HD12 H N N 180 
ILE HD13 H N N 181 
ILE HXT  H N N 182 
LEU N    N N N 183 
LEU CA   C N S 184 
LEU C    C N N 185 
LEU O    O N N 186 
LEU CB   C N N 187 
LEU CG   C N N 188 
LEU CD1  C N N 189 
LEU CD2  C N N 190 
LEU OXT  O N N 191 
LEU H    H N N 192 
LEU H2   H N N 193 
LEU HA   H N N 194 
LEU HB2  H N N 195 
LEU HB3  H N N 196 
LEU HG   H N N 197 
LEU HD11 H N N 198 
LEU HD12 H N N 199 
LEU HD13 H N N 200 
LEU HD21 H N N 201 
LEU HD22 H N N 202 
LEU HD23 H N N 203 
LEU HXT  H N N 204 
LYS N    N N N 205 
LYS CA   C N S 206 
LYS C    C N N 207 
LYS O    O N N 208 
LYS CB   C N N 209 
LYS CG   C N N 210 
LYS CD   C N N 211 
LYS CE   C N N 212 
LYS NZ   N N N 213 
LYS OXT  O N N 214 
LYS H    H N N 215 
LYS H2   H N N 216 
LYS HA   H N N 217 
LYS HB2  H N N 218 
LYS HB3  H N N 219 
LYS HG2  H N N 220 
LYS HG3  H N N 221 
LYS HD2  H N N 222 
LYS HD3  H N N 223 
LYS HE2  H N N 224 
LYS HE3  H N N 225 
LYS HZ1  H N N 226 
LYS HZ2  H N N 227 
LYS HZ3  H N N 228 
LYS HXT  H N N 229 
MET N    N N N 230 
MET CA   C N S 231 
MET C    C N N 232 
MET O    O N N 233 
MET CB   C N N 234 
MET CG   C N N 235 
MET SD   S N N 236 
MET CE   C N N 237 
MET OXT  O N N 238 
MET H    H N N 239 
MET H2   H N N 240 
MET HA   H N N 241 
MET HB2  H N N 242 
MET HB3  H N N 243 
MET HG2  H N N 244 
MET HG3  H N N 245 
MET HE1  H N N 246 
MET HE2  H N N 247 
MET HE3  H N N 248 
MET HXT  H N N 249 
PHE N    N N N 250 
PHE CA   C N S 251 
PHE C    C N N 252 
PHE O    O N N 253 
PHE CB   C N N 254 
PHE CG   C Y N 255 
PHE CD1  C Y N 256 
PHE CD2  C Y N 257 
PHE CE1  C Y N 258 
PHE CE2  C Y N 259 
PHE CZ   C Y N 260 
PHE OXT  O N N 261 
PHE H    H N N 262 
PHE H2   H N N 263 
PHE HA   H N N 264 
PHE HB2  H N N 265 
PHE HB3  H N N 266 
PHE HD1  H N N 267 
PHE HD2  H N N 268 
PHE HE1  H N N 269 
PHE HE2  H N N 270 
PHE HZ   H N N 271 
PHE HXT  H N N 272 
PRO N    N N N 273 
PRO CA   C N S 274 
PRO C    C N N 275 
PRO O    O N N 276 
PRO CB   C N N 277 
PRO CG   C N N 278 
PRO CD   C N N 279 
PRO OXT  O N N 280 
PRO H    H N N 281 
PRO HA   H N N 282 
PRO HB2  H N N 283 
PRO HB3  H N N 284 
PRO HG2  H N N 285 
PRO HG3  H N N 286 
PRO HD2  H N N 287 
PRO HD3  H N N 288 
PRO HXT  H N N 289 
SER N    N N N 290 
SER CA   C N S 291 
SER C    C N N 292 
SER O    O N N 293 
SER CB   C N N 294 
SER OG   O N N 295 
SER OXT  O N N 296 
SER H    H N N 297 
SER H2   H N N 298 
SER HA   H N N 299 
SER HB2  H N N 300 
SER HB3  H N N 301 
SER HG   H N N 302 
SER HXT  H N N 303 
SO4 S    S N N 304 
SO4 O1   O N N 305 
SO4 O2   O N N 306 
SO4 O3   O N N 307 
SO4 O4   O N N 308 
SPD N1   N N N 309 
SPD C2   C N N 310 
SPD C3   C N N 311 
SPD C4   C N N 312 
SPD C5   C N N 313 
SPD N6   N N N 314 
SPD C7   C N N 315 
SPD C8   C N N 316 
SPD C9   C N N 317 
SPD N10  N N N 318 
SPD HN11 H N N 319 
SPD HN12 H N N 320 
SPD H21  H N N 321 
SPD H22  H N N 322 
SPD H31  H N N 323 
SPD H32  H N N 324 
SPD H41  H N N 325 
SPD H42  H N N 326 
SPD H51  H N N 327 
SPD H52  H N N 328 
SPD HN6  H N N 329 
SPD H71  H N N 330 
SPD H72  H N N 331 
SPD H81  H N N 332 
SPD H82  H N N 333 
SPD H91  H N N 334 
SPD H92  H N N 335 
SPD H101 H N N 336 
SPD H102 H N N 337 
THR N    N N N 338 
THR CA   C N S 339 
THR C    C N N 340 
THR O    O N N 341 
THR CB   C N R 342 
THR OG1  O N N 343 
THR CG2  C N N 344 
THR OXT  O N N 345 
THR H    H N N 346 
THR H2   H N N 347 
THR HA   H N N 348 
THR HB   H N N 349 
THR HG1  H N N 350 
THR HG21 H N N 351 
THR HG22 H N N 352 
THR HG23 H N N 353 
THR HXT  H N N 354 
TRP N    N N N 355 
TRP CA   C N S 356 
TRP C    C N N 357 
TRP O    O N N 358 
TRP CB   C N N 359 
TRP CG   C Y N 360 
TRP CD1  C Y N 361 
TRP CD2  C Y N 362 
TRP NE1  N Y N 363 
TRP CE2  C Y N 364 
TRP CE3  C Y N 365 
TRP CZ2  C Y N 366 
TRP CZ3  C Y N 367 
TRP CH2  C Y N 368 
TRP OXT  O N N 369 
TRP H    H N N 370 
TRP H2   H N N 371 
TRP HA   H N N 372 
TRP HB2  H N N 373 
TRP HB3  H N N 374 
TRP HD1  H N N 375 
TRP HE1  H N N 376 
TRP HE3  H N N 377 
TRP HZ2  H N N 378 
TRP HZ3  H N N 379 
TRP HH2  H N N 380 
TRP HXT  H N N 381 
TYR N    N N N 382 
TYR CA   C N S 383 
TYR C    C N N 384 
TYR O    O N N 385 
TYR CB   C N N 386 
TYR CG   C Y N 387 
TYR CD1  C Y N 388 
TYR CD2  C Y N 389 
TYR CE1  C Y N 390 
TYR CE2  C Y N 391 
TYR CZ   C Y N 392 
TYR OH   O N N 393 
TYR OXT  O N N 394 
TYR H    H N N 395 
TYR H2   H N N 396 
TYR HA   H N N 397 
TYR HB2  H N N 398 
TYR HB3  H N N 399 
TYR HD1  H N N 400 
TYR HD2  H N N 401 
TYR HE1  H N N 402 
TYR HE2  H N N 403 
TYR HH   H N N 404 
TYR HXT  H N N 405 
VAL N    N N N 406 
VAL CA   C N S 407 
VAL C    C N N 408 
VAL O    O N N 409 
VAL CB   C N N 410 
VAL CG1  C N N 411 
VAL CG2  C N N 412 
VAL OXT  O N N 413 
VAL H    H N N 414 
VAL H2   H N N 415 
VAL HA   H N N 416 
VAL HB   H N N 417 
VAL HG11 H N N 418 
VAL HG12 H N N 419 
VAL HG13 H N N 420 
VAL HG21 H N N 421 
VAL HG22 H N N 422 
VAL HG23 H N N 423 
VAL HXT  H N N 424 
# 
loop_
_chem_comp_bond.comp_id 
_chem_comp_bond.atom_id_1 
_chem_comp_bond.atom_id_2 
_chem_comp_bond.value_order 
_chem_comp_bond.pdbx_aromatic_flag 
_chem_comp_bond.pdbx_stereo_config 
_chem_comp_bond.pdbx_ordinal 
ALA N   CA   sing N N 1   
ALA N   H    sing N N 2   
ALA N   H2   sing N N 3   
ALA CA  C    sing N N 4   
ALA CA  CB   sing N N 5   
ALA CA  HA   sing N N 6   
ALA C   O    doub N N 7   
ALA C   OXT  sing N N 8   
ALA CB  HB1  sing N N 9   
ALA CB  HB2  sing N N 10  
ALA CB  HB3  sing N N 11  
ALA OXT HXT  sing N N 12  
ARG N   CA   sing N N 13  
ARG N   H    sing N N 14  
ARG N   H2   sing N N 15  
ARG CA  C    sing N N 16  
ARG CA  CB   sing N N 17  
ARG CA  HA   sing N N 18  
ARG C   O    doub N N 19  
ARG C   OXT  sing N N 20  
ARG CB  CG   sing N N 21  
ARG CB  HB2  sing N N 22  
ARG CB  HB3  sing N N 23  
ARG CG  CD   sing N N 24  
ARG CG  HG2  sing N N 25  
ARG CG  HG3  sing N N 26  
ARG CD  NE   sing N N 27  
ARG CD  HD2  sing N N 28  
ARG CD  HD3  sing N N 29  
ARG NE  CZ   sing N N 30  
ARG NE  HE   sing N N 31  
ARG CZ  NH1  sing N N 32  
ARG CZ  NH2  doub N N 33  
ARG NH1 HH11 sing N N 34  
ARG NH1 HH12 sing N N 35  
ARG NH2 HH21 sing N N 36  
ARG NH2 HH22 sing N N 37  
ARG OXT HXT  sing N N 38  
ASN N   CA   sing N N 39  
ASN N   H    sing N N 40  
ASN N   H2   sing N N 41  
ASN CA  C    sing N N 42  
ASN CA  CB   sing N N 43  
ASN CA  HA   sing N N 44  
ASN C   O    doub N N 45  
ASN C   OXT  sing N N 46  
ASN CB  CG   sing N N 47  
ASN CB  HB2  sing N N 48  
ASN CB  HB3  sing N N 49  
ASN CG  OD1  doub N N 50  
ASN CG  ND2  sing N N 51  
ASN ND2 HD21 sing N N 52  
ASN ND2 HD22 sing N N 53  
ASN OXT HXT  sing N N 54  
ASP N   CA   sing N N 55  
ASP N   H    sing N N 56  
ASP N   H2   sing N N 57  
ASP CA  C    sing N N 58  
ASP CA  CB   sing N N 59  
ASP CA  HA   sing N N 60  
ASP C   O    doub N N 61  
ASP C   OXT  sing N N 62  
ASP CB  CG   sing N N 63  
ASP CB  HB2  sing N N 64  
ASP CB  HB3  sing N N 65  
ASP CG  OD1  doub N N 66  
ASP CG  OD2  sing N N 67  
ASP OD2 HD2  sing N N 68  
ASP OXT HXT  sing N N 69  
CYS N   CA   sing N N 70  
CYS N   H    sing N N 71  
CYS N   H2   sing N N 72  
CYS CA  C    sing N N 73  
CYS CA  CB   sing N N 74  
CYS CA  HA   sing N N 75  
CYS C   O    doub N N 76  
CYS C   OXT  sing N N 77  
CYS CB  SG   sing N N 78  
CYS CB  HB2  sing N N 79  
CYS CB  HB3  sing N N 80  
CYS SG  HG   sing N N 81  
CYS OXT HXT  sing N N 82  
GLN N   CA   sing N N 83  
GLN N   H    sing N N 84  
GLN N   H2   sing N N 85  
GLN CA  C    sing N N 86  
GLN CA  CB   sing N N 87  
GLN CA  HA   sing N N 88  
GLN C   O    doub N N 89  
GLN C   OXT  sing N N 90  
GLN CB  CG   sing N N 91  
GLN CB  HB2  sing N N 92  
GLN CB  HB3  sing N N 93  
GLN CG  CD   sing N N 94  
GLN CG  HG2  sing N N 95  
GLN CG  HG3  sing N N 96  
GLN CD  OE1  doub N N 97  
GLN CD  NE2  sing N N 98  
GLN NE2 HE21 sing N N 99  
GLN NE2 HE22 sing N N 100 
GLN OXT HXT  sing N N 101 
GLU N   CA   sing N N 102 
GLU N   H    sing N N 103 
GLU N   H2   sing N N 104 
GLU CA  C    sing N N 105 
GLU CA  CB   sing N N 106 
GLU CA  HA   sing N N 107 
GLU C   O    doub N N 108 
GLU C   OXT  sing N N 109 
GLU CB  CG   sing N N 110 
GLU CB  HB2  sing N N 111 
GLU CB  HB3  sing N N 112 
GLU CG  CD   sing N N 113 
GLU CG  HG2  sing N N 114 
GLU CG  HG3  sing N N 115 
GLU CD  OE1  doub N N 116 
GLU CD  OE2  sing N N 117 
GLU OE2 HE2  sing N N 118 
GLU OXT HXT  sing N N 119 
GLY N   CA   sing N N 120 
GLY N   H    sing N N 121 
GLY N   H2   sing N N 122 
GLY CA  C    sing N N 123 
GLY CA  HA2  sing N N 124 
GLY CA  HA3  sing N N 125 
GLY C   O    doub N N 126 
GLY C   OXT  sing N N 127 
GLY OXT HXT  sing N N 128 
HIS N   CA   sing N N 129 
HIS N   H    sing N N 130 
HIS N   H2   sing N N 131 
HIS CA  C    sing N N 132 
HIS CA  CB   sing N N 133 
HIS CA  HA   sing N N 134 
HIS C   O    doub N N 135 
HIS C   OXT  sing N N 136 
HIS CB  CG   sing N N 137 
HIS CB  HB2  sing N N 138 
HIS CB  HB3  sing N N 139 
HIS CG  ND1  sing Y N 140 
HIS CG  CD2  doub Y N 141 
HIS ND1 CE1  doub Y N 142 
HIS ND1 HD1  sing N N 143 
HIS CD2 NE2  sing Y N 144 
HIS CD2 HD2  sing N N 145 
HIS CE1 NE2  sing Y N 146 
HIS CE1 HE1  sing N N 147 
HIS NE2 HE2  sing N N 148 
HIS OXT HXT  sing N N 149 
HOH O   H1   sing N N 150 
HOH O   H2   sing N N 151 
ILE N   CA   sing N N 152 
ILE N   H    sing N N 153 
ILE N   H2   sing N N 154 
ILE CA  C    sing N N 155 
ILE CA  CB   sing N N 156 
ILE CA  HA   sing N N 157 
ILE C   O    doub N N 158 
ILE C   OXT  sing N N 159 
ILE CB  CG1  sing N N 160 
ILE CB  CG2  sing N N 161 
ILE CB  HB   sing N N 162 
ILE CG1 CD1  sing N N 163 
ILE CG1 HG12 sing N N 164 
ILE CG1 HG13 sing N N 165 
ILE CG2 HG21 sing N N 166 
ILE CG2 HG22 sing N N 167 
ILE CG2 HG23 sing N N 168 
ILE CD1 HD11 sing N N 169 
ILE CD1 HD12 sing N N 170 
ILE CD1 HD13 sing N N 171 
ILE OXT HXT  sing N N 172 
LEU N   CA   sing N N 173 
LEU N   H    sing N N 174 
LEU N   H2   sing N N 175 
LEU CA  C    sing N N 176 
LEU CA  CB   sing N N 177 
LEU CA  HA   sing N N 178 
LEU C   O    doub N N 179 
LEU C   OXT  sing N N 180 
LEU CB  CG   sing N N 181 
LEU CB  HB2  sing N N 182 
LEU CB  HB3  sing N N 183 
LEU CG  CD1  sing N N 184 
LEU CG  CD2  sing N N 185 
LEU CG  HG   sing N N 186 
LEU CD1 HD11 sing N N 187 
LEU CD1 HD12 sing N N 188 
LEU CD1 HD13 sing N N 189 
LEU CD2 HD21 sing N N 190 
LEU CD2 HD22 sing N N 191 
LEU CD2 HD23 sing N N 192 
LEU OXT HXT  sing N N 193 
LYS N   CA   sing N N 194 
LYS N   H    sing N N 195 
LYS N   H2   sing N N 196 
LYS CA  C    sing N N 197 
LYS CA  CB   sing N N 198 
LYS CA  HA   sing N N 199 
LYS C   O    doub N N 200 
LYS C   OXT  sing N N 201 
LYS CB  CG   sing N N 202 
LYS CB  HB2  sing N N 203 
LYS CB  HB3  sing N N 204 
LYS CG  CD   sing N N 205 
LYS CG  HG2  sing N N 206 
LYS CG  HG3  sing N N 207 
LYS CD  CE   sing N N 208 
LYS CD  HD2  sing N N 209 
LYS CD  HD3  sing N N 210 
LYS CE  NZ   sing N N 211 
LYS CE  HE2  sing N N 212 
LYS CE  HE3  sing N N 213 
LYS NZ  HZ1  sing N N 214 
LYS NZ  HZ2  sing N N 215 
LYS NZ  HZ3  sing N N 216 
LYS OXT HXT  sing N N 217 
MET N   CA   sing N N 218 
MET N   H    sing N N 219 
MET N   H2   sing N N 220 
MET CA  C    sing N N 221 
MET CA  CB   sing N N 222 
MET CA  HA   sing N N 223 
MET C   O    doub N N 224 
MET C   OXT  sing N N 225 
MET CB  CG   sing N N 226 
MET CB  HB2  sing N N 227 
MET CB  HB3  sing N N 228 
MET CG  SD   sing N N 229 
MET CG  HG2  sing N N 230 
MET CG  HG3  sing N N 231 
MET SD  CE   sing N N 232 
MET CE  HE1  sing N N 233 
MET CE  HE2  sing N N 234 
MET CE  HE3  sing N N 235 
MET OXT HXT  sing N N 236 
PHE N   CA   sing N N 237 
PHE N   H    sing N N 238 
PHE N   H2   sing N N 239 
PHE CA  C    sing N N 240 
PHE CA  CB   sing N N 241 
PHE CA  HA   sing N N 242 
PHE C   O    doub N N 243 
PHE C   OXT  sing N N 244 
PHE CB  CG   sing N N 245 
PHE CB  HB2  sing N N 246 
PHE CB  HB3  sing N N 247 
PHE CG  CD1  doub Y N 248 
PHE CG  CD2  sing Y N 249 
PHE CD1 CE1  sing Y N 250 
PHE CD1 HD1  sing N N 251 
PHE CD2 CE2  doub Y N 252 
PHE CD2 HD2  sing N N 253 
PHE CE1 CZ   doub Y N 254 
PHE CE1 HE1  sing N N 255 
PHE CE2 CZ   sing Y N 256 
PHE CE2 HE2  sing N N 257 
PHE CZ  HZ   sing N N 258 
PHE OXT HXT  sing N N 259 
PRO N   CA   sing N N 260 
PRO N   CD   sing N N 261 
PRO N   H    sing N N 262 
PRO CA  C    sing N N 263 
PRO CA  CB   sing N N 264 
PRO CA  HA   sing N N 265 
PRO C   O    doub N N 266 
PRO C   OXT  sing N N 267 
PRO CB  CG   sing N N 268 
PRO CB  HB2  sing N N 269 
PRO CB  HB3  sing N N 270 
PRO CG  CD   sing N N 271 
PRO CG  HG2  sing N N 272 
PRO CG  HG3  sing N N 273 
PRO CD  HD2  sing N N 274 
PRO CD  HD3  sing N N 275 
PRO OXT HXT  sing N N 276 
SER N   CA   sing N N 277 
SER N   H    sing N N 278 
SER N   H2   sing N N 279 
SER CA  C    sing N N 280 
SER CA  CB   sing N N 281 
SER CA  HA   sing N N 282 
SER C   O    doub N N 283 
SER C   OXT  sing N N 284 
SER CB  OG   sing N N 285 
SER CB  HB2  sing N N 286 
SER CB  HB3  sing N N 287 
SER OG  HG   sing N N 288 
SER OXT HXT  sing N N 289 
SO4 S   O1   doub N N 290 
SO4 S   O2   doub N N 291 
SO4 S   O3   sing N N 292 
SO4 S   O4   sing N N 293 
SPD N1  C2   sing N N 294 
SPD N1  HN11 sing N N 295 
SPD N1  HN12 sing N N 296 
SPD C2  C3   sing N N 297 
SPD C2  H21  sing N N 298 
SPD C2  H22  sing N N 299 
SPD C3  C4   sing N N 300 
SPD C3  H31  sing N N 301 
SPD C3  H32  sing N N 302 
SPD C4  C5   sing N N 303 
SPD C4  H41  sing N N 304 
SPD C4  H42  sing N N 305 
SPD C5  N6   sing N N 306 
SPD C5  H51  sing N N 307 
SPD C5  H52  sing N N 308 
SPD N6  C7   sing N N 309 
SPD N6  HN6  sing N N 310 
SPD C7  C8   sing N N 311 
SPD C7  H71  sing N N 312 
SPD C7  H72  sing N N 313 
SPD C8  C9   sing N N 314 
SPD C8  H81  sing N N 315 
SPD C8  H82  sing N N 316 
SPD C9  N10  sing N N 317 
SPD C9  H91  sing N N 318 
SPD C9  H92  sing N N 319 
SPD N10 H101 sing N N 320 
SPD N10 H102 sing N N 321 
THR N   CA   sing N N 322 
THR N   H    sing N N 323 
THR N   H2   sing N N 324 
THR CA  C    sing N N 325 
THR CA  CB   sing N N 326 
THR CA  HA   sing N N 327 
THR C   O    doub N N 328 
THR C   OXT  sing N N 329 
THR CB  OG1  sing N N 330 
THR CB  CG2  sing N N 331 
THR CB  HB   sing N N 332 
THR OG1 HG1  sing N N 333 
THR CG2 HG21 sing N N 334 
THR CG2 HG22 sing N N 335 
THR CG2 HG23 sing N N 336 
THR OXT HXT  sing N N 337 
TRP N   CA   sing N N 338 
TRP N   H    sing N N 339 
TRP N   H2   sing N N 340 
TRP CA  C    sing N N 341 
TRP CA  CB   sing N N 342 
TRP CA  HA   sing N N 343 
TRP C   O    doub N N 344 
TRP C   OXT  sing N N 345 
TRP CB  CG   sing N N 346 
TRP CB  HB2  sing N N 347 
TRP CB  HB3  sing N N 348 
TRP CG  CD1  doub Y N 349 
TRP CG  CD2  sing Y N 350 
TRP CD1 NE1  sing Y N 351 
TRP CD1 HD1  sing N N 352 
TRP CD2 CE2  doub Y N 353 
TRP CD2 CE3  sing Y N 354 
TRP NE1 CE2  sing Y N 355 
TRP NE1 HE1  sing N N 356 
TRP CE2 CZ2  sing Y N 357 
TRP CE3 CZ3  doub Y N 358 
TRP CE3 HE3  sing N N 359 
TRP CZ2 CH2  doub Y N 360 
TRP CZ2 HZ2  sing N N 361 
TRP CZ3 CH2  sing Y N 362 
TRP CZ3 HZ3  sing N N 363 
TRP CH2 HH2  sing N N 364 
TRP OXT HXT  sing N N 365 
TYR N   CA   sing N N 366 
TYR N   H    sing N N 367 
TYR N   H2   sing N N 368 
TYR CA  C    sing N N 369 
TYR CA  CB   sing N N 370 
TYR CA  HA   sing N N 371 
TYR C   O    doub N N 372 
TYR C   OXT  sing N N 373 
TYR CB  CG   sing N N 374 
TYR CB  HB2  sing N N 375 
TYR CB  HB3  sing N N 376 
TYR CG  CD1  doub Y N 377 
TYR CG  CD2  sing Y N 378 
TYR CD1 CE1  sing Y N 379 
TYR CD1 HD1  sing N N 380 
TYR CD2 CE2  doub Y N 381 
TYR CD2 HD2  sing N N 382 
TYR CE1 CZ   doub Y N 383 
TYR CE1 HE1  sing N N 384 
TYR CE2 CZ   sing Y N 385 
TYR CE2 HE2  sing N N 386 
TYR CZ  OH   sing N N 387 
TYR OH  HH   sing N N 388 
TYR OXT HXT  sing N N 389 
VAL N   CA   sing N N 390 
VAL N   H    sing N N 391 
VAL N   H2   sing N N 392 
VAL CA  C    sing N N 393 
VAL CA  CB   sing N N 394 
VAL CA  HA   sing N N 395 
VAL C   O    doub N N 396 
VAL C   OXT  sing N N 397 
VAL CB  CG1  sing N N 398 
VAL CB  CG2  sing N N 399 
VAL CB  HB   sing N N 400 
VAL CG1 HG11 sing N N 401 
VAL CG1 HG12 sing N N 402 
VAL CG1 HG13 sing N N 403 
VAL CG2 HG21 sing N N 404 
VAL CG2 HG22 sing N N 405 
VAL CG2 HG23 sing N N 406 
VAL OXT HXT  sing N N 407 
# 
_pdbx_initial_refinement_model.id               1 
_pdbx_initial_refinement_model.entity_id_list   ? 
_pdbx_initial_refinement_model.type             'experimental model' 
_pdbx_initial_refinement_model.source_name      PDB 
_pdbx_initial_refinement_model.accession_code   1FB2 
_pdbx_initial_refinement_model.details          ? 
# 
_atom_sites.entry_id                    4QF8 
_atom_sites.fract_transf_matrix[1][1]   0.01454939 
_atom_sites.fract_transf_matrix[1][2]   0.00591154 
_atom_sites.fract_transf_matrix[1][3]   0.01138475 
_atom_sites.fract_transf_matrix[2][1]   -0.00286925 
_atom_sites.fract_transf_matrix[2][2]   0.01827814 
_atom_sites.fract_transf_matrix[2][3]   -0.00582413 
_atom_sites.fract_transf_matrix[3][1]   -0.01359370 
_atom_sites.fract_transf_matrix[3][2]   0.00291870 
_atom_sites.fract_transf_matrix[3][3]   0.01585681 
_atom_sites.fract_transf_vector[1]      0.342173 
_atom_sites.fract_transf_vector[2]      0.028783 
_atom_sites.fract_transf_vector[3]      -0.005574 
# 
loop_
_atom_type.symbol 
C 
N 
O 
S 
# 
loop_
_atom_site.group_PDB 
_atom_site.id 
_atom_site.type_symbol 
_atom_site.label_atom_id 
_atom_site.label_alt_id 
_atom_site.label_comp_id 
_atom_site.label_asym_id 
_atom_site.label_entity_id 
_atom_site.label_seq_id 
_atom_site.pdbx_PDB_ins_code 
_atom_site.Cartn_x 
_atom_site.Cartn_y 
_atom_site.Cartn_z 
_atom_site.occupancy 
_atom_site.B_iso_or_equiv 
_atom_site.pdbx_formal_charge 
_atom_site.auth_seq_id 
_atom_site.auth_comp_id 
_atom_site.auth_asym_id 
_atom_site.auth_atom_id 
_atom_site.pdbx_PDB_model_num 
ATOM   1    N N   . SER A 1 1   ? -2.955  7.251   -8.534  1.00 23.04 ? 1   SER A N   1 
ATOM   2    C CA  . SER A 1 1   ? -1.562  7.289   -9.043  1.00 25.68 ? 1   SER A CA  1 
ATOM   3    C C   . SER A 1 1   ? -0.547  7.241   -7.902  1.00 29.15 ? 1   SER A C   1 
ATOM   4    O O   . SER A 1 1   ? -0.902  7.300   -6.706  1.00 28.02 ? 1   SER A O   1 
ATOM   5    C CB  . SER A 1 1   ? -1.424  8.590   -9.819  1.00 28.78 ? 1   SER A CB  1 
ATOM   6    O OG  . SER A 1 1   ? -1.440  9.687   -8.900  1.00 30.18 ? 1   SER A OG  1 
ATOM   7    N N   . LEU A 1 2   ? 0.732   7.050   -8.262  1.00 30.01 ? 2   LEU A N   1 
ATOM   8    C CA  . LEU A 1 2   ? 1.766   6.756   -7.266  1.00 34.40 ? 2   LEU A CA  1 
ATOM   9    C C   . LEU A 1 2   ? 1.931   7.894   -6.257  1.00 34.27 ? 2   LEU A C   1 
ATOM   10   O O   . LEU A 1 2   ? 2.025   7.633   -5.018  1.00 33.56 ? 2   LEU A O   1 
ATOM   11   C CB  . LEU A 1 2   ? 3.097   6.381   -7.991  1.00 34.85 ? 2   LEU A CB  1 
ATOM   12   C CG  . LEU A 1 2   ? 4.098   5.612   -7.095  1.00 37.32 ? 2   LEU A CG  1 
ATOM   13   C CD1 . LEU A 1 2   ? 3.881   4.119   -6.950  1.00 43.09 ? 2   LEU A CD1 1 
ATOM   14   C CD2 . LEU A 1 2   ? 5.523   5.812   -7.610  1.00 39.80 ? 2   LEU A CD2 1 
ATOM   15   N N   . LEU A 1 3   ? 1.894   9.127   -6.763  1.00 33.85 ? 3   LEU A N   1 
ATOM   16   C CA  . LEU A 1 3   ? 2.088   10.341  -5.947  1.00 33.91 ? 3   LEU A CA  1 
ATOM   17   C C   . LEU A 1 3   ? 0.877   10.613  -5.096  1.00 33.71 ? 3   LEU A C   1 
ATOM   18   O O   . LEU A 1 3   ? 0.989   11.068  -3.982  1.00 30.91 ? 3   LEU A O   1 
ATOM   19   C CB  . LEU A 1 3   ? 2.396   11.598  -6.802  1.00 38.92 ? 3   LEU A CB  1 
ATOM   20   C CG  . LEU A 1 3   ? 3.829   11.575  -7.350  1.00 38.51 ? 3   LEU A CG  1 
ATOM   21   C CD1 . LEU A 1 3   ? 3.999   12.611  -8.438  1.00 42.31 ? 3   LEU A CD1 1 
ATOM   22   C CD2 . LEU A 1 3   ? 4.794   11.825  -6.202  1.00 38.52 ? 3   LEU A CD2 1 
ATOM   23   N N   . GLU A 1 4   ? -0.298  10.270  -5.621  1.00 29.98 ? 4   GLU A N   1 
ATOM   24   C CA  . GLU A 1 4   ? -1.528  10.425  -4.851  1.00 29.77 ? 4   GLU A CA  1 
ATOM   25   C C   . GLU A 1 4   ? -1.537  9.426   -3.692  1.00 26.59 ? 4   GLU A C   1 
ATOM   26   O O   . GLU A 1 4   ? -1.963  9.767   -2.580  1.00 29.32 ? 4   GLU A O   1 
ATOM   27   C CB  . GLU A 1 4   ? -2.703  9.997   -5.719  1.00 29.57 ? 4   GLU A CB  1 
ATOM   28   C CG  . GLU A 1 4   ? -3.548  11.079  -6.258  1.00 36.11 ? 4   GLU A CG  1 
ATOM   29   C CD  . GLU A 1 4   ? -4.890  10.486  -6.707  1.00 33.32 ? 4   GLU A CD  1 
ATOM   30   O OE1 . GLU A 1 4   ? -5.954  10.858  -6.161  1.00 36.38 ? 4   GLU A OE1 1 
ATOM   31   O OE2 . GLU A 1 4   ? -4.855  9.646   -7.650  1.00 32.58 ? 4   GLU A OE2 1 
ATOM   32   N N   . PHE A 1 5   ? -1.191  8.168   -3.969  1.00 25.43 ? 5   PHE A N   1 
ATOM   33   C CA  . PHE A 1 5   ? -1.120  7.120   -2.965  1.00 20.96 ? 5   PHE A CA  1 
ATOM   34   C C   . PHE A 1 5   ? -0.107  7.576   -1.883  1.00 27.46 ? 5   PHE A C   1 
ATOM   35   O O   . PHE A 1 5   ? -0.359  7.452   -0.664  1.00 27.49 ? 5   PHE A O   1 
ATOM   36   C CB  . PHE A 1 5   ? -0.698  5.790   -3.607  1.00 24.07 ? 5   PHE A CB  1 
ATOM   37   C CG  . PHE A 1 5   ? -0.634  4.629   -2.630  1.00 23.50 ? 5   PHE A CG  1 
ATOM   38   C CD1 . PHE A 1 5   ? -1.524  4.542   -1.548  1.00 22.78 ? 5   PHE A CD1 1 
ATOM   39   C CD2 . PHE A 1 5   ? 0.277   3.637   -2.794  1.00 24.24 ? 5   PHE A CD2 1 
ATOM   40   C CE1 . PHE A 1 5   ? -1.430  3.479   -0.700  1.00 23.18 ? 5   PHE A CE1 1 
ATOM   41   C CE2 . PHE A 1 5   ? 0.398   2.570   -1.935  1.00 25.87 ? 5   PHE A CE2 1 
ATOM   42   C CZ  . PHE A 1 5   ? -0.517  2.490   -0.877  1.00 23.82 ? 5   PHE A CZ  1 
ATOM   43   N N   . GLY A 1 6   ? 0.999   8.142   -2.340  1.00 26.12 ? 6   GLY A N   1 
ATOM   44   C CA  . GLY A 1 6   ? 2.029   8.623   -1.375  1.00 26.79 ? 6   GLY A CA  1 
ATOM   45   C C   . GLY A 1 6   ? 1.485   9.654   -0.420  1.00 26.51 ? 6   GLY A C   1 
ATOM   46   O O   . GLY A 1 6   ? 1.808   9.658   0.782   1.00 30.20 ? 6   GLY A O   1 
ATOM   47   N N   . LYS A 1 7   ? 0.747   10.596  -0.952  1.00 28.04 ? 7   LYS A N   1 
ATOM   48   C CA  . LYS A 1 7   ? 0.175   11.672  -0.171  1.00 30.29 ? 7   LYS A CA  1 
ATOM   49   C C   . LYS A 1 7   ? -0.894  11.149  0.749   1.00 27.73 ? 7   LYS A C   1 
ATOM   50   O O   . LYS A 1 7   ? -1.047  11.574  1.890   1.00 27.06 ? 7   LYS A O   1 
ATOM   51   C CB  . LYS A 1 7   ? -0.305  12.786  -1.110  1.00 30.35 ? 7   LYS A CB  1 
ATOM   52   C CG  . LYS A 1 7   ? -1.208  13.813  -0.454  1.00 36.22 ? 7   LYS A CG  1 
ATOM   53   C CD  . LYS A 1 7   ? -1.415  14.997  -1.381  1.00 35.76 ? 7   LYS A CD  1 
ATOM   54   C CE  . LYS A 1 7   ? -2.762  15.682  -1.200  1.00 43.21 ? 7   LYS A CE  1 
ATOM   55   N NZ  . LYS A 1 7   ? -3.023  16.144  0.206   1.00 48.17 ? 7   LYS A NZ  1 
ATOM   56   N N   . MET A 1 8   ? -1.643  10.144  0.283   1.00 26.56 ? 8   MET A N   1 
ATOM   57   C CA  . MET A 1 8   ? -2.642  9.555   1.147   1.00 25.32 ? 8   MET A CA  1 
ATOM   58   C C   . MET A 1 8   ? -1.983  8.866   2.324   1.00 24.00 ? 8   MET A C   1 
ATOM   59   O O   . MET A 1 8   ? -2.488  8.921   3.443   1.00 25.90 ? 8   MET A O   1 
ATOM   60   C CB  . MET A 1 8   ? -3.387  8.478   0.296   1.00 25.03 ? 8   MET A CB  1 
ATOM   61   C CG  . MET A 1 8   ? -4.475  7.785   1.052   1.00 30.06 ? 8   MET A CG  1 
ATOM   62   S SD  . MET A 1 8   ? -5.367  6.518   0.105   1.00 25.15 ? 8   MET A SD  1 
ATOM   63   C CE  . MET A 1 8   ? -6.278  7.430   -1.027  1.00 26.53 ? 8   MET A CE  1 
ATOM   64   N N   . ILE A 1 9   ? -0.825  8.245   2.083   1.00 25.38 ? 9   ILE A N   1 
ATOM   65   C CA  . ILE A 1 9   ? -0.090  7.506   3.141   1.00 23.87 ? 9   ILE A CA  1 
ATOM   66   C C   . ILE A 1 9   ? 0.440   8.491   4.163   1.00 25.21 ? 9   ILE A C   1 
ATOM   67   O O   . ILE A 1 9   ? 0.266   8.262   5.374   1.00 25.99 ? 9   ILE A O   1 
ATOM   68   C CB  . ILE A 1 9   ? 1.079   6.731   2.579   1.00 24.51 ? 9   ILE A CB  1 
ATOM   69   C CG1 . ILE A 1 9   ? 0.576   5.503   1.818   1.00 22.92 ? 9   ILE A CG1 1 
ATOM   70   C CG2 . ILE A 1 9   ? 2.013   6.219   3.699   1.00 25.62 ? 9   ILE A CG2 1 
ATOM   71   C CD1 . ILE A 1 9   ? 1.639   4.938   0.882   1.00 26.35 ? 9   ILE A CD1 1 
ATOM   72   N N   . LEU A 1 10  ? 0.943   9.615   3.658   1.00 24.88 ? 10  LEU A N   1 
ATOM   73   C CA  . LEU A 1 10  ? 1.466   10.690  4.611   1.00 27.01 ? 10  LEU A CA  1 
ATOM   74   C C   . LEU A 1 10  ? 0.312   11.253  5.423   1.00 28.52 ? 10  LEU A C   1 
ATOM   75   O O   . LEU A 1 10  ? 0.431   11.446  6.643   1.00 26.17 ? 10  LEU A O   1 
ATOM   76   C CB  . LEU A 1 10  ? 2.101   11.848  3.796   1.00 27.38 ? 10  LEU A CB  1 
ATOM   77   C CG  . LEU A 1 10  ? 2.680   13.017  4.615   1.00 26.09 ? 10  LEU A CG  1 
ATOM   78   C CD1 . LEU A 1 10  ? 3.832   12.680  5.524   1.00 33.48 ? 10  LEU A CD1 1 
ATOM   79   C CD2 . LEU A 1 10  ? 3.059   14.153  3.687   1.00 27.90 ? 10  LEU A CD2 1 
ATOM   80   N N   . GLU A 1 11  ? -0.806  11.562  4.786   1.00 26.10 ? 11  GLU A N   1 
ATOM   81   C CA  . GLU A 1 11  ? -2.001  12.054  5.467   1.00 27.56 ? 11  GLU A CA  1 
ATOM   82   C C   . GLU A 1 11  ? -2.474  11.097  6.575   1.00 27.55 ? 11  GLU A C   1 
ATOM   83   O O   . GLU A 1 11  ? -2.883  11.530  7.661   1.00 28.95 ? 11  GLU A O   1 
ATOM   84   C CB  . GLU A 1 11  ? -3.120  12.193  4.453   1.00 29.75 ? 11  GLU A CB  1 
ATOM   85   C CG  . GLU A 1 11  ? -3.100  13.444  3.623   1.00 31.55 ? 11  GLU A CG  1 
ATOM   86   C CD  . GLU A 1 11  ? -4.224  13.471  2.580   1.00 33.69 ? 11  GLU A CD  1 
ATOM   87   O OE1 . GLU A 1 11  ? -4.970  12.445  2.345   1.00 34.11 ? 11  GLU A OE1 1 
ATOM   88   O OE2 . GLU A 1 11  ? -4.385  14.518  1.959   1.00 35.57 ? 11  GLU A OE2 1 
ATOM   89   N N   . GLU A 1 12  ? -2.429  9.809   6.309   1.00 26.23 ? 12  GLU A N   1 
ATOM   90   C CA  . GLU A 1 12  ? -2.934  8.806   7.294   1.00 29.04 ? 12  GLU A CA  1 
ATOM   91   C C   . GLU A 1 12  ? -1.944  8.667   8.463   1.00 28.10 ? 12  GLU A C   1 
ATOM   92   O O   . GLU A 1 12  ? -2.361  8.658   9.623   1.00 29.28 ? 12  GLU A O   1 
ATOM   93   C CB  . GLU A 1 12  ? -3.113  7.434   6.623   1.00 26.57 ? 12  GLU A CB  1 
ATOM   94   C CG  . GLU A 1 12  ? -4.390  7.365   5.873   1.00 32.57 ? 12  GLU A CG  1 
ATOM   95   C CD  . GLU A 1 12  ? -5.609  7.557   6.740   1.00 27.82 ? 12  GLU A CD  1 
ATOM   96   O OE1 . GLU A 1 12  ? -5.770  6.754   7.691   1.00 32.85 ? 12  GLU A OE1 1 
ATOM   97   O OE2 . GLU A 1 12  ? -6.376  8.414   6.393   1.00 32.79 ? 12  GLU A OE2 1 
ATOM   98   N N   . THR A 1 13  ? -0.697  8.431   8.140   1.00 27.97 ? 13  THR A N   1 
ATOM   99   C CA  . THR A 1 13  ? 0.254   7.966   9.097   1.00 28.87 ? 13  THR A CA  1 
ATOM   100  C C   . THR A 1 13  ? 1.193   9.011   9.646   1.00 29.15 ? 13  THR A C   1 
ATOM   101  O O   . THR A 1 13  ? 1.741   8.838   10.683  1.00 31.18 ? 13  THR A O   1 
ATOM   102  C CB  . THR A 1 13  ? 1.159   6.877   8.506   1.00 25.90 ? 13  THR A CB  1 
ATOM   103  O OG1 . THR A 1 13  ? 1.954   7.435   7.490   1.00 25.56 ? 13  THR A OG1 1 
ATOM   104  C CG2 . THR A 1 13  ? 0.342   5.753   7.903   1.00 27.40 ? 13  THR A CG2 1 
ATOM   105  N N   . GLY A 1 14  ? 1.383   10.071  8.905   1.00 29.14 ? 14  GLY A N   1 
ATOM   106  C CA  . GLY A 1 14  ? 2.368   11.043  9.248   1.00 36.09 ? 14  GLY A CA  1 
ATOM   107  C C   . GLY A 1 14  ? 3.780   10.647  8.851   1.00 41.22 ? 14  GLY A C   1 
ATOM   108  O O   . GLY A 1 14  ? 4.709   11.305  9.237   1.00 35.21 ? 14  GLY A O   1 
ATOM   109  N N   . LYS A 1 15  ? 3.936   9.547   8.122   1.00 33.31 ? 16  LYS A N   1 
ATOM   110  C CA  . LYS A 1 15  ? 5.226   9.087   7.635   1.00 32.23 ? 16  LYS A CA  1 
ATOM   111  C C   . LYS A 1 15  ? 5.270   9.305   6.129   1.00 34.85 ? 16  LYS A C   1 
ATOM   112  O O   . LYS A 1 15  ? 4.304   9.088   5.473   1.00 34.13 ? 16  LYS A O   1 
ATOM   113  C CB  . LYS A 1 15  ? 5.449   7.596   7.906   1.00 33.15 ? 16  LYS A CB  1 
ATOM   114  C CG  . LYS A 1 15  ? 5.658   7.142   9.328   1.00 32.14 ? 16  LYS A CG  1 
ATOM   115  C CD  . LYS A 1 15  ? 5.949   5.667   9.347   1.00 32.18 ? 16  LYS A CD  1 
ATOM   116  C CE  . LYS A 1 15  ? 6.426   5.140   10.665  1.00 36.18 ? 16  LYS A CE  1 
ATOM   117  N NZ  . LYS A 1 15  ? 7.768   5.611   11.050  1.00 36.20 ? 16  LYS A NZ  1 
ATOM   118  N N   . LEU A 1 16  ? 6.400   9.719   5.596   1.00 33.08 ? 17  LEU A N   1 
ATOM   119  C CA  . LEU A 1 16  ? 6.567   9.875   4.173   1.00 32.28 ? 17  LEU A CA  1 
ATOM   120  C C   . LEU A 1 16  ? 6.537   8.526   3.501   1.00 27.32 ? 17  LEU A C   1 
ATOM   121  O O   . LEU A 1 16  ? 7.168   7.641   3.948   1.00 30.85 ? 17  LEU A O   1 
ATOM   122  C CB  . LEU A 1 16  ? 7.913   10.540  3.904   1.00 34.93 ? 17  LEU A CB  1 
ATOM   123  C CG  . LEU A 1 16  ? 7.928   11.996  4.353   1.00 34.39 ? 17  LEU A CG  1 
ATOM   124  C CD1 . LEU A 1 16  ? 9.313   12.547  4.475   1.00 37.72 ? 17  LEU A CD1 1 
ATOM   125  C CD2 . LEU A 1 16  ? 7.150   12.853  3.401   1.00 32.32 ? 17  LEU A CD2 1 
ATOM   126  N N   . ALA A 1 17  ? 5.801   8.381   2.420   1.00 31.20 ? 18  ALA A N   1 
ATOM   127  C CA  . ALA A 1 17  ? 5.761   7.105   1.741   1.00 31.64 ? 18  ALA A CA  1 
ATOM   128  C C   . ALA A 1 17  ? 7.106   6.583   1.286   1.00 33.18 ? 18  ALA A C   1 
ATOM   129  O O   . ALA A 1 17  ? 7.441   5.405   1.535   1.00 30.67 ? 18  ALA A O   1 
ATOM   130  C CB  . ALA A 1 17  ? 4.743   7.102   0.594   1.00 32.55 ? 18  ALA A CB  1 
ATOM   131  N N   . ILE A 1 18  ? 7.882   7.459   0.634   1.00 33.42 ? 19  ILE A N   1 
ATOM   132  C CA  . ILE A 1 18  ? 9.322   7.220   0.440   1.00 37.43 ? 19  ILE A CA  1 
ATOM   133  C C   . ILE A 1 18  ? 10.087  8.000   1.572   1.00 32.38 ? 19  ILE A C   1 
ATOM   134  O O   . ILE A 1 18  ? 10.027  9.198   1.625   1.00 34.23 ? 19  ILE A O   1 
ATOM   135  C CB  . ILE A 1 18  ? 9.745   7.701   -0.967  1.00 37.05 ? 19  ILE A CB  1 
ATOM   136  C CG1 . ILE A 1 18  ? 8.758   7.192   -2.015  1.00 40.04 ? 19  ILE A CG1 1 
ATOM   137  C CG2 . ILE A 1 18  ? 11.127  7.233   -1.333  1.00 39.16 ? 19  ILE A CG2 1 
ATOM   138  C CD1 . ILE A 1 18  ? 8.871   7.876   -3.356  1.00 40.48 ? 19  ILE A CD1 1 
ATOM   139  N N   . PRO A 1 19  ? 10.817  7.304   2.459   1.00 36.56 ? 20  PRO A N   1 
ATOM   140  C CA  . PRO A 1 19  ? 11.245  5.961   2.376   1.00 35.54 ? 20  PRO A CA  1 
ATOM   141  C C   . PRO A 1 19  ? 10.670  5.039   3.411   1.00 35.89 ? 20  PRO A C   1 
ATOM   142  O O   . PRO A 1 19  ? 11.183  3.932   3.528   1.00 36.15 ? 20  PRO A O   1 
ATOM   143  C CB  . PRO A 1 19  ? 12.761  6.104   2.585   1.00 39.26 ? 20  PRO A CB  1 
ATOM   144  C CG  . PRO A 1 19  ? 12.832  7.208   3.620   1.00 41.59 ? 20  PRO A CG  1 
ATOM   145  C CD  . PRO A 1 19  ? 11.551  8.018   3.529   1.00 35.84 ? 20  PRO A CD  1 
ATOM   146  N N   . SER A 1 20  ? 9.610   5.448   4.111   1.00 30.17 ? 21  SER A N   1 
ATOM   147  C CA  . SER A 1 20  ? 9.039   4.588   5.154   1.00 32.28 ? 21  SER A CA  1 
ATOM   148  C C   . SER A 1 20  ? 8.341   3.338   4.632   1.00 30.56 ? 21  SER A C   1 
ATOM   149  O O   . SER A 1 20  ? 8.368   2.319   5.304   1.00 31.16 ? 21  SER A O   1 
ATOM   150  C CB  . SER A 1 20  ? 7.994   5.351   6.007   1.00 28.59 ? 21  SER A CB  1 
ATOM   151  O OG  . SER A 1 20  ? 8.626   6.389   6.694   1.00 35.82 ? 21  SER A OG  1 
ATOM   152  N N   . TYR A 1 21  ? 7.724   3.427   3.474   1.00 30.55 ? 22  TYR A N   1 
ATOM   153  C CA  . TYR A 1 21  ? 7.043   2.286   2.917   1.00 27.66 ? 22  TYR A CA  1 
ATOM   154  C C   . TYR A 1 21  ? 7.485   1.850   1.544   1.00 29.49 ? 22  TYR A C   1 
ATOM   155  O O   . TYR A 1 21  ? 6.824   1.076   0.936   1.00 31.53 ? 22  TYR A O   1 
ATOM   156  C CB  . TYR A 1 21  ? 5.564   2.534   2.918   1.00 29.05 ? 22  TYR A CB  1 
ATOM   157  C CG  . TYR A 1 21  ? 4.985   2.740   4.284   1.00 27.01 ? 22  TYR A CG  1 
ATOM   158  C CD1 . TYR A 1 21  ? 4.741   1.682   5.099   1.00 25.99 ? 22  TYR A CD1 1 
ATOM   159  C CD2 . TYR A 1 21  ? 4.693   3.997   4.749   1.00 26.80 ? 22  TYR A CD2 1 
ATOM   160  C CE1 . TYR A 1 21  ? 4.212   1.861   6.344   1.00 26.36 ? 22  TYR A CE1 1 
ATOM   161  C CE2 . TYR A 1 21  ? 4.173   4.184   5.982   1.00 26.93 ? 22  TYR A CE2 1 
ATOM   162  C CZ  . TYR A 1 21  ? 3.948   3.110   6.783   1.00 26.10 ? 22  TYR A CZ  1 
ATOM   163  O OH  . TYR A 1 21  ? 3.419   3.279   7.999   1.00 25.89 ? 22  TYR A OH  1 
ATOM   164  N N   . SER A 1 22  ? 8.557   2.405   1.021   1.00 31.29 ? 23  SER A N   1 
ATOM   165  C CA  . SER A 1 22  ? 8.990   2.065   -0.336  1.00 29.79 ? 23  SER A CA  1 
ATOM   166  C C   . SER A 1 22  ? 10.030  0.966   -0.475  1.00 34.17 ? 23  SER A C   1 
ATOM   167  O O   . SER A 1 22  ? 10.224  0.452   -1.553  1.00 30.27 ? 23  SER A O   1 
ATOM   168  C CB  . SER A 1 22  ? 9.404   3.287   -1.128  1.00 32.15 ? 23  SER A CB  1 
ATOM   169  O OG  . SER A 1 22  ? 10.487  3.912   -0.539  1.00 38.62 ? 23  SER A OG  1 
ATOM   170  N N   . SER A 1 23  ? 10.683  0.615   0.622   1.00 32.47 ? 24  SER A N   1 
ATOM   171  C CA  . SER A 1 23  ? 11.504  -0.579  0.686   1.00 32.54 ? 24  SER A CA  1 
ATOM   172  C C   . SER A 1 23  ? 11.388  -1.379  1.987   1.00 36.84 ? 24  SER A C   1 
ATOM   173  O O   . SER A 1 23  ? 12.361  -1.796  2.540   1.00 40.60 ? 24  SER A O   1 
ATOM   174  C CB  . SER A 1 23  ? 12.955  -0.259  0.383   1.00 33.85 ? 24  SER A CB  1 
ATOM   175  O OG  . SER A 1 23  ? 13.403  0.736   1.228   1.00 41.59 ? 24  SER A OG  1 
ATOM   176  N N   . TYR A 1 24  ? 10.190  -1.585  2.462   1.00 28.65 ? 25  TYR A N   1 
ATOM   177  C CA  . TYR A 1 24  ? 9.977   -2.205  3.747   1.00 29.37 ? 25  TYR A CA  1 
ATOM   178  C C   . TYR A 1 24  ? 9.601   -3.646  3.563   1.00 29.13 ? 25  TYR A C   1 
ATOM   179  O O   . TYR A 1 24  ? 8.784   -3.958  2.787   1.00 30.18 ? 25  TYR A O   1 
ATOM   180  C CB  . TYR A 1 24  ? 8.877   -1.447  4.452   1.00 26.36 ? 25  TYR A CB  1 
ATOM   181  C CG  . TYR A 1 24  ? 8.598   -1.816  5.861   1.00 28.62 ? 25  TYR A CG  1 
ATOM   182  C CD1 . TYR A 1 24  ? 7.857   -2.900  6.162   1.00 28.45 ? 25  TYR A CD1 1 
ATOM   183  C CD2 . TYR A 1 24  ? 9.057   -1.061  6.888   1.00 27.96 ? 25  TYR A CD2 1 
ATOM   184  C CE1 . TYR A 1 24  ? 7.577   -3.224  7.453   1.00 26.50 ? 25  TYR A CE1 1 
ATOM   185  C CE2 . TYR A 1 24  ? 8.759   -1.372  8.173   1.00 27.04 ? 25  TYR A CE2 1 
ATOM   186  C CZ  . TYR A 1 24  ? 8.034   -2.466  8.437   1.00 30.59 ? 25  TYR A CZ  1 
ATOM   187  O OH  . TYR A 1 24  ? 7.762   -2.812  9.688   1.00 30.74 ? 25  TYR A OH  1 
ATOM   188  N N   . GLY A 1 25  ? 10.260  -4.516  4.286   1.00 27.87 ? 26  GLY A N   1 
ATOM   189  C CA  . GLY A 1 25  ? 9.939   -5.907  4.298   1.00 25.69 ? 26  GLY A CA  1 
ATOM   190  C C   . GLY A 1 25  ? 10.089  -6.575  2.959   1.00 27.73 ? 26  GLY A C   1 
ATOM   191  O O   . GLY A 1 25  ? 10.945  -6.257  2.194   1.00 30.79 ? 26  GLY A O   1 
ATOM   192  N N   . CYS A 1 26  ? 9.213   -7.521  2.707   1.00 28.58 ? 27  CYS A N   1 
ATOM   193  C CA  . CYS A 1 26  ? 9.242   -8.287  1.492   1.00 26.78 ? 27  CYS A CA  1 
ATOM   194  C C   . CYS A 1 26  ? 8.334   -7.716  0.408   1.00 31.27 ? 27  CYS A C   1 
ATOM   195  O O   . CYS A 1 26  ? 8.530   -8.022  -0.784  1.00 28.72 ? 27  CYS A O   1 
ATOM   196  C CB  . CYS A 1 26  ? 8.923   -9.754  1.743   1.00 30.66 ? 27  CYS A CB  1 
ATOM   197  S SG  . CYS A 1 26  ? 10.086  -10.610 2.825   1.00 29.27 ? 27  CYS A SG  1 
ATOM   198  N N   . TYR A 1 27  ? 7.333   -6.926  0.808   1.00 27.91 ? 28  TYR A N   1 
ATOM   199  C CA  . TYR A 1 27  ? 6.325   -6.509  -0.166  1.00 26.19 ? 28  TYR A CA  1 
ATOM   200  C C   . TYR A 1 27  ? 6.145   -4.994  -0.372  1.00 26.83 ? 28  TYR A C   1 
ATOM   201  O O   . TYR A 1 27  ? 5.567   -4.601  -1.363  1.00 29.46 ? 28  TYR A O   1 
ATOM   202  C CB  . TYR A 1 27  ? 4.962   -7.170  0.177   1.00 26.04 ? 28  TYR A CB  1 
ATOM   203  C CG  . TYR A 1 27  ? 4.978   -8.646  -0.096  1.00 27.50 ? 28  TYR A CG  1 
ATOM   204  C CD1 . TYR A 1 27  ? 4.787   -9.154  -1.413  1.00 26.12 ? 28  TYR A CD1 1 
ATOM   205  C CD2 . TYR A 1 27  ? 5.346   -9.542  0.911   1.00 26.09 ? 28  TYR A CD2 1 
ATOM   206  C CE1 . TYR A 1 27  ? 4.873   -10.521 -1.663  1.00 27.18 ? 28  TYR A CE1 1 
ATOM   207  C CE2 . TYR A 1 27  ? 5.384   -10.881 0.670   1.00 30.14 ? 28  TYR A CE2 1 
ATOM   208  C CZ  . TYR A 1 27  ? 5.238   -11.378 -0.647  1.00 28.22 ? 28  TYR A CZ  1 
ATOM   209  O OH  . TYR A 1 27  ? 5.276   -12.715 -0.889  1.00 30.31 ? 28  TYR A OH  1 
ATOM   210  N N   . CYS A 1 28  ? 6.656   -4.156  0.498   1.00 26.83 ? 29  CYS A N   1 
ATOM   211  C CA  . CYS A 1 28  ? 6.386   -2.764  0.322   1.00 28.95 ? 29  CYS A CA  1 
ATOM   212  C C   . CYS A 1 28  ? 7.411   -2.211  -0.619  1.00 33.79 ? 29  CYS A C   1 
ATOM   213  O O   . CYS A 1 28  ? 8.544   -2.119  -0.280  1.00 34.17 ? 29  CYS A O   1 
ATOM   214  C CB  . CYS A 1 28  ? 6.452   -2.033  1.620   1.00 26.37 ? 29  CYS A CB  1 
ATOM   215  S SG  . CYS A 1 28  ? 5.359   -2.646  2.883   1.00 26.08 ? 29  CYS A SG  1 
ATOM   216  N N   . GLY A 1 29  ? 6.984   -1.783  -1.783  1.00 32.79 ? 30  GLY A N   1 
ATOM   217  C CA  . GLY A 1 29  ? 7.918   -1.360  -2.793  1.00 39.58 ? 30  GLY A CA  1 
ATOM   218  C C   . GLY A 1 29  ? 8.012   -2.406  -3.866  1.00 43.38 ? 30  GLY A C   1 
ATOM   219  O O   . GLY A 1 29  ? 7.281   -3.334  -3.901  1.00 45.72 ? 30  GLY A O   1 
ATOM   220  N N   . TRP A 1 30  ? 8.975   -2.276  -4.734  1.00 43.62 ? 31  TRP A N   1 
ATOM   221  C CA  . TRP A 1 30  ? 9.027   -3.055  -5.947  1.00 45.67 ? 31  TRP A CA  1 
ATOM   222  C C   . TRP A 1 30  ? 9.038   -4.574  -5.793  1.00 44.56 ? 31  TRP A C   1 
ATOM   223  O O   . TRP A 1 30  ? 8.460   -5.262  -6.581  1.00 43.71 ? 31  TRP A O   1 
ATOM   224  C CB  . TRP A 1 30  ? 10.257  -2.620  -6.709  1.00 47.72 ? 31  TRP A CB  1 
ATOM   225  C CG  . TRP A 1 30  ? 10.538  -3.335  -7.917  1.00 44.53 ? 31  TRP A CG  1 
ATOM   226  C CD1 . TRP A 1 30  ? 10.133  -3.012  -9.126  1.00 51.30 ? 31  TRP A CD1 1 
ATOM   227  C CD2 . TRP A 1 30  ? 11.323  -4.498  -8.045  1.00 45.93 ? 31  TRP A CD2 1 
ATOM   228  N NE1 . TRP A 1 30  ? 10.592  -3.900  -10.026 1.00 54.64 ? 31  TRP A NE1 1 
ATOM   229  C CE2 . TRP A 1 30  ? 11.338  -4.830  -9.376  1.00 50.89 ? 31  TRP A CE2 1 
ATOM   230  C CE3 . TRP A 1 30  ? 12.007  -5.290  -7.157  1.00 44.46 ? 31  TRP A CE3 1 
ATOM   231  C CZ2 . TRP A 1 30  ? 11.994  -5.916  -9.848  1.00 47.75 ? 31  TRP A CZ2 1 
ATOM   232  C CZ3 . TRP A 1 30  ? 12.654  -6.340  -7.619  1.00 49.23 ? 31  TRP A CZ3 1 
ATOM   233  C CH2 . TRP A 1 30  ? 12.658  -6.651  -8.955  1.00 51.63 ? 31  TRP A CH2 1 
ATOM   234  N N   . GLY A 1 31  ? 9.686   -5.083  -4.775  1.00 47.33 ? 32  GLY A N   1 
ATOM   235  C CA  . GLY A 1 31  ? 9.812   -6.517  -4.615  1.00 48.92 ? 32  GLY A CA  1 
ATOM   236  C C   . GLY A 1 31  ? 8.526   -7.274  -4.355  1.00 47.57 ? 32  GLY A C   1 
ATOM   237  O O   . GLY A 1 31  ? 7.503   -6.701  -4.091  1.00 39.94 ? 32  GLY A O   1 
ATOM   238  N N   . GLY A 1 32  ? 8.556   -8.573  -4.558  1.00 43.68 ? 33  GLY A N   1 
ATOM   239  C CA  . GLY A 1 32  ? 7.527   -9.412  -3.994  1.00 46.76 ? 33  GLY A CA  1 
ATOM   240  C C   . GLY A 1 32  ? 7.774   -10.901 -3.845  1.00 46.12 ? 33  GLY A C   1 
ATOM   241  O O   . GLY A 1 32  ? 7.589   -11.588 -4.813  1.00 47.02 ? 33  GLY A O   1 
ATOM   242  N N   . LYS A 1 33  ? 8.101   -11.408 -2.663  1.00 40.58 ? 34  LYS A N   1 
ATOM   243  C CA  . LYS A 1 33  ? 8.159   -12.854 -2.461  1.00 39.64 ? 34  LYS A CA  1 
ATOM   244  C C   . LYS A 1 33  ? 8.104   -13.240 -1.013  1.00 32.01 ? 34  LYS A C   1 
ATOM   245  O O   . LYS A 1 33  ? 8.299   -12.427 -0.181  1.00 34.07 ? 34  LYS A O   1 
ATOM   246  C CB  . LYS A 1 33  ? 9.398   -13.444 -3.107  1.00 42.68 ? 34  LYS A CB  1 
ATOM   247  C CG  . LYS A 1 33  ? 9.081   -14.521 -4.097  1.00 53.25 ? 34  LYS A CG  1 
ATOM   248  C CD  . LYS A 1 33  ? 8.490   -13.985 -5.385  1.00 52.87 ? 34  LYS A CD  1 
ATOM   249  C CE  . LYS A 1 33  ? 7.010   -14.338 -5.520  1.00 62.80 ? 34  LYS A CE  1 
ATOM   250  N NZ  . LYS A 1 33  ? 6.925   -15.787 -5.194  1.00 52.80 ? 34  LYS A NZ  1 
ATOM   251  N N   . GLY A 1 34  ? 7.845   -14.501 -0.728  1.00 32.09 ? 35  GLY A N   1 
ATOM   252  C CA  . GLY A 1 34  ? 7.924   -14.985 0.613   1.00 30.15 ? 35  GLY A CA  1 
ATOM   253  C C   . GLY A 1 34  ? 6.843   -14.591 1.593   1.00 32.75 ? 35  GLY A C   1 
ATOM   254  O O   . GLY A 1 34  ? 5.887   -13.980 1.242   1.00 30.91 ? 35  GLY A O   1 
ATOM   255  N N   . THR A 1 35  ? 7.041   -14.981 2.835   1.00 33.32 ? 36  THR A N   1 
ATOM   256  C CA  . THR A 1 35  ? 6.109   -14.616 3.897   1.00 28.64 ? 36  THR A CA  1 
ATOM   257  C C   . THR A 1 35  ? 6.291   -13.169 4.396   1.00 28.17 ? 36  THR A C   1 
ATOM   258  O O   . THR A 1 35  ? 7.389   -12.789 4.758   1.00 30.62 ? 36  THR A O   1 
ATOM   259  C CB  . THR A 1 35  ? 6.278   -15.560 5.112   1.00 33.66 ? 36  THR A CB  1 
ATOM   260  O OG1 . THR A 1 35  ? 6.230   -16.931 4.660   1.00 36.50 ? 36  THR A OG1 1 
ATOM   261  C CG2 . THR A 1 35  ? 5.110   -15.268 6.123   1.00 32.05 ? 36  THR A CG2 1 
ATOM   262  N N   . PRO A 1 36  ? 5.212   -12.397 4.502   1.00 26.35 ? 37  PRO A N   1 
ATOM   263  C CA  . PRO A 1 36  ? 5.348   -11.019 4.962   1.00 27.02 ? 37  PRO A CA  1 
ATOM   264  C C   . PRO A 1 36  ? 5.917   -10.948 6.366   1.00 28.40 ? 37  PRO A C   1 
ATOM   265  O O   . PRO A 1 36  ? 5.619   -11.765 7.165   1.00 31.19 ? 37  PRO A O   1 
ATOM   266  C CB  . PRO A 1 36  ? 3.940   -10.482 4.903   1.00 29.29 ? 37  PRO A CB  1 
ATOM   267  C CG  . PRO A 1 36  ? 3.284   -11.294 3.859   1.00 29.20 ? 37  PRO A CG  1 
ATOM   268  C CD  . PRO A 1 36  ? 3.860   -12.668 4.000   1.00 27.45 ? 37  PRO A CD  1 
ATOM   269  N N   . LYS A 1 37  ? 6.807   -9.998  6.595   1.00 27.92 ? 38  LYS A N   1 
ATOM   270  C CA  . LYS A 1 37  ? 7.569   -9.917  7.813   1.00 28.30 ? 38  LYS A CA  1 
ATOM   271  C C   . LYS A 1 37  ? 6.759   -9.567  9.027   1.00 31.07 ? 38  LYS A C   1 
ATOM   272  O O   . LYS A 1 37  ? 7.052   -9.972  10.104  1.00 30.25 ? 38  LYS A O   1 
ATOM   273  C CB  . LYS A 1 37  ? 8.764   -8.991  7.676   1.00 28.76 ? 38  LYS A CB  1 
ATOM   274  C CG  . LYS A 1 37  ? 9.794   -9.405  6.644   1.00 26.98 ? 38  LYS A CG  1 
ATOM   275  C CD  . LYS A 1 37  ? 10.142  -10.865 6.649   1.00 31.36 ? 38  LYS A CD  1 
ATOM   276  C CE  . LYS A 1 37  ? 10.905  -11.266 7.875   1.00 32.61 ? 38  LYS A CE  1 
ATOM   277  N NZ  . LYS A 1 37  ? 11.449  -12.643 7.748   1.00 32.90 ? 38  LYS A NZ  1 
ATOM   278  N N   . ASP A 1 38  ? 5.784   -8.720  8.810   1.00 26.29 ? 39  ASP A N   1 
ATOM   279  C CA  . ASP A 1 38  ? 4.976   -8.207  9.873   1.00 29.92 ? 39  ASP A CA  1 
ATOM   280  C C   . ASP A 1 38  ? 3.682   -7.674  9.316   1.00 23.37 ? 39  ASP A C   1 
ATOM   281  O O   . ASP A 1 38  ? 3.414   -7.846  8.185   1.00 23.98 ? 39  ASP A O   1 
ATOM   282  C CB  . ASP A 1 38  ? 5.735   -7.187  10.697  1.00 28.84 ? 39  ASP A CB  1 
ATOM   283  C CG  . ASP A 1 38  ? 5.961   -5.902  9.982   1.00 28.58 ? 39  ASP A CG  1 
ATOM   284  O OD1 . ASP A 1 38  ? 5.596   -5.788  8.842   1.00 26.23 ? 39  ASP A OD1 1 
ATOM   285  O OD2 . ASP A 1 38  ? 6.546   -5.025  10.596  1.00 26.14 ? 39  ASP A OD2 1 
ATOM   286  N N   . ALA A 1 39  ? 2.856   -7.082  10.160  1.00 26.02 ? 40  ALA A N   1 
ATOM   287  C CA  . ALA A 1 39  ? 1.551   -6.598  9.733   1.00 24.64 ? 40  ALA A CA  1 
ATOM   288  C C   . ALA A 1 39  ? 1.610   -5.529  8.672   1.00 23.37 ? 40  ALA A C   1 
ATOM   289  O O   . ALA A 1 39  ? 0.856   -5.563  7.775   1.00 23.47 ? 40  ALA A O   1 
ATOM   290  C CB  . ALA A 1 39  ? 0.760   -6.068  10.909  1.00 23.49 ? 40  ALA A CB  1 
ATOM   291  N N   . THR A 1 40  ? 2.527   -4.598  8.812   1.00 23.67 ? 41  THR A N   1 
ATOM   292  C CA  . THR A 1 40  ? 2.722   -3.557  7.831   1.00 23.08 ? 41  THR A CA  1 
ATOM   293  C C   . THR A 1 40  ? 3.124   -4.196  6.500   1.00 24.22 ? 41  THR A C   1 
ATOM   294  O O   . THR A 1 40  ? 2.650   -3.823  5.491   1.00 22.82 ? 41  THR A O   1 
ATOM   295  C CB  . THR A 1 40  ? 3.826   -2.576  8.280   1.00 22.82 ? 41  THR A CB  1 
ATOM   296  O OG1 . THR A 1 40  ? 3.355   -1.788  9.360   1.00 25.07 ? 41  THR A OG1 1 
ATOM   297  C CG2 . THR A 1 40  ? 4.253   -1.665  7.164   1.00 23.18 ? 41  THR A CG2 1 
ATOM   298  N N   . ASP A 1 41  ? 4.009   -5.161  6.548   1.00 24.26 ? 42  ASP A N   1 
ATOM   299  C CA  . ASP A 1 41  ? 4.455   -5.867  5.292   1.00 25.18 ? 42  ASP A CA  1 
ATOM   300  C C   . ASP A 1 41  ? 3.235   -6.602  4.689   1.00 22.21 ? 42  ASP A C   1 
ATOM   301  O O   . ASP A 1 41  ? 3.047   -6.585  3.517   1.00 24.20 ? 42  ASP A O   1 
ATOM   302  C CB  . ASP A 1 41  ? 5.560   -6.865  5.581   1.00 23.38 ? 42  ASP A CB  1 
ATOM   303  C CG  . ASP A 1 41  ? 6.366   -7.212  4.334   1.00 23.74 ? 42  ASP A CG  1 
ATOM   304  O OD1 . ASP A 1 41  ? 6.249   -6.478  3.296   1.00 24.44 ? 42  ASP A OD1 1 
ATOM   305  O OD2 . ASP A 1 41  ? 7.151   -8.189  4.410   1.00 24.49 ? 42  ASP A OD2 1 
ATOM   306  N N   . ARG A 1 42  ? 2.348   -7.119  5.547   1.00 23.82 ? 43  ARG A N   1 
ATOM   307  C CA  . ARG A 1 42  ? 1.129   -7.778  5.072   1.00 23.27 ? 43  ARG A CA  1 
ATOM   308  C C   . ARG A 1 42  ? 0.179   -6.753  4.420   1.00 22.18 ? 43  ARG A C   1 
ATOM   309  O O   . ARG A 1 42  ? -0.513  -7.144  3.500   1.00 23.71 ? 43  ARG A O   1 
ATOM   310  C CB  . ARG A 1 42  ? 0.421   -8.471  6.192   1.00 25.03 ? 43  ARG A CB  1 
ATOM   311  C CG  . ARG A 1 42  ? 1.036   -9.781  6.610   1.00 31.23 ? 43  ARG A CG  1 
ATOM   312  C CD  . ARG A 1 42  ? 0.163   -10.683 7.501   1.00 37.19 ? 43  ARG A CD  1 
ATOM   313  N NE  . ARG A 1 42  ? 0.039   -10.119 8.849   1.00 35.96 ? 43  ARG A NE  1 
ATOM   314  C CZ  . ARG A 1 42  ? 0.941   -10.175 9.843   1.00 37.88 ? 43  ARG A CZ  1 
ATOM   315  N NH1 . ARG A 1 42  ? 2.152   -10.781 9.722   1.00 36.84 ? 43  ARG A NH1 1 
ATOM   316  N NH2 . ARG A 1 42  ? 0.611   -9.605  11.017  1.00 34.53 ? 43  ARG A NH2 1 
ATOM   317  N N   . CYS A 1 43  ? 0.151   -5.485  4.915   1.00 23.32 ? 44  CYS A N   1 
ATOM   318  C CA  . CYS A 1 43  ? -0.612  -4.430  4.239   1.00 21.32 ? 44  CYS A CA  1 
ATOM   319  C C   . CYS A 1 43  ? -0.163  -4.352  2.768   1.00 21.18 ? 44  CYS A C   1 
ATOM   320  O O   . CYS A 1 43  ? -0.949  -4.250  1.859   1.00 22.09 ? 44  CYS A O   1 
ATOM   321  C CB  . CYS A 1 43  ? -0.388  -3.082  4.900   1.00 22.47 ? 44  CYS A CB  1 
ATOM   322  S SG  . CYS A 1 43  ? -0.969  -3.025  6.630   1.00 24.11 ? 44  CYS A SG  1 
ATOM   323  N N   . CYS A 1 44  ? 1.155   -4.347  2.594   1.00 22.16 ? 45  CYS A N   1 
ATOM   324  C CA  . CYS A 1 44  ? 1.701   -4.220  1.239   1.00 24.91 ? 45  CYS A CA  1 
ATOM   325  C C   . CYS A 1 44  ? 1.354   -5.414  0.381   1.00 21.88 ? 45  CYS A C   1 
ATOM   326  O O   . CYS A 1 44  ? 1.064   -5.246  -0.799  1.00 24.18 ? 45  CYS A O   1 
ATOM   327  C CB  . CYS A 1 44  ? 3.165   -4.000  1.280   1.00 24.29 ? 45  CYS A CB  1 
ATOM   328  S SG  . CYS A 1 44  ? 3.536   -2.392  2.040   1.00 24.18 ? 45  CYS A SG  1 
ATOM   329  N N   . PHE A 1 45  ? 1.472   -6.623  0.954   1.00 23.11 ? 46  PHE A N   1 
ATOM   330  C CA  . PHE A 1 45  ? 1.121   -7.818  0.225   1.00 23.09 ? 46  PHE A CA  1 
ATOM   331  C C   . PHE A 1 45  ? -0.332  -7.778  -0.247  1.00 21.68 ? 46  PHE A C   1 
ATOM   332  O O   . PHE A 1 45  ? -0.616  -8.071  -1.397  1.00 21.67 ? 46  PHE A O   1 
ATOM   333  C CB  . PHE A 1 45  ? 1.364   -9.081  1.103   1.00 25.39 ? 46  PHE A CB  1 
ATOM   334  C CG  . PHE A 1 45  ? 0.957   -10.379 0.433   1.00 25.13 ? 46  PHE A CG  1 
ATOM   335  C CD1 . PHE A 1 45  ? 1.807   -10.958 -0.549  1.00 27.78 ? 46  PHE A CD1 1 
ATOM   336  C CD2 . PHE A 1 45  ? -0.310  -10.938 0.635   1.00 26.23 ? 46  PHE A CD2 1 
ATOM   337  C CE1 . PHE A 1 45  ? 1.438   -12.115 -1.229  1.00 31.73 ? 46  PHE A CE1 1 
ATOM   338  C CE2 . PHE A 1 45  ? -0.698  -12.066 -0.078  1.00 27.84 ? 46  PHE A CE2 1 
ATOM   339  C CZ  . PHE A 1 45  ? 0.190   -12.682 -1.015  1.00 27.43 ? 46  PHE A CZ  1 
ATOM   340  N N   . VAL A 1 46  ? -1.243  -7.412  0.666   1.00 21.01 ? 47  VAL A N   1 
ATOM   341  C CA  . VAL A 1 46  ? -2.643  -7.363  0.272   1.00 22.62 ? 47  VAL A CA  1 
ATOM   342  C C   . VAL A 1 46  ? -2.827  -6.285  -0.781  1.00 21.56 ? 47  VAL A C   1 
ATOM   343  O O   . VAL A 1 46  ? -3.624  -6.443  -1.709  1.00 20.98 ? 47  VAL A O   1 
ATOM   344  C CB  . VAL A 1 46  ? -3.501  -7.100  1.543   1.00 20.49 ? 47  VAL A CB  1 
ATOM   345  C CG1 . VAL A 1 46  ? -5.022  -6.778  1.195   1.00 24.14 ? 47  VAL A CG1 1 
ATOM   346  C CG2 . VAL A 1 46  ? -3.491  -8.345  2.411   1.00 22.32 ? 47  VAL A CG2 1 
ATOM   347  N N   . HIS A 1 47  ? -2.128  -5.194  -0.640  1.00 21.83 ? 48  HIS A N   1 
ATOM   348  C CA  . HIS A 1 47  ? -2.224  -4.093  -1.620  1.00 21.14 ? 48  HIS A CA  1 
ATOM   349  C C   . HIS A 1 47  ? -1.726  -4.536  -2.986  1.00 22.15 ? 48  HIS A C   1 
ATOM   350  O O   . HIS A 1 47  ? -2.343  -4.173  -3.999  1.00 24.90 ? 48  HIS A O   1 
ATOM   351  C CB  . HIS A 1 47  ? -1.373  -2.902  -1.148  1.00 21.87 ? 48  HIS A CB  1 
ATOM   352  C CG  . HIS A 1 47  ? -1.478  -1.683  -2.049  1.00 21.52 ? 48  HIS A CG  1 
ATOM   353  N ND1 . HIS A 1 47  ? -0.420  -1.238  -2.779  1.00 21.71 ? 48  HIS A ND1 1 
ATOM   354  C CD2 . HIS A 1 47  ? -2.507  -0.820  -2.268  1.00 20.12 ? 48  HIS A CD2 1 
ATOM   355  C CE1 . HIS A 1 47  ? -0.758  -0.103  -3.412  1.00 21.68 ? 48  HIS A CE1 1 
ATOM   356  N NE2 . HIS A 1 47  ? -2.064  0.152   -3.134  1.00 22.47 ? 48  HIS A NE2 1 
ATOM   357  N N   . ASP A 1 48  ? -0.668  -5.330  -3.001  1.00 22.84 ? 49  ASP A N   1 
ATOM   358  C CA  . ASP A 1 48  ? -0.140  -5.905  -4.261  1.00 22.03 ? 49  ASP A CA  1 
ATOM   359  C C   . ASP A 1 48  ? -1.223  -6.810  -4.852  1.00 23.09 ? 49  ASP A C   1 
ATOM   360  O O   . ASP A 1 48  ? -1.466  -6.806  -6.029  1.00 23.20 ? 49  ASP A O   1 
ATOM   361  C CB  . ASP A 1 48  ? 1.083   -6.771  -3.948  1.00 24.87 ? 49  ASP A CB  1 
ATOM   362  C CG  . ASP A 1 48  ? 2.349   -5.933  -3.766  1.00 28.91 ? 49  ASP A CG  1 
ATOM   363  O OD1 . ASP A 1 48  ? 2.290   -4.724  -4.011  1.00 25.66 ? 49  ASP A OD1 1 
ATOM   364  O OD2 . ASP A 1 48  ? 3.353   -6.570  -3.450  1.00 26.80 ? 49  ASP A OD2 1 
ATOM   365  N N   . CYS A 1 49  ? -1.847  -7.603  -4.002  1.00 22.81 ? 50  CYS A N   1 
ATOM   366  C CA  . CYS A 1 49  ? -2.945  -8.483  -4.438  1.00 20.93 ? 50  CYS A CA  1 
ATOM   367  C C   . CYS A 1 49  ? -4.095  -7.707  -4.987  1.00 22.59 ? 50  CYS A C   1 
ATOM   368  O O   . CYS A 1 49  ? -4.746  -8.144  -5.991  1.00 22.08 ? 50  CYS A O   1 
ATOM   369  C CB  . CYS A 1 49  ? -3.382  -9.363  -3.274  1.00 21.95 ? 50  CYS A CB  1 
ATOM   370  S SG  . CYS A 1 49  ? -2.160  -10.628 -2.797  1.00 25.11 ? 50  CYS A SG  1 
ATOM   371  N N   . CYS A 1 50  ? -4.447  -6.594  -4.320  1.00 23.45 ? 51  CYS A N   1 
ATOM   372  C CA  . CYS A 1 50  ? -5.479  -5.721  -4.744  1.00 21.63 ? 51  CYS A CA  1 
ATOM   373  C C   . CYS A 1 50  ? -5.288  -5.161  -6.149  1.00 22.56 ? 51  CYS A C   1 
ATOM   374  O O   . CYS A 1 50  ? -6.226  -5.230  -6.982  1.00 22.62 ? 51  CYS A O   1 
ATOM   375  C CB  . CYS A 1 50  ? -5.629  -4.594  -3.740  1.00 23.69 ? 51  CYS A CB  1 
ATOM   376  S SG  . CYS A 1 50  ? -7.294  -3.819  -3.756  1.00 21.73 ? 51  CYS A SG  1 
ATOM   377  N N   . TYR A 1 51  ? -4.097  -4.679  -6.409  1.00 22.33 ? 52  TYR A N   1 
ATOM   378  C CA  . TYR A 1 51  ? -3.745  -4.203  -7.742  1.00 22.87 ? 52  TYR A CA  1 
ATOM   379  C C   . TYR A 1 51  ? -3.771  -5.404  -8.741  1.00 24.76 ? 52  TYR A C   1 
ATOM   380  O O   . TYR A 1 51  ? -4.004  -5.213  -9.908  1.00 24.32 ? 52  TYR A O   1 
ATOM   381  C CB  . TYR A 1 51  ? -2.330  -3.656  -7.687  1.00 25.02 ? 52  TYR A CB  1 
ATOM   382  C CG  . TYR A 1 51  ? -2.210  -2.230  -7.255  1.00 23.08 ? 52  TYR A CG  1 
ATOM   383  C CD1 . TYR A 1 51  ? -3.285  -1.510  -6.677  1.00 21.05 ? 52  TYR A CD1 1 
ATOM   384  C CD2 . TYR A 1 51  ? -0.991  -1.589  -7.299  1.00 23.99 ? 52  TYR A CD2 1 
ATOM   385  C CE1 . TYR A 1 51  ? -3.133  -0.158  -6.318  1.00 20.26 ? 52  TYR A CE1 1 
ATOM   386  C CE2 . TYR A 1 51  ? -0.838  -0.283  -6.923  1.00 21.53 ? 52  TYR A CE2 1 
ATOM   387  C CZ  . TYR A 1 51  ? -1.893  0.419   -6.352  1.00 23.35 ? 52  TYR A CZ  1 
ATOM   388  O OH  . TYR A 1 51  ? -1.669  1.720   -5.984  1.00 22.91 ? 52  TYR A OH  1 
ATOM   389  N N   . GLY A 1 52  ? -3.414  -6.602  -8.307  1.00 22.92 ? 53  GLY A N   1 
ATOM   390  C CA  . GLY A 1 52  ? -3.392  -7.815  -9.151  1.00 23.44 ? 53  GLY A CA  1 
ATOM   391  C C   . GLY A 1 52  ? -4.765  -8.242  -9.494  1.00 22.19 ? 53  GLY A C   1 
ATOM   392  O O   . GLY A 1 52  ? -4.968  -9.016  -10.486 1.00 28.87 ? 53  GLY A O   1 
ATOM   393  N N   . ASN A 1 53  ? -5.750  -7.822  -8.743  1.00 25.11 ? 54  ASN A N   1 
ATOM   394  C CA  . ASN A 1 53  ? -7.143  -8.033  -9.101  1.00 27.64 ? 54  ASN A CA  1 
ATOM   395  C C   . ASN A 1 53  ? -7.574  -7.165  -10.305 1.00 26.35 ? 54  ASN A C   1 
ATOM   396  O O   . ASN A 1 53  ? -8.609  -7.380  -10.828 1.00 28.50 ? 54  ASN A O   1 
ATOM   397  C CB  . ASN A 1 53  ? -8.105  -7.735  -7.939  1.00 29.23 ? 54  ASN A CB  1 
ATOM   398  C CG  . ASN A 1 53  ? -7.912  -8.630  -6.723  1.00 33.10 ? 54  ASN A CG  1 
ATOM   399  O OD1 . ASN A 1 53  ? -7.646  -9.797  -6.840  1.00 32.38 ? 54  ASN A OD1 1 
ATOM   400  N ND2 . ASN A 1 53  ? -8.069  -8.051  -5.539  1.00 30.03 ? 54  ASN A ND2 1 
ATOM   401  N N   . LEU A 1 54  ? -6.753  -6.189  -10.696 1.00 26.50 ? 55  LEU A N   1 
ATOM   402  C CA  . LEU A 1 54  ? -7.047  -5.201  -11.742 1.00 29.11 ? 55  LEU A CA  1 
ATOM   403  C C   . LEU A 1 54  ? -5.973  -5.168  -12.850 1.00 30.11 ? 55  LEU A C   1 
ATOM   404  O O   . LEU A 1 54  ? -5.256  -4.213  -13.080 1.00 26.61 ? 55  LEU A O   1 
ATOM   405  C CB  . LEU A 1 54  ? -7.181  -3.806  -11.136 1.00 24.06 ? 55  LEU A CB  1 
ATOM   406  C CG  . LEU A 1 54  ? -7.767  -3.652  -9.750  1.00 27.14 ? 55  LEU A CG  1 
ATOM   407  C CD1 . LEU A 1 54  ? -7.523  -2.275  -9.213  1.00 29.12 ? 55  LEU A CD1 1 
ATOM   408  C CD2 . LEU A 1 54  ? -9.229  -3.915  -9.827  1.00 28.02 ? 55  LEU A CD2 1 
ATOM   409  N N   . PRO A 1 55  ? -5.978  -6.347  -13.591 1.00 27.57 ? 56  PRO A N   1 
ATOM   410  C CA  . PRO A 1 55  ? -4.935  -6.392  -14.620 1.00 29.37 ? 56  PRO A CA  1 
ATOM   411  C C   . PRO A 1 55  ? -5.013  -5.319  -15.732 1.00 32.51 ? 56  PRO A C   1 
ATOM   412  O O   . PRO A 1 55  ? -3.957  -5.069  -16.253 1.00 34.07 ? 56  PRO A O   1 
ATOM   413  C CB  . PRO A 1 55  ? -5.042  -7.796  -15.192 1.00 33.49 ? 56  PRO A CB  1 
ATOM   414  C CG  . PRO A 1 55  ? -6.433  -8.178  -15.010 1.00 32.56 ? 56  PRO A CG  1 
ATOM   415  C CD  . PRO A 1 55  ? -6.715  -7.703  -13.652 1.00 33.08 ? 56  PRO A CD  1 
ATOM   416  N N   . ASP A 1 56  ? -6.186  -4.897  -15.976 1.00 36.86 ? 59  ASP A N   1 
ATOM   417  C CA  . ASP A 1 56  ? -6.219  -3.922  -17.043 1.00 35.04 ? 59  ASP A CA  1 
ATOM   418  C C   . ASP A 1 56  ? -6.361  -2.484  -16.529 1.00 34.63 ? 59  ASP A C   1 
ATOM   419  O O   . ASP A 1 56  ? -6.733  -1.646  -17.247 1.00 28.62 ? 59  ASP A O   1 
ATOM   420  C CB  . ASP A 1 56  ? -7.267  -4.286  -18.125 1.00 36.02 ? 59  ASP A CB  1 
ATOM   421  C CG  . ASP A 1 56  ? -7.093  -5.708  -18.671 1.00 37.39 ? 59  ASP A CG  1 
ATOM   422  O OD1 . ASP A 1 56  ? -5.978  -6.108  -18.866 1.00 31.79 ? 59  ASP A OD1 1 
ATOM   423  O OD2 . ASP A 1 56  ? -8.077  -6.408  -18.893 1.00 35.84 ? 59  ASP A OD2 1 
ATOM   424  N N   . CYS A 1 57  ? -6.026  -2.246  -15.259 1.00 27.52 ? 61  CYS A N   1 
ATOM   425  C CA  . CYS A 1 57  ? -5.909  -0.900  -14.719 1.00 23.70 ? 61  CYS A CA  1 
ATOM   426  C C   . CYS A 1 57  ? -4.446  -0.488  -14.511 1.00 26.30 ? 61  CYS A C   1 
ATOM   427  O O   . CYS A 1 57  ? -3.606  -1.329  -14.628 1.00 26.16 ? 61  CYS A O   1 
ATOM   428  C CB  . CYS A 1 57  ? -6.685  -0.748  -13.423 1.00 21.09 ? 61  CYS A CB  1 
ATOM   429  S SG  . CYS A 1 57  ? -8.386  -1.285  -13.514 1.00 21.22 ? 61  CYS A SG  1 
ATOM   430  N N   . ASN A 1 58  ? -4.124  0.743   -14.343 1.00 23.60 ? 67  ASN A N   1 
ATOM   431  C CA  . ASN A 1 58  ? -2.775  1.205   -14.264 1.00 23.22 ? 67  ASN A CA  1 
ATOM   432  C C   . ASN A 1 58  ? -2.623  2.129   -13.062 1.00 23.29 ? 67  ASN A C   1 
ATOM   433  O O   . ASN A 1 58  ? -2.684  3.309   -13.163 1.00 26.09 ? 67  ASN A O   1 
ATOM   434  C CB  . ASN A 1 58  ? -2.365  1.887   -15.574 1.00 25.01 ? 67  ASN A CB  1 
ATOM   435  C CG  . ASN A 1 58  ? -2.470  0.977   -16.766 1.00 25.96 ? 67  ASN A CG  1 
ATOM   436  O OD1 . ASN A 1 58  ? -3.479  0.897   -17.395 1.00 24.70 ? 67  ASN A OD1 1 
ATOM   437  N ND2 . ASN A 1 58  ? -1.421  0.305   -17.056 1.00 23.00 ? 67  ASN A ND2 1 
ATOM   438  N N   . PRO A 1 59  ? -2.461  1.534   -11.902 1.00 23.48 ? 68  PRO A N   1 
ATOM   439  C CA  . PRO A 1 59  ? -2.513  2.303   -10.642 1.00 26.01 ? 68  PRO A CA  1 
ATOM   440  C C   . PRO A 1 59  ? -1.367  3.282   -10.427 1.00 24.74 ? 68  PRO A C   1 
ATOM   441  O O   . PRO A 1 59  ? -1.480  4.150   -9.594  1.00 26.13 ? 68  PRO A O   1 
ATOM   442  C CB  . PRO A 1 59  ? -2.538  1.208   -9.560  1.00 25.14 ? 68  PRO A CB  1 
ATOM   443  C CG  . PRO A 1 59  ? -2.033  -0.019  -10.182 1.00 28.09 ? 68  PRO A CG  1 
ATOM   444  C CD  . PRO A 1 59  ? -2.263  0.096   -11.674 1.00 24.18 ? 68  PRO A CD  1 
ATOM   445  N N   . LYS A 1 60  ? -0.245  3.113   -11.073 1.00 29.16 ? 69  LYS A N   1 
ATOM   446  C CA  . LYS A 1 60  ? 0.838   4.065   -10.931 1.00 27.08 ? 69  LYS A CA  1 
ATOM   447  C C   . LYS A 1 60  ? 0.546   5.432   -11.528 1.00 28.05 ? 69  LYS A C   1 
ATOM   448  O O   . LYS A 1 60  ? 0.987   6.414   -11.022 1.00 29.03 ? 69  LYS A O   1 
ATOM   449  C CB  . LYS A 1 60  ? 2.164   3.523   -11.488 1.00 27.80 ? 69  LYS A CB  1 
ATOM   450  C CG  . LYS A 1 60  ? 2.725   2.280   -10.825 1.00 31.13 ? 69  LYS A CG  1 
ATOM   451  C CD  . LYS A 1 60  ? 4.119   1.920   -11.366 1.00 40.17 ? 69  LYS A CD  1 
ATOM   452  C CE  . LYS A 1 60  ? 4.534   0.493   -11.015 1.00 40.51 ? 69  LYS A CE  1 
ATOM   453  N NZ  . LYS A 1 60  ? 5.242   -0.209  -12.125 1.00 45.16 ? 69  LYS A NZ  1 
ATOM   454  N N   . SER A 1 61  ? -0.137  5.441   -12.655 1.00 23.14 ? 70  SER A N   1 
ATOM   455  C CA  . SER A 1 61  ? -0.346  6.621   -13.412 1.00 26.96 ? 70  SER A CA  1 
ATOM   456  C C   . SER A 1 61  ? -1.752  7.165   -13.337 1.00 27.25 ? 70  SER A C   1 
ATOM   457  O O   . SER A 1 61  ? -1.979  8.360   -13.550 1.00 27.64 ? 70  SER A O   1 
ATOM   458  C CB  . SER A 1 61  ? 0.094   6.385   -14.891 1.00 29.19 ? 70  SER A CB  1 
ATOM   459  O OG  . SER A 1 61  ? -0.768  5.392   -15.495 1.00 30.81 ? 70  SER A OG  1 
ATOM   460  N N   . ASP A 1 62  ? -2.759  6.299   -13.057 1.00 26.00 ? 71  ASP A N   1 
ATOM   461  C CA  . ASP A 1 62  ? -4.079  6.664   -13.227 1.00 23.78 ? 71  ASP A CA  1 
ATOM   462  C C   . ASP A 1 62  ? -4.527  7.402   -11.935 1.00 23.59 ? 71  ASP A C   1 
ATOM   463  O O   . ASP A 1 62  ? -4.455  6.826   -10.872 1.00 25.72 ? 71  ASP A O   1 
ATOM   464  C CB  . ASP A 1 62  ? -4.994  5.429   -13.534 1.00 23.18 ? 71  ASP A CB  1 
ATOM   465  C CG  . ASP A 1 62  ? -6.422  5.801   -13.893 1.00 24.32 ? 71  ASP A CG  1 
ATOM   466  O OD1 . ASP A 1 62  ? -6.760  7.017   -14.029 1.00 23.96 ? 71  ASP A OD1 1 
ATOM   467  O OD2 . ASP A 1 62  ? -7.213  4.888   -14.137 1.00 23.07 ? 71  ASP A OD2 1 
ATOM   468  N N   . ARG A 1 63  ? -4.928  8.644   -12.094 1.00 24.18 ? 72  ARG A N   1 
ATOM   469  C CA  . ARG A 1 63  ? -5.364  9.501   -10.971 1.00 27.52 ? 72  ARG A CA  1 
ATOM   470  C C   . ARG A 1 63  ? -6.831  9.345   -10.673 1.00 24.16 ? 72  ARG A C   1 
ATOM   471  O O   . ARG A 1 63  ? -7.683  9.376   -11.543 1.00 25.07 ? 72  ARG A O   1 
ATOM   472  C CB  . ARG A 1 63  ? -5.070  10.986  -11.280 1.00 26.01 ? 72  ARG A CB  1 
ATOM   473  C CG  . ARG A 1 63  ? -3.579  11.311  -11.102 1.00 28.62 ? 72  ARG A CG  1 
ATOM   474  C CD  . ARG A 1 63  ? -3.372  12.817  -11.401 1.00 32.71 ? 72  ARG A CD  1 
ATOM   475  N NE  . ARG A 1 63  ? -1.913  13.117  -11.489 1.00 30.60 ? 72  ARG A NE  1 
ATOM   476  C CZ  . ARG A 1 63  ? -1.432  14.354  -11.528 1.00 32.45 ? 72  ARG A CZ  1 
ATOM   477  N NH1 . ARG A 1 63  ? -0.121  14.569  -11.600 1.00 38.33 ? 72  ARG A NH1 1 
ATOM   478  N NH2 . ARG A 1 63  ? -2.245  15.391  -11.537 1.00 32.40 ? 72  ARG A NH2 1 
ATOM   479  N N   . TYR A 1 64  ? -7.122  9.162   -9.385  1.00 25.14 ? 73  TYR A N   1 
ATOM   480  C CA  . TYR A 1 64  ? -8.493  9.119   -8.874  1.00 23.72 ? 73  TYR A CA  1 
ATOM   481  C C   . TYR A 1 64  ? -8.770  10.302  -7.996  1.00 26.21 ? 73  TYR A C   1 
ATOM   482  O O   . TYR A 1 64  ? -7.884  11.095  -7.678  1.00 27.28 ? 73  TYR A O   1 
ATOM   483  C CB  . TYR A 1 64  ? -8.752  7.816   -8.123  1.00 24.68 ? 73  TYR A CB  1 
ATOM   484  C CG  . TYR A 1 64  ? -7.739  7.526   -7.052  1.00 25.03 ? 73  TYR A CG  1 
ATOM   485  C CD1 . TYR A 1 64  ? -7.811  8.125   -5.794  1.00 24.01 ? 73  TYR A CD1 1 
ATOM   486  C CD2 . TYR A 1 64  ? -6.677  6.676   -7.299  1.00 23.65 ? 73  TYR A CD2 1 
ATOM   487  C CE1 . TYR A 1 64  ? -6.859  7.862   -4.821  1.00 24.54 ? 73  TYR A CE1 1 
ATOM   488  C CE2 . TYR A 1 64  ? -5.677  6.446   -6.346  1.00 27.52 ? 73  TYR A CE2 1 
ATOM   489  C CZ  . TYR A 1 64  ? -5.775  6.979   -5.101  1.00 24.34 ? 73  TYR A CZ  1 
ATOM   490  O OH  . TYR A 1 64  ? -4.792  6.781   -4.158  1.00 23.54 ? 73  TYR A OH  1 
ATOM   491  N N   . LYS A 1 65  ? -10.031 10.483  -7.600  1.00 27.59 ? 74  LYS A N   1 
ATOM   492  C CA  . LYS A 1 65  ? -10.313 11.541  -6.664  1.00 31.63 ? 74  LYS A CA  1 
ATOM   493  C C   . LYS A 1 65  ? -10.907 10.961  -5.399  1.00 27.91 ? 74  LYS A C   1 
ATOM   494  O O   . LYS A 1 65  ? -11.669 10.007  -5.476  1.00 26.73 ? 74  LYS A O   1 
ATOM   495  C CB  . LYS A 1 65  ? -11.272 12.517  -7.311  1.00 35.57 ? 74  LYS A CB  1 
ATOM   496  C CG  . LYS A 1 65  ? -10.598 13.334  -8.438  1.00 38.01 ? 74  LYS A CG  1 
ATOM   497  C CD  . LYS A 1 65  ? -9.515  14.212  -7.824  1.00 41.35 ? 74  LYS A CD  1 
ATOM   498  C CE  . LYS A 1 65  ? -8.431  14.614  -8.832  1.00 45.26 ? 74  LYS A CE  1 
ATOM   499  N NZ  . LYS A 1 65  ? -7.149  15.066  -8.216  1.00 58.25 ? 74  LYS A NZ  1 
ATOM   500  N N   . TYR A 1 66  ? -10.474 11.516  -4.263  1.00 25.14 ? 75  TYR A N   1 
ATOM   501  C CA  . TYR A 1 66  ? -11.129 11.177  -3.016  1.00 29.98 ? 75  TYR A CA  1 
ATOM   502  C C   . TYR A 1 66  ? -11.287 12.361  -2.090  1.00 28.77 ? 75  TYR A C   1 
ATOM   503  O O   . TYR A 1 66  ? -10.630 13.387  -2.252  1.00 28.95 ? 75  TYR A O   1 
ATOM   504  C CB  . TYR A 1 66  ? -10.331 10.072  -2.310  1.00 26.53 ? 75  TYR A CB  1 
ATOM   505  C CG  . TYR A 1 66  ? -8.991  10.528  -1.762  1.00 27.90 ? 75  TYR A CG  1 
ATOM   506  C CD1 . TYR A 1 66  ? -7.824  10.502  -2.567  1.00 25.52 ? 75  TYR A CD1 1 
ATOM   507  C CD2 . TYR A 1 66  ? -8.852  10.899  -0.454  1.00 27.22 ? 75  TYR A CD2 1 
ATOM   508  C CE1 . TYR A 1 66  ? -6.601  10.891  -2.062  1.00 27.14 ? 75  TYR A CE1 1 
ATOM   509  C CE2 . TYR A 1 66  ? -7.610  11.329  0.049   1.00 27.24 ? 75  TYR A CE2 1 
ATOM   510  C CZ  . TYR A 1 66  ? -6.503  11.266  -0.757  1.00 28.11 ? 75  TYR A CZ  1 
ATOM   511  O OH  . TYR A 1 66  ? -5.290  11.638  -0.255  1.00 30.53 ? 75  TYR A OH  1 
ATOM   512  N N   . LYS A 1 67  ? -12.116 12.217  -1.084  1.00 29.55 ? 76  LYS A N   1 
ATOM   513  C CA  . LYS A 1 67  ? -12.389 13.278  -0.134  1.00 30.16 ? 76  LYS A CA  1 
ATOM   514  C C   . LYS A 1 67  ? -12.306 12.727  1.251   1.00 30.76 ? 76  LYS A C   1 
ATOM   515  O O   . LYS A 1 67  ? -12.139 11.555  1.417   1.00 30.88 ? 76  LYS A O   1 
ATOM   516  C CB  . LYS A 1 67  ? -13.775 13.890  -0.329  1.00 29.14 ? 76  LYS A CB  1 
ATOM   517  C CG  . LYS A 1 67  ? -14.898 12.915  -0.217  1.00 30.04 ? 76  LYS A CG  1 
ATOM   518  C CD  . LYS A 1 67  ? -16.252 13.547  -0.304  1.00 35.03 ? 76  LYS A CD  1 
ATOM   519  C CE  . LYS A 1 67  ? -17.283 12.502  -0.603  1.00 38.63 ? 76  LYS A CE  1 
ATOM   520  N NZ  . LYS A 1 67  ? -18.672 13.002  -0.642  1.00 38.53 ? 76  LYS A NZ  1 
ATOM   521  N N   . ARG A 1 68  ? -12.347 13.605  2.247   1.00 32.82 ? 77  ARG A N   1 
ATOM   522  C CA  . ARG A 1 68  ? -12.383 13.189  3.628   1.00 36.39 ? 77  ARG A CA  1 
ATOM   523  C C   . ARG A 1 68  ? -13.735 13.560  4.175   1.00 37.88 ? 77  ARG A C   1 
ATOM   524  O O   . ARG A 1 68  ? -14.152 14.657  3.966   1.00 40.23 ? 77  ARG A O   1 
ATOM   525  C CB  . ARG A 1 68  ? -11.327 13.917  4.409   1.00 35.26 ? 77  ARG A CB  1 
ATOM   526  C CG  . ARG A 1 68  ? -9.925  13.592  4.016   1.00 35.01 ? 77  ARG A CG  1 
ATOM   527  C CD  . ARG A 1 68  ? -9.341  12.526  4.887   1.00 33.75 ? 77  ARG A CD  1 
ATOM   528  N NE  . ARG A 1 68  ? -8.068  12.078  4.398   1.00 32.27 ? 77  ARG A NE  1 
ATOM   529  C CZ  . ARG A 1 68  ? -7.447  11.028  4.875   1.00 28.19 ? 77  ARG A CZ  1 
ATOM   530  N NH1 . ARG A 1 68  ? -7.978  10.354  5.833   1.00 32.09 ? 77  ARG A NH1 1 
ATOM   531  N NH2 . ARG A 1 68  ? -6.302  10.670  4.408   1.00 28.98 ? 77  ARG A NH2 1 
ATOM   532  N N   . VAL A 1 69  ? -14.432 12.618  4.800   1.00 44.12 ? 78  VAL A N   1 
ATOM   533  C CA  . VAL A 1 69  ? -15.678 12.909  5.513   1.00 43.85 ? 78  VAL A CA  1 
ATOM   534  C C   . VAL A 1 69  ? -15.492 12.490  6.964   1.00 58.60 ? 78  VAL A C   1 
ATOM   535  O O   . VAL A 1 69  ? -15.424 11.309  7.234   1.00 66.54 ? 78  VAL A O   1 
ATOM   536  C CB  . VAL A 1 69  ? -16.853 12.079  4.989   1.00 41.47 ? 78  VAL A CB  1 
ATOM   537  C CG1 . VAL A 1 69  ? -18.088 12.322  5.798   1.00 46.02 ? 78  VAL A CG1 1 
ATOM   538  C CG2 . VAL A 1 69  ? -17.156 12.381  3.559   1.00 39.42 ? 78  VAL A CG2 1 
ATOM   539  N N   . ASN A 1 70  ? -15.461 13.431  7.890   1.00 57.75 ? 79  ASN A N   1 
ATOM   540  C CA  . ASN A 1 70  ? -15.217 13.070  9.267   1.00 56.53 ? 79  ASN A CA  1 
ATOM   541  C C   . ASN A 1 70  ? -13.833 12.448  9.390   1.00 46.30 ? 79  ASN A C   1 
ATOM   542  O O   . ASN A 1 70  ? -13.597 11.659  10.259  1.00 54.71 ? 79  ASN A O   1 
ATOM   543  C CB  . ASN A 1 70  ? -16.229 12.023  9.701   1.00 58.28 ? 79  ASN A CB  1 
ATOM   544  C CG  . ASN A 1 70  ? -17.543 12.600  10.131  1.00 59.42 ? 79  ASN A CG  1 
ATOM   545  O OD1 . ASN A 1 70  ? -18.112 13.469  9.491   1.00 58.44 ? 79  ASN A OD1 1 
ATOM   546  N ND2 . ASN A 1 70  ? -18.030 12.101  11.229  1.00 59.47 ? 79  ASN A ND2 1 
ATOM   547  N N   . GLY A 1 71  ? -12.930 12.789  8.508   1.00 37.98 ? 80  GLY A N   1 
ATOM   548  C CA  . GLY A 1 71  ? -11.599 12.226  8.534   1.00 42.44 ? 80  GLY A CA  1 
ATOM   549  C C   . GLY A 1 71  ? -11.480 10.927  7.761   1.00 35.18 ? 80  GLY A C   1 
ATOM   550  O O   . GLY A 1 71  ? -10.415 10.548  7.389   1.00 39.31 ? 80  GLY A O   1 
ATOM   551  N N   . ALA A 1 72  ? -12.602 10.317  7.426   1.00 35.14 ? 81  ALA A N   1 
ATOM   552  C CA  . ALA A 1 72  ? -12.613 9.085   6.666   1.00 33.31 ? 81  ALA A CA  1 
ATOM   553  C C   . ALA A 1 72  ? -12.357 9.296   5.198   1.00 31.83 ? 81  ALA A C   1 
ATOM   554  O O   . ALA A 1 72  ? -12.831 10.232  4.638   1.00 32.80 ? 81  ALA A O   1 
ATOM   555  C CB  . ALA A 1 72  ? -13.901 8.354   6.862   1.00 34.11 ? 81  ALA A CB  1 
ATOM   556  N N   . ILE A 1 73  ? -11.600 8.415   4.577   1.00 29.94 ? 82  ILE A N   1 
ATOM   557  C CA  . ILE A 1 73  ? -11.345 8.538   3.152   1.00 25.98 ? 82  ILE A CA  1 
ATOM   558  C C   . ILE A 1 73  ? -12.586 8.059   2.430   1.00 26.95 ? 82  ILE A C   1 
ATOM   559  O O   . ILE A 1 73  ? -13.036 7.002   2.672   1.00 28.51 ? 82  ILE A O   1 
ATOM   560  C CB  . ILE A 1 73  ? -10.153 7.667   2.730   1.00 26.12 ? 82  ILE A CB  1 
ATOM   561  C CG1 . ILE A 1 73  ? -8.863  8.158   3.362   1.00 28.00 ? 82  ILE A CG1 1 
ATOM   562  C CG2 . ILE A 1 73  ? -9.995  7.660   1.243   1.00 26.89 ? 82  ILE A CG2 1 
ATOM   563  C CD1 . ILE A 1 73  ? -7.679  7.223   3.278   1.00 26.23 ? 82  ILE A CD1 1 
ATOM   564  N N   . VAL A 1 74  ? -13.113 8.879   1.543   1.00 24.87 ? 83  VAL A N   1 
ATOM   565  C CA  . VAL A 1 74  ? -14.226 8.481   0.649   1.00 28.51 ? 83  VAL A CA  1 
ATOM   566  C C   . VAL A 1 74  ? -13.771 8.602   -0.795  1.00 25.53 ? 83  VAL A C   1 
ATOM   567  O O   . VAL A 1 74  ? -13.571 9.716   -1.311  1.00 26.85 ? 83  VAL A O   1 
ATOM   568  C CB  . VAL A 1 74  ? -15.523 9.277   0.949   1.00 27.75 ? 83  VAL A CB  1 
ATOM   569  C CG1 . VAL A 1 74  ? -16.683 8.886   0.007   1.00 31.00 ? 83  VAL A CG1 1 
ATOM   570  C CG2 . VAL A 1 74  ? -15.938 9.055   2.395   1.00 28.98 ? 83  VAL A CG2 1 
ATOM   571  N N   . CYS A 1 75  ? -13.683 7.492   -1.503  1.00 24.99 ? 84  CYS A N   1 
ATOM   572  C CA  . CYS A 1 75  ? -13.377 7.539   -2.915  1.00 26.40 ? 84  CYS A CA  1 
ATOM   573  C C   . CYS A 1 75  ? -14.542 8.088   -3.748  1.00 26.65 ? 84  CYS A C   1 
ATOM   574  O O   . CYS A 1 75  ? -15.639 7.677   -3.596  1.00 27.50 ? 84  CYS A O   1 
ATOM   575  C CB  . CYS A 1 75  ? -12.973 6.162   -3.400  1.00 24.93 ? 84  CYS A CB  1 
ATOM   576  S SG  . CYS A 1 75  ? -11.500 5.435   -2.656  1.00 23.79 ? 84  CYS A SG  1 
ATOM   577  N N   . GLU A 1 76  ? -14.261 9.024   -4.632  1.00 27.74 ? 85  GLU A N   1 
ATOM   578  C CA  . GLU A 1 76  ? -15.277 9.668   -5.446  1.00 27.15 ? 85  GLU A CA  1 
ATOM   579  C C   . GLU A 1 76  ? -15.356 9.031   -6.807  1.00 29.10 ? 85  GLU A C   1 
ATOM   580  O O   . GLU A 1 76  ? -14.441 8.441   -7.236  1.00 28.43 ? 85  GLU A O   1 
ATOM   581  C CB  . GLU A 1 76  ? -15.053 11.184  -5.552  1.00 30.39 ? 85  GLU A CB  1 
ATOM   582  C CG  . GLU A 1 76  ? -15.373 11.861  -4.245  1.00 34.37 ? 85  GLU A CG  1 
ATOM   583  C CD  . GLU A 1 76  ? -14.796 13.225  -4.070  1.00 36.52 ? 85  GLU A CD  1 
ATOM   584  O OE1 . GLU A 1 76  ? -13.595 13.409  -4.178  1.00 32.99 ? 85  GLU A OE1 1 
ATOM   585  O OE2 . GLU A 1 76  ? -15.562 14.115  -3.791  1.00 36.50 ? 85  GLU A OE2 1 
ATOM   586  N N   . LYS A 1 77  ? -16.481 9.167   -7.456  1.00 27.15 ? 86  LYS A N   1 
ATOM   587  C CA  . LYS A 1 77  ? -16.748 8.450   -8.649  1.00 29.34 ? 86  LYS A CA  1 
ATOM   588  C C   . LYS A 1 77  ? -15.865 8.916   -9.776  1.00 29.52 ? 86  LYS A C   1 
ATOM   589  O O   . LYS A 1 77  ? -15.850 10.048  -10.097 1.00 28.85 ? 86  LYS A O   1 
ATOM   590  C CB  . LYS A 1 77  ? -18.210 8.692   -8.997  1.00 28.26 ? 86  LYS A CB  1 
ATOM   591  C CG  . LYS A 1 77  ? -18.711 8.029   -10.251 1.00 33.99 ? 86  LYS A CG  1 
ATOM   592  C CD  . LYS A 1 77  ? -20.124 8.442   -10.581 1.00 38.29 ? 86  LYS A CD  1 
ATOM   593  C CE  . LYS A 1 77  ? -21.120 7.659   -9.751  1.00 36.18 ? 86  LYS A CE  1 
ATOM   594  N NZ  . LYS A 1 77  ? -22.537 8.056   -9.977  1.00 38.65 ? 86  LYS A NZ  1 
ATOM   595  N N   . GLY A 1 78  ? -15.144 7.984   -10.357 1.00 35.41 ? 88  GLY A N   1 
ATOM   596  C CA  . GLY A 1 78  ? -14.402 8.134   -11.587 1.00 24.95 ? 88  GLY A CA  1 
ATOM   597  C C   . GLY A 1 78  ? -14.691 6.983   -12.535 1.00 22.44 ? 88  GLY A C   1 
ATOM   598  O O   . GLY A 1 78  ? -15.748 6.496   -12.576 1.00 23.04 ? 88  GLY A O   1 
ATOM   599  N N   . THR A 1 79  ? -13.697 6.553   -13.284 1.00 22.86 ? 89  THR A N   1 
ATOM   600  C CA  . THR A 1 79  ? -13.810 5.371   -14.098 1.00 20.74 ? 89  THR A CA  1 
ATOM   601  C C   . THR A 1 79  ? -13.793 4.161   -13.173 1.00 24.25 ? 89  THR A C   1 
ATOM   602  O O   . THR A 1 79  ? -13.438 4.296   -12.051 1.00 22.06 ? 89  THR A O   1 
ATOM   603  C CB  . THR A 1 79  ? -12.633 5.257   -15.095 1.00 21.65 ? 89  THR A CB  1 
ATOM   604  O OG1 . THR A 1 79  ? -11.438 5.091   -14.374 1.00 21.87 ? 89  THR A OG1 1 
ATOM   605  C CG2 . THR A 1 79  ? -12.515 6.509   -15.931 1.00 21.98 ? 89  THR A CG2 1 
ATOM   606  N N   . SER A 1 80  ? -14.241 3.010   -13.661 1.00 21.21 ? 90  SER A N   1 
ATOM   607  C CA  . SER A 1 80  ? -14.202 1.764   -12.836 1.00 21.74 ? 90  SER A CA  1 
ATOM   608  C C   . SER A 1 80  ? -12.795 1.506   -12.287 1.00 23.26 ? 90  SER A C   1 
ATOM   609  O O   . SER A 1 80  ? -12.637 1.240   -11.121 1.00 22.11 ? 90  SER A O   1 
ATOM   610  C CB  . SER A 1 80  ? -14.851 0.578   -13.577 1.00 25.71 ? 90  SER A CB  1 
ATOM   611  O OG  . SER A 1 80  ? -14.152 0.336   -14.785 1.00 31.62 ? 90  SER A OG  1 
ATOM   612  N N   . CYS A 1 81  ? -11.715 1.623   -13.129 1.00 20.82 ? 91  CYS A N   1 
ATOM   613  C CA  . CYS A 1 81  ? -10.388 1.449   -12.670 1.00 21.41 ? 91  CYS A CA  1 
ATOM   614  C C   . CYS A 1 81  ? -10.039 2.417   -11.582 1.00 19.87 ? 91  CYS A C   1 
ATOM   615  O O   . CYS A 1 81  ? -9.456  2.021   -10.602 1.00 19.94 ? 91  CYS A O   1 
ATOM   616  C CB  . CYS A 1 81  ? -9.388  1.644   -13.853 1.00 20.77 ? 91  CYS A CB  1 
ATOM   617  S SG  . CYS A 1 81  ? -9.153  0.127   -14.838 1.00 21.28 ? 91  CYS A SG  1 
ATOM   618  N N   . GLU A 1 82  ? -10.412 3.673   -11.737 1.00 19.04 ? 92  GLU A N   1 
ATOM   619  C CA  . GLU A 1 82  ? -10.002 4.684   -10.773 1.00 20.13 ? 92  GLU A CA  1 
ATOM   620  C C   . GLU A 1 82  ? -10.708 4.405   -9.451  1.00 20.69 ? 92  GLU A C   1 
ATOM   621  O O   . GLU A 1 82  ? -10.057 4.539   -8.382  1.00 21.33 ? 92  GLU A O   1 
ATOM   622  C CB  . GLU A 1 82  ? -10.433 6.093   -11.274 1.00 22.70 ? 92  GLU A CB  1 
ATOM   623  C CG  . GLU A 1 82  ? -9.451  6.573   -12.368 1.00 20.08 ? 92  GLU A CG  1 
ATOM   624  C CD  . GLU A 1 82  ? -9.950  7.661   -13.233 1.00 20.89 ? 92  GLU A CD  1 
ATOM   625  O OE1 . GLU A 1 82  ? -11.088 8.161   -13.062 1.00 21.30 ? 92  GLU A OE1 1 
ATOM   626  O OE2 . GLU A 1 82  ? -9.147  8.026   -14.182 1.00 22.84 ? 92  GLU A OE2 1 
ATOM   627  N N   . ASN A 1 83  ? -11.958 4.003   -9.528  1.00 20.54 ? 93  ASN A N   1 
ATOM   628  C CA  . ASN A 1 83  ? -12.709 3.648   -8.286  1.00 22.21 ? 93  ASN A CA  1 
ATOM   629  C C   . ASN A 1 83  ? -12.058 2.478   -7.556  1.00 21.14 ? 93  ASN A C   1 
ATOM   630  O O   . ASN A 1 83  ? -11.842 2.560   -6.316  1.00 21.80 ? 93  ASN A O   1 
ATOM   631  C CB  . ASN A 1 83  ? -14.147 3.218   -8.725  1.00 21.79 ? 93  ASN A CB  1 
ATOM   632  C CG  . ASN A 1 83  ? -14.969 4.357   -9.260  1.00 24.93 ? 93  ASN A CG  1 
ATOM   633  O OD1 . ASN A 1 83  ? -14.648 5.527   -9.095  1.00 26.23 ? 93  ASN A OD1 1 
ATOM   634  N ND2 . ASN A 1 83  ? -16.153 3.996   -9.922  1.00 25.86 ? 93  ASN A ND2 1 
ATOM   635  N N   . ARG A 1 84  ? -11.662 1.450   -8.302  1.00 19.23 ? 94  ARG A N   1 
ATOM   636  C CA  . ARG A 1 84  ? -11.104 0.212   -7.741  1.00 20.01 ? 94  ARG A CA  1 
ATOM   637  C C   . ARG A 1 84  ? -9.684  0.489   -7.205  1.00 21.31 ? 94  ARG A C   1 
ATOM   638  O O   . ARG A 1 84  ? -9.321  0.027   -6.127  1.00 20.53 ? 94  ARG A O   1 
ATOM   639  C CB  . ARG A 1 84  ? -11.113 -0.937  -8.786  1.00 21.48 ? 94  ARG A CB  1 
ATOM   640  C CG  . ARG A 1 84  ? -12.566 -1.297  -9.147  1.00 22.63 ? 94  ARG A CG  1 
ATOM   641  C CD  . ARG A 1 84  ? -12.648 -2.078  -10.433 1.00 23.77 ? 94  ARG A CD  1 
ATOM   642  N NE  . ARG A 1 84  ? -12.391 -3.488  -10.162 1.00 28.03 ? 94  ARG A NE  1 
ATOM   643  C CZ  . ARG A 1 84  ? -12.271 -4.398  -11.144 1.00 34.01 ? 94  ARG A CZ  1 
ATOM   644  N NH1 . ARG A 1 84  ? -12.285 -3.994  -12.420 1.00 32.53 ? 94  ARG A NH1 1 
ATOM   645  N NH2 . ARG A 1 84  ? -12.097 -5.701  -10.810 1.00 32.65 ? 94  ARG A NH2 1 
ATOM   646  N N   . ILE A 1 85  ? -8.867  1.199   -7.991  1.00 20.08 ? 95  ILE A N   1 
ATOM   647  C CA  . ILE A 1 85  ? -7.531  1.647   -7.526  1.00 19.50 ? 95  ILE A CA  1 
ATOM   648  C C   . ILE A 1 85  ? -7.621  2.422   -6.226  1.00 21.35 ? 95  ILE A C   1 
ATOM   649  O O   . ILE A 1 85  ? -6.858  2.137   -5.266  1.00 20.88 ? 95  ILE A O   1 
ATOM   650  C CB  . ILE A 1 85  ? -6.824  2.471   -8.588  1.00 19.72 ? 95  ILE A CB  1 
ATOM   651  C CG1 . ILE A 1 85  ? -6.405  1.587   -9.806  1.00 20.91 ? 95  ILE A CG1 1 
ATOM   652  C CG2 . ILE A 1 85  ? -5.577  3.135   -8.055  1.00 20.99 ? 95  ILE A CG2 1 
ATOM   653  C CD1 . ILE A 1 85  ? -6.159  2.515   -11.004 1.00 22.47 ? 95  ILE A CD1 1 
ATOM   654  N N   . CYS A 1 86  ? -8.554  3.387   -6.209  1.00 20.40 ? 96  CYS A N   1 
ATOM   655  C CA  . CYS A 1 86  ? -8.718  4.202   -4.927  1.00 19.12 ? 96  CYS A CA  1 
ATOM   656  C C   . CYS A 1 86  ? -9.024  3.278   -3.727  1.00 19.36 ? 96  CYS A C   1 
ATOM   657  O O   . CYS A 1 86  ? -8.430  3.467   -2.667  1.00 20.09 ? 96  CYS A O   1 
ATOM   658  C CB  . CYS A 1 86  ? -9.813  5.237   -5.137  1.00 22.94 ? 96  CYS A CB  1 
ATOM   659  S SG  . CYS A 1 86  ? -10.043 6.314   -3.758  1.00 22.62 ? 96  CYS A SG  1 
ATOM   660  N N   . GLU A 1 87  ? -9.909  2.338   -3.916  1.00 17.90 ? 97  GLU A N   1 
ATOM   661  C CA  . GLU A 1 87  ? -10.291 1.448   -2.788  1.00 20.32 ? 97  GLU A CA  1 
ATOM   662  C C   . GLU A 1 87  ? -9.095  0.611   -2.352  1.00 21.65 ? 97  GLU A C   1 
ATOM   663  O O   . GLU A 1 87  ? -8.953  0.330   -1.175  1.00 20.26 ? 97  GLU A O   1 
ATOM   664  C CB  . GLU A 1 87  ? -11.515 0.588   -3.192  1.00 20.45 ? 97  GLU A CB  1 
ATOM   665  C CG  . GLU A 1 87  ? -12.817 1.356   -3.313  1.00 22.57 ? 97  GLU A CG  1 
ATOM   666  C CD  . GLU A 1 87  ? -13.297 1.951   -2.017  1.00 23.63 ? 97  GLU A CD  1 
ATOM   667  O OE1 . GLU A 1 87  ? -12.953 1.454   -0.938  1.00 24.29 ? 97  GLU A OE1 1 
ATOM   668  O OE2 . GLU A 1 87  ? -14.088 2.896   -2.072  1.00 24.79 ? 97  GLU A OE2 1 
ATOM   669  N N   . CYS A 1 88  ? -8.217  0.215   -3.283  1.00 19.22 ? 98  CYS A N   1 
ATOM   670  C CA  . CYS A 1 88  ? -7.027  -0.566  -2.885  1.00 19.82 ? 98  CYS A CA  1 
ATOM   671  C C   . CYS A 1 88  ? -6.077  0.367   -2.073  1.00 17.66 ? 98  CYS A C   1 
ATOM   672  O O   . CYS A 1 88  ? -5.472  -0.079  -1.137  1.00 20.28 ? 98  CYS A O   1 
ATOM   673  C CB  . CYS A 1 88  ? -6.154  -1.053  -4.116  1.00 18.19 ? 98  CYS A CB  1 
ATOM   674  S SG  . CYS A 1 88  ? -7.079  -2.314  -5.074  1.00 21.12 ? 98  CYS A SG  1 
ATOM   675  N N   . ASP A 1 89  ? -5.943  1.598   -2.537  1.00 18.98 ? 99  ASP A N   1 
ATOM   676  C CA  . ASP A 1 89  ? -4.959  2.493   -1.917  1.00 18.73 ? 99  ASP A CA  1 
ATOM   677  C C   . ASP A 1 89  ? -5.512  2.957   -0.534  1.00 20.54 ? 99  ASP A C   1 
ATOM   678  O O   . ASP A 1 89  ? -4.716  2.997   0.410   1.00 20.30 ? 99  ASP A O   1 
ATOM   679  C CB  . ASP A 1 89  ? -4.771  3.692   -2.777  1.00 19.02 ? 99  ASP A CB  1 
ATOM   680  C CG  . ASP A 1 89  ? -3.853  3.430   -3.954  1.00 17.28 ? 99  ASP A CG  1 
ATOM   681  O OD1 . ASP A 1 89  ? -3.328  2.335   -4.103  1.00 21.42 ? 99  ASP A OD1 1 
ATOM   682  O OD2 . ASP A 1 89  ? -3.645  4.352   -4.742  1.00 18.97 ? 99  ASP A OD2 1 
ATOM   683  N N   . LYS A 1 90  ? -6.787  3.278   -0.460  1.00 21.37 ? 100 LYS A N   1 
ATOM   684  C CA  . LYS A 1 90  ? -7.490  3.580   0.795   1.00 20.02 ? 100 LYS A CA  1 
ATOM   685  C C   . LYS A 1 90  ? -7.246  2.472   1.823   1.00 20.27 ? 100 LYS A C   1 
ATOM   686  O O   . LYS A 1 90  ? -6.873  2.761   3.033   1.00 21.24 ? 100 LYS A O   1 
ATOM   687  C CB  . LYS A 1 90  ? -8.985  3.799   0.575   1.00 20.04 ? 100 LYS A CB  1 
ATOM   688  C CG  . LYS A 1 90  ? -9.834  3.882   1.854   1.00 21.51 ? 100 LYS A CG  1 
ATOM   689  C CD  . LYS A 1 90  ? -11.304 4.001   1.504   1.00 23.05 ? 100 LYS A CD  1 
ATOM   690  C CE  . LYS A 1 90  ? -12.104 3.969   2.819   1.00 24.25 ? 100 LYS A CE  1 
ATOM   691  N NZ  . LYS A 1 90  ? -13.549 4.184   2.645   1.00 22.81 ? 100 LYS A NZ  1 
ATOM   692  N N   . ALA A 1 91  ? -7.475  1.244   1.443   1.00 20.20 ? 101 ALA A N   1 
ATOM   693  C CA  . ALA A 1 91  ? -7.270  0.075   2.310   1.00 19.82 ? 101 ALA A CA  1 
ATOM   694  C C   . ALA A 1 91  ? -5.824  0.032   2.829   1.00 20.40 ? 101 ALA A C   1 
ATOM   695  O O   . ALA A 1 91  ? -5.565  -0.197  3.989   1.00 20.59 ? 101 ALA A O   1 
ATOM   696  C CB  . ALA A 1 91  ? -7.630  -1.217  1.572   1.00 19.87 ? 101 ALA A CB  1 
ATOM   697  N N   . ALA A 1 92  ? -4.859  0.232   1.931   1.00 19.07 ? 102 ALA A N   1 
ATOM   698  C CA  . ALA A 1 92  ? -3.472  0.145   2.337   1.00 20.03 ? 102 ALA A CA  1 
ATOM   699  C C   . ALA A 1 92  ? -3.093  1.248   3.347   1.00 21.40 ? 102 ALA A C   1 
ATOM   700  O O   . ALA A 1 92  ? -2.384  0.977   4.273   1.00 21.83 ? 102 ALA A O   1 
ATOM   701  C CB  . ALA A 1 92  ? -2.539  0.173   1.086   1.00 20.79 ? 102 ALA A CB  1 
ATOM   702  N N   . ALA A 1 93  ? -3.598  2.468   3.097   1.00 20.64 ? 103 ALA A N   1 
ATOM   703  C CA  . ALA A 1 93  ? -3.226  3.630   3.939   1.00 20.62 ? 103 ALA A CA  1 
ATOM   704  C C   . ALA A 1 93  ? -3.825  3.368   5.317   1.00 22.59 ? 103 ALA A C   1 
ATOM   705  O O   . ALA A 1 93  ? -3.184  3.635   6.325   1.00 22.70 ? 103 ALA A O   1 
ATOM   706  C CB  . ALA A 1 93  ? -3.785  4.900   3.320   1.00 21.12 ? 103 ALA A CB  1 
ATOM   707  N N   . ILE A 1 94  ? -5.043  2.865   5.333   1.00 23.02 ? 104 ILE A N   1 
ATOM   708  C CA  . ILE A 1 94  ? -5.749  2.596   6.617   1.00 21.26 ? 104 ILE A CA  1 
ATOM   709  C C   . ILE A 1 94  ? -5.007  1.428   7.329   1.00 22.91 ? 104 ILE A C   1 
ATOM   710  O O   . ILE A 1 94  ? -4.770  1.496   8.570   1.00 22.34 ? 104 ILE A O   1 
ATOM   711  C CB  . ILE A 1 94  ? -7.224  2.234   6.373   1.00 23.18 ? 104 ILE A CB  1 
ATOM   712  C CG1 . ILE A 1 94  ? -8.025  3.481   6.002   1.00 22.58 ? 104 ILE A CG1 1 
ATOM   713  C CG2 . ILE A 1 94  ? -7.819  1.623   7.662   1.00 23.25 ? 104 ILE A CG2 1 
ATOM   714  C CD1 . ILE A 1 94  ? -9.433  3.168   5.480   1.00 23.75 ? 104 ILE A CD1 1 
ATOM   715  N N   . CYS A 1 95  ? -4.554  0.448   6.571   1.00 21.80 ? 105 CYS A N   1 
ATOM   716  C CA  . CYS A 1 95  ? -3.826  -0.712  7.081   1.00 22.70 ? 105 CYS A CA  1 
ATOM   717  C C   . CYS A 1 95  ? -2.504  -0.264  7.744   1.00 24.40 ? 105 CYS A C   1 
ATOM   718  O O   . CYS A 1 95  ? -2.187  -0.719  8.830   1.00 24.70 ? 105 CYS A O   1 
ATOM   719  C CB  . CYS A 1 95  ? -3.583  -1.769  5.960   1.00 19.54 ? 105 CYS A CB  1 
ATOM   720  S SG  . CYS A 1 95  ? -2.980  -3.322  6.600   1.00 22.66 ? 105 CYS A SG  1 
ATOM   721  N N   . PHE A 1 96  ? -1.751  0.576   7.047   1.00 23.19 ? 106 PHE A N   1 
ATOM   722  C CA  . PHE A 1 96  ? -0.493  1.164   7.578   1.00 24.18 ? 106 PHE A CA  1 
ATOM   723  C C   . PHE A 1 96  ? -0.812  1.871   8.895   1.00 27.37 ? 106 PHE A C   1 
ATOM   724  O O   . PHE A 1 96  ? -0.116  1.671   9.871   1.00 27.23 ? 106 PHE A O   1 
ATOM   725  C CB  . PHE A 1 96  ? 0.072   2.176   6.616   1.00 22.50 ? 106 PHE A CB  1 
ATOM   726  C CG  . PHE A 1 96  ? 0.671   1.564   5.327   1.00 20.98 ? 106 PHE A CG  1 
ATOM   727  C CD1 . PHE A 1 96  ? 1.085   0.250   5.282   1.00 23.92 ? 106 PHE A CD1 1 
ATOM   728  C CD2 . PHE A 1 96  ? 0.705   2.303   4.223   1.00 23.56 ? 106 PHE A CD2 1 
ATOM   729  C CE1 . PHE A 1 96  ? 1.611   -0.276  4.075   1.00 21.42 ? 106 PHE A CE1 1 
ATOM   730  C CE2 . PHE A 1 96  ? 1.204   1.821   3.026   1.00 22.64 ? 106 PHE A CE2 1 
ATOM   731  C CZ  . PHE A 1 96  ? 1.652   0.536   2.958   1.00 22.32 ? 106 PHE A CZ  1 
ATOM   732  N N   . ARG A 1 97  ? -1.810  2.738   8.886   1.00 24.17 ? 107 ARG A N   1 
ATOM   733  C CA  . ARG A 1 97  ? -2.260  3.486   10.138  1.00 27.98 ? 107 ARG A CA  1 
ATOM   734  C C   . ARG A 1 97  ? -2.545  2.530   11.283  1.00 29.28 ? 107 ARG A C   1 
ATOM   735  O O   . ARG A 1 97  ? -2.080  2.744   12.427  1.00 28.44 ? 107 ARG A O   1 
ATOM   736  C CB  . ARG A 1 97  ? -3.503  4.289   9.828   1.00 28.03 ? 107 ARG A CB  1 
ATOM   737  C CG  . ARG A 1 97  ? -4.075  5.102   11.012  1.00 29.28 ? 107 ARG A CG  1 
ATOM   738  C CD  . ARG A 1 97  ? -3.094  6.161   11.482  1.00 29.52 ? 107 ARG A CD  1 
ATOM   739  N NE  . ARG A 1 97  ? -3.758  6.877   12.602  1.00 38.43 ? 107 ARG A NE  1 
ATOM   740  C CZ  . ARG A 1 97  ? -3.634  6.510   13.887  1.00 43.02 ? 107 ARG A CZ  1 
ATOM   741  N NH1 . ARG A 1 97  ? -4.307  7.156   14.834  1.00 39.13 ? 107 ARG A NH1 1 
ATOM   742  N NH2 . ARG A 1 97  ? -2.842  5.467   14.204  1.00 38.61 ? 107 ARG A NH2 1 
ATOM   743  N N   . GLN A 1 98  ? -3.295  1.475   11.029  1.00 25.36 ? 108 GLN A N   1 
ATOM   744  C CA  . GLN A 1 98  ? -3.685  0.573   12.095  1.00 26.96 ? 108 GLN A CA  1 
ATOM   745  C C   . GLN A 1 98  ? -2.479  -0.139  12.704  1.00 27.56 ? 108 GLN A C   1 
ATOM   746  O O   . GLN A 1 98  ? -2.533  -0.590  13.845  1.00 30.48 ? 108 GLN A O   1 
ATOM   747  C CB  . GLN A 1 98  ? -4.669  -0.443  11.555  1.00 26.29 ? 108 GLN A CB  1 
ATOM   748  C CG  . GLN A 1 98  ? -5.347  -1.315  12.597  1.00 30.73 ? 108 GLN A CG  1 
ATOM   749  C CD  . GLN A 1 98  ? -6.758  -1.787  12.150  1.00 33.70 ? 108 GLN A CD  1 
ATOM   750  O OE1 . GLN A 1 98  ? -7.735  -1.803  12.975  1.00 34.48 ? 108 GLN A OE1 1 
ATOM   751  N NE2 . GLN A 1 98  ? -6.896  -2.150  10.871  1.00 28.56 ? 108 GLN A NE2 1 
ATOM   752  N N   . ASN A 1 99  ? -1.394  -0.273  11.945  1.00 25.66 ? 109 ASN A N   1 
ATOM   753  C CA  . ASN A 1 99  ? -0.251  -1.085  12.318  1.00 26.09 ? 109 ASN A CA  1 
ATOM   754  C C   . ASN A 1 99  ? 1.035   -0.293  12.600  1.00 24.22 ? 109 ASN A C   1 
ATOM   755  O O   . ASN A 1 99  ? 2.118   -0.890  12.665  1.00 28.16 ? 109 ASN A O   1 
ATOM   756  C CB  . ASN A 1 99  ? -0.012  -2.130  11.236  1.00 26.19 ? 109 ASN A CB  1 
ATOM   757  C CG  . ASN A 1 99  ? -1.113  -3.160  11.239  1.00 27.37 ? 109 ASN A CG  1 
ATOM   758  O OD1 . ASN A 1 99  ? -1.218  -3.919  12.213  1.00 27.71 ? 109 ASN A OD1 1 
ATOM   759  N ND2 . ASN A 1 99  ? -1.887  -3.237  10.173  1.00 29.43 ? 109 ASN A ND2 1 
ATOM   760  N N   . LEU A 1 100 ? 0.880   1.034   12.776  1.00 27.40 ? 110 LEU A N   1 
ATOM   761  C CA  . LEU A 1 100 ? 2.013   1.916   13.129  1.00 27.52 ? 110 LEU A CA  1 
ATOM   762  C C   . LEU A 1 100 ? 2.696   1.507   14.407  1.00 27.83 ? 110 LEU A C   1 
ATOM   763  O O   . LEU A 1 100 ? 3.949   1.715   14.538  1.00 32.80 ? 110 LEU A O   1 
ATOM   764  C CB  . LEU A 1 100 ? 1.574   3.341   13.247  1.00 26.10 ? 110 LEU A CB  1 
ATOM   765  C CG  . LEU A 1 100 ? 1.459   4.167   11.982  1.00 29.43 ? 110 LEU A CG  1 
ATOM   766  C CD1 . LEU A 1 100 ? 0.736   5.514   12.236  1.00 29.40 ? 110 LEU A CD1 1 
ATOM   767  C CD2 . LEU A 1 100 ? 2.833   4.317   11.343  1.00 32.51 ? 110 LEU A CD2 1 
ATOM   768  N N   . ASN A 1 101 ? 1.913   0.949   15.345  1.00 33.34 ? 111 ASN A N   1 
ATOM   769  C CA  . ASN A 1 101 ? 2.407   0.454   16.634  1.00 36.98 ? 111 ASN A CA  1 
ATOM   770  C C   . ASN A 1 101 ? 3.468   -0.669  16.516  1.00 38.81 ? 111 ASN A C   1 
ATOM   771  O O   . ASN A 1 101 ? 4.331   -0.807  17.386  1.00 35.74 ? 111 ASN A O   1 
ATOM   772  C CB  . ASN A 1 101 ? 1.200   0.001   17.494  1.00 37.53 ? 111 ASN A CB  1 
ATOM   773  C CG  . ASN A 1 101 ? 0.551   -1.338  17.014  1.00 39.93 ? 111 ASN A CG  1 
ATOM   774  O OD1 . ASN A 1 101 ? 0.449   -2.305  17.788  1.00 44.12 ? 111 ASN A OD1 1 
ATOM   775  N ND2 . ASN A 1 101 ? 0.076   -1.400  15.747  1.00 39.28 ? 111 ASN A ND2 1 
ATOM   776  N N   . THR A 1 102 ? 3.447   -1.432  15.430  1.00 30.89 ? 112 THR A N   1 
ATOM   777  C CA  . THR A 1 102 ? 4.413   -2.507  15.233  1.00 28.71 ? 112 THR A CA  1 
ATOM   778  C C   . THR A 1 102 ? 5.336   -2.279  14.062  1.00 30.47 ? 112 THR A C   1 
ATOM   779  O O   . THR A 1 102 ? 6.147   -3.142  13.759  1.00 31.04 ? 112 THR A O   1 
ATOM   780  C CB  . THR A 1 102 ? 3.765   -3.865  15.035  1.00 30.07 ? 112 THR A CB  1 
ATOM   781  O OG1 . THR A 1 102 ? 2.920   -3.790  13.880  1.00 33.80 ? 112 THR A OG1 1 
ATOM   782  C CG2 . THR A 1 102 ? 2.909   -4.181  16.230  1.00 32.12 ? 112 THR A CG2 1 
ATOM   783  N N   . TYR A 1 103 ? 5.223   -1.133  13.418  1.00 29.29 ? 113 TYR A N   1 
ATOM   784  C CA  . TYR A 1 103 ? 6.204   -0.746  12.353  1.00 28.41 ? 113 TYR A CA  1 
ATOM   785  C C   . TYR A 1 103 ? 7.611   -0.785  12.951  1.00 31.42 ? 113 TYR A C   1 
ATOM   786  O O   . TYR A 1 103 ? 7.810   -0.296  14.061  1.00 32.24 ? 113 TYR A O   1 
ATOM   787  C CB  . TYR A 1 103 ? 5.890   0.673   11.847  1.00 31.32 ? 113 TYR A CB  1 
ATOM   788  C CG  . TYR A 1 103 ? 6.800   1.169   10.752  1.00 33.00 ? 113 TYR A CG  1 
ATOM   789  C CD1 . TYR A 1 103 ? 8.092   1.649   11.035  1.00 32.68 ? 113 TYR A CD1 1 
ATOM   790  C CD2 . TYR A 1 103 ? 6.387   1.196   9.432   1.00 32.32 ? 113 TYR A CD2 1 
ATOM   791  C CE1 . TYR A 1 103 ? 8.956   2.092   10.030  1.00 35.54 ? 113 TYR A CE1 1 
ATOM   792  C CE2 . TYR A 1 103 ? 7.235   1.628   8.424   1.00 31.33 ? 113 TYR A CE2 1 
ATOM   793  C CZ  . TYR A 1 103 ? 8.524   2.104   8.722   1.00 36.37 ? 113 TYR A CZ  1 
ATOM   794  O OH  . TYR A 1 103 ? 9.373   2.524   7.726   1.00 33.21 ? 113 TYR A OH  1 
ATOM   795  N N   . SER A 1 104 ? 8.578   -1.314  12.204  1.00 30.80 ? 114 SER A N   1 
ATOM   796  C CA  . SER A 1 104 ? 9.937   -1.520  12.720  1.00 31.98 ? 114 SER A CA  1 
ATOM   797  C C   . SER A 1 104 ? 10.986  -1.120  11.706  1.00 30.67 ? 114 SER A C   1 
ATOM   798  O O   . SER A 1 104 ? 11.005  -1.554  10.556  1.00 30.77 ? 114 SER A O   1 
ATOM   799  C CB  . SER A 1 104 ? 10.179  -2.968  13.172  1.00 34.03 ? 114 SER A CB  1 
ATOM   800  O OG  . SER A 1 104 ? 11.496  -3.130  13.791  1.00 40.09 ? 114 SER A OG  1 
ATOM   801  N N   . LYS A 1 105 ? 11.947  -0.313  12.161  1.00 35.69 ? 115 LYS A N   1 
ATOM   802  C CA  . LYS A 1 105 ? 12.913  0.297   11.233  1.00 34.79 ? 115 LYS A CA  1 
ATOM   803  C C   . LYS A 1 105 ? 13.824  -0.783  10.711  1.00 34.87 ? 115 LYS A C   1 
ATOM   804  O O   . LYS A 1 105 ? 14.465  -0.604  9.668   1.00 38.03 ? 115 LYS A O   1 
ATOM   805  C CB  . LYS A 1 105 ? 13.714  1.393   11.974  1.00 35.28 ? 115 LYS A CB  1 
ATOM   806  C CG  . LYS A 1 105 ? 12.884  2.645   12.205  1.00 45.00 ? 115 LYS A CG  1 
ATOM   807  C CD  . LYS A 1 105 ? 13.730  3.855   12.592  1.00 48.06 ? 115 LYS A CD  1 
ATOM   808  C CE  . LYS A 1 105 ? 13.045  5.123   12.034  1.00 52.17 ? 115 LYS A CE  1 
ATOM   809  N NZ  . LYS A 1 105 ? 13.740  6.370   12.518  1.00 48.32 ? 115 LYS A NZ  1 
ATOM   810  N N   . LYS A 1 106 ? 13.909  -1.891  11.418  1.00 33.55 ? 116 LYS A N   1 
ATOM   811  C CA  . LYS A 1 106 ? 14.764  -3.003  10.978  1.00 35.98 ? 116 LYS A CA  1 
ATOM   812  C C   . LYS A 1 106 ? 14.351  -3.682  9.660   1.00 34.28 ? 116 LYS A C   1 
ATOM   813  O O   . LYS A 1 106 ? 15.147  -4.378  9.030   1.00 34.67 ? 116 LYS A O   1 
ATOM   814  C CB  . LYS A 1 106 ? 14.981  -4.038  12.098  1.00 42.73 ? 116 LYS A CB  1 
ATOM   815  C CG  . LYS A 1 106 ? 13.885  -5.069  12.277  1.00 43.30 ? 116 LYS A CG  1 
ATOM   816  C CD  . LYS A 1 106 ? 14.338  -6.272  13.102  1.00 47.97 ? 116 LYS A CD  1 
ATOM   817  C CE  . LYS A 1 106 ? 13.124  -7.104  13.537  1.00 44.65 ? 116 LYS A CE  1 
ATOM   818  N NZ  . LYS A 1 106 ? 12.086  -6.257  14.229  1.00 47.89 ? 116 LYS A NZ  1 
ATOM   819  N N   . TYR A 1 107 ? 13.068  -3.528  9.285   1.00 30.12 ? 117 TYR A N   1 
ATOM   820  C CA  . TYR A 1 107 ? 12.587  -4.076  8.062   1.00 31.69 ? 117 TYR A CA  1 
ATOM   821  C C   . TYR A 1 107 ? 12.717  -3.068  6.873   1.00 29.50 ? 117 TYR A C   1 
ATOM   822  O O   . TYR A 1 107 ? 12.348  -3.391  5.729   1.00 31.65 ? 117 TYR A O   1 
ATOM   823  C CB  . TYR A 1 107 ? 11.111  -4.526  8.227   1.00 28.73 ? 117 TYR A CB  1 
ATOM   824  C CG  . TYR A 1 107 ? 10.939  -5.711  9.147   1.00 30.15 ? 117 TYR A CG  1 
ATOM   825  C CD1 . TYR A 1 107 ? 11.691  -6.839  8.975   1.00 32.52 ? 117 TYR A CD1 1 
ATOM   826  C CD2 . TYR A 1 107 ? 9.983   -5.688  10.178  1.00 27.28 ? 117 TYR A CD2 1 
ATOM   827  C CE1 . TYR A 1 107 ? 11.535  -7.936  9.824   1.00 30.62 ? 117 TYR A CE1 1 
ATOM   828  C CE2 . TYR A 1 107 ? 9.837   -6.779  11.034  1.00 31.00 ? 117 TYR A CE2 1 
ATOM   829  C CZ  . TYR A 1 107 ? 10.601  -7.880  10.830  1.00 30.69 ? 117 TYR A CZ  1 
ATOM   830  O OH  . TYR A 1 107 ? 10.489  -9.007  11.612  1.00 33.66 ? 117 TYR A OH  1 
ATOM   831  N N   . MET A 1 108 ? 13.257  -1.889  7.118   1.00 28.18 ? 118 MET A N   1 
ATOM   832  C CA  . MET A 1 108 ? 13.551  -0.926  6.041   1.00 32.92 ? 118 MET A CA  1 
ATOM   833  C C   . MET A 1 108 ? 14.761  -1.496  5.310   1.00 33.69 ? 118 MET A C   1 
ATOM   834  O O   . MET A 1 108 ? 15.711  -1.972  5.952   1.00 37.69 ? 118 MET A O   1 
ATOM   835  C CB  . MET A 1 108 ? 13.905  0.470   6.609   1.00 35.64 ? 118 MET A CB  1 
ATOM   836  C CG  . MET A 1 108 ? 12.732  1.098   7.354   1.00 32.81 ? 118 MET A CG  1 
ATOM   837  S SD  . MET A 1 108 ? 13.084  2.744   8.057   1.00 41.61 ? 118 MET A SD  1 
ATOM   838  C CE  . MET A 1 108 ? 13.316  3.669   6.587   1.00 34.09 ? 118 MET A CE  1 
ATOM   839  N N   . LEU A 1 109 ? 14.697  -1.440  3.999   1.00 32.85 ? 119 LEU A N   1 
ATOM   840  C CA  . LEU A 1 109 ? 15.765  -1.964  3.123   1.00 33.92 ? 119 LEU A CA  1 
ATOM   841  C C   . LEU A 1 109 ? 15.992  -3.427  3.393   1.00 36.33 ? 119 LEU A C   1 
ATOM   842  O O   . LEU A 1 109 ? 17.117  -3.920  3.235   1.00 36.69 ? 119 LEU A O   1 
ATOM   843  C CB  . LEU A 1 109 ? 17.092  -1.152  3.304   1.00 30.85 ? 119 LEU A CB  1 
ATOM   844  C CG  . LEU A 1 109 ? 17.010  0.388   3.057   1.00 34.76 ? 119 LEU A CG  1 
ATOM   845  C CD1 . LEU A 1 109 ? 18.353  1.071   3.389   1.00 35.82 ? 119 LEU A CD1 1 
ATOM   846  C CD2 . LEU A 1 109 ? 16.588  0.694   1.658   1.00 32.37 ? 119 LEU A CD2 1 
ATOM   847  N N   . TYR A 1 110 ? 14.941  -4.145  3.713   1.00 28.88 ? 120 TYR A N   1 
ATOM   848  C CA  . TYR A 1 110 ? 15.054  -5.561  3.924   1.00 28.11 ? 120 TYR A CA  1 
ATOM   849  C C   . TYR A 1 110 ? 15.530  -6.286  2.660   1.00 27.85 ? 120 TYR A C   1 
ATOM   850  O O   . TYR A 1 110 ? 15.050  -6.033  1.599   1.00 32.33 ? 120 TYR A O   1 
ATOM   851  C CB  . TYR A 1 110 ? 13.721  -6.117  4.404   1.00 29.27 ? 120 TYR A CB  1 
ATOM   852  C CG  . TYR A 1 110 ? 13.820  -7.433  5.105   1.00 29.79 ? 120 TYR A CG  1 
ATOM   853  C CD1 . TYR A 1 110 ? 14.369  -7.536  6.350   1.00 31.22 ? 120 TYR A CD1 1 
ATOM   854  C CD2 . TYR A 1 110 ? 13.349  -8.565  4.526   1.00 28.94 ? 120 TYR A CD2 1 
ATOM   855  C CE1 . TYR A 1 110 ? 14.464  -8.741  6.981   1.00 33.11 ? 120 TYR A CE1 1 
ATOM   856  C CE2 . TYR A 1 110 ? 13.423  -9.763  5.156   1.00 30.70 ? 120 TYR A CE2 1 
ATOM   857  C CZ  . TYR A 1 110 ? 13.988  -9.848  6.381   1.00 33.23 ? 120 TYR A CZ  1 
ATOM   858  O OH  . TYR A 1 110 ? 14.050  -11.042 6.999   1.00 35.24 ? 120 TYR A OH  1 
ATOM   859  N N   . PRO A 1 111 ? 16.539  -7.236  2.860   1.00 27.83 ? 121 PRO A N   1 
ATOM   860  C CA  . PRO A 1 111 ? 17.010  -7.881  1.628   1.00 27.21 ? 121 PRO A CA  1 
ATOM   861  C C   . PRO A 1 111 ? 16.097  -8.947  1.030   1.00 29.27 ? 121 PRO A C   1 
ATOM   862  O O   . PRO A 1 111 ? 15.504  -9.680  1.733   1.00 29.05 ? 121 PRO A O   1 
ATOM   863  C CB  . PRO A 1 111 ? 18.331  -8.505  2.043   1.00 30.57 ? 121 PRO A CB  1 
ATOM   864  C CG  . PRO A 1 111 ? 18.110  -8.934  3.397   1.00 30.08 ? 121 PRO A CG  1 
ATOM   865  C CD  . PRO A 1 111 ? 17.380  -7.827  4.017   1.00 29.92 ? 121 PRO A CD  1 
ATOM   866  N N   . ASP A 1 112 ? 16.099  -9.050  -0.274  1.00 30.74 ? 122 ASP A N   1 
ATOM   867  C CA  . ASP A 1 112 ? 15.224  -9.929  -0.994  1.00 30.96 ? 122 ASP A CA  1 
ATOM   868  C C   . ASP A 1 112 ? 15.414  -11.412 -0.650  1.00 43.57 ? 122 ASP A C   1 
ATOM   869  O O   . ASP A 1 112 ? 14.479  -12.149 -0.676  1.00 33.94 ? 122 ASP A O   1 
ATOM   870  C CB  . ASP A 1 112 ? 15.394  -9.736  -2.479  1.00 30.43 ? 122 ASP A CB  1 
ATOM   871  C CG  . ASP A 1 112 ? 14.596  -10.710 -3.288  1.00 37.83 ? 122 ASP A CG  1 
ATOM   872  O OD1 . ASP A 1 112 ? 13.451  -10.397 -3.550  1.00 38.11 ? 122 ASP A OD1 1 
ATOM   873  O OD2 . ASP A 1 112 ? 15.112  -11.755 -3.649  1.00 36.48 ? 122 ASP A OD2 1 
ATOM   874  N N   . PHE A 1 113 ? 16.637  -11.840 -0.431  1.00 32.44 ? 124 PHE A N   1 
ATOM   875  C CA  . PHE A 1 113 ? 16.909  -13.247 -0.230  1.00 31.83 ? 124 PHE A CA  1 
ATOM   876  C C   . PHE A 1 113 ? 16.344  -13.799 1.072   1.00 33.24 ? 124 PHE A C   1 
ATOM   877  O O   . PHE A 1 113 ? 16.233  -14.987 1.220   1.00 36.12 ? 124 PHE A O   1 
ATOM   878  C CB  . PHE A 1 113 ? 18.392  -13.563 -0.378  1.00 37.00 ? 124 PHE A CB  1 
ATOM   879  C CG  . PHE A 1 113 ? 19.163  -13.413 0.875   1.00 36.22 ? 124 PHE A CG  1 
ATOM   880  C CD1 . PHE A 1 113 ? 19.347  -12.205 1.430   1.00 34.38 ? 124 PHE A CD1 1 
ATOM   881  C CD2 . PHE A 1 113 ? 19.679  -14.499 1.510   1.00 35.91 ? 124 PHE A CD2 1 
ATOM   882  C CE1 . PHE A 1 113 ? 20.036  -12.057 2.582   1.00 38.05 ? 124 PHE A CE1 1 
ATOM   883  C CE2 . PHE A 1 113 ? 20.372  -14.358 2.668   1.00 39.16 ? 124 PHE A CE2 1 
ATOM   884  C CZ  . PHE A 1 113 ? 20.552  -13.141 3.207   1.00 39.09 ? 124 PHE A CZ  1 
ATOM   885  N N   . LEU A 1 114 ? 16.026  -12.942 2.019   1.00 32.44 ? 125 LEU A N   1 
ATOM   886  C CA  . LEU A 1 114 ? 15.463  -13.379 3.299   1.00 36.12 ? 125 LEU A CA  1 
ATOM   887  C C   . LEU A 1 114 ? 13.954  -13.575 3.289   1.00 40.55 ? 125 LEU A C   1 
ATOM   888  O O   . LEU A 1 114 ? 13.344  -13.894 4.258   1.00 39.07 ? 125 LEU A O   1 
ATOM   889  C CB  . LEU A 1 114 ? 15.826  -12.437 4.408   1.00 34.73 ? 125 LEU A CB  1 
ATOM   890  C CG  . LEU A 1 114 ? 17.217  -12.690 4.943   1.00 40.32 ? 125 LEU A CG  1 
ATOM   891  C CD1 . LEU A 1 114 ? 17.615  -11.672 5.972   1.00 40.29 ? 125 LEU A CD1 1 
ATOM   892  C CD2 . LEU A 1 114 ? 17.336  -14.086 5.484   1.00 39.53 ? 125 LEU A CD2 1 
ATOM   893  N N   . CYS A 1 115 ? 13.388  -13.330 2.156   1.00 35.22 ? 126 CYS A N   1 
ATOM   894  C CA  . CYS A 1 115 ? 11.953  -13.467 1.949   1.00 40.88 ? 126 CYS A CA  1 
ATOM   895  C C   . CYS A 1 115 ? 11.595  -14.919 1.632   1.00 39.42 ? 126 CYS A C   1 
ATOM   896  O O   . CYS A 1 115 ? 11.341  -15.320 0.490   1.00 38.45 ? 126 CYS A O   1 
ATOM   897  C CB  . CYS A 1 115 ? 11.527  -12.456 0.902   1.00 32.99 ? 126 CYS A CB  1 
ATOM   898  S SG  . CYS A 1 115 ? 11.702  -10.776 1.536   1.00 30.01 ? 126 CYS A SG  1 
ATOM   899  N N   . LYS A 1 116 ? 11.616  -15.716 2.702   1.00 45.10 ? 127 LYS A N   1 
ATOM   900  C CA  . LYS A 1 116 ? 11.414  -17.125 2.593   1.00 42.39 ? 127 LYS A CA  1 
ATOM   901  C C   . LYS A 1 116 ? 9.945   -17.430 2.817   1.00 43.71 ? 127 LYS A C   1 
ATOM   902  O O   . LYS A 1 116 ? 9.187   -16.627 3.399   1.00 39.00 ? 127 LYS A O   1 
ATOM   903  C CB  . LYS A 1 116 ? 12.327  -17.898 3.567   1.00 44.54 ? 127 LYS A CB  1 
ATOM   904  C CG  . LYS A 1 116 ? 13.782  -18.009 3.077   1.00 53.81 ? 127 LYS A CG  1 
ATOM   905  C CD  . LYS A 1 116 ? 14.731  -18.515 4.148   1.00 51.20 ? 127 LYS A CD  1 
ATOM   906  C CE  . LYS A 1 116 ? 15.091  -17.391 5.118   1.00 56.97 ? 127 LYS A CE  1 
ATOM   907  N NZ  . LYS A 1 116 ? 15.869  -17.849 6.313   1.00 53.27 ? 127 LYS A NZ  1 
ATOM   908  N N   . GLY A 1 117 ? 9.550   -18.589 2.302   1.00 43.31 ? 128 GLY A N   1 
ATOM   909  C CA  . GLY A 1 117 ? 8.192   -19.100 2.451   1.00 45.41 ? 128 GLY A CA  1 
ATOM   910  C C   . GLY A 1 117 ? 7.387   -18.803 1.195   1.00 47.45 ? 128 GLY A C   1 
ATOM   911  O O   . GLY A 1 117 ? 7.936   -18.377 0.158   1.00 49.29 ? 128 GLY A O   1 
ATOM   912  N N   . GLU A 1 118 ? 6.094   -19.034 1.285   1.00 46.66 ? 129 GLU A N   1 
ATOM   913  C CA  . GLU A 1 118 ? 5.190   -18.625 0.242   1.00 51.07 ? 129 GLU A CA  1 
ATOM   914  C C   . GLU A 1 118 ? 3.827   -18.182 0.764   1.00 45.02 ? 129 GLU A C   1 
ATOM   915  O O   . GLU A 1 118 ? 3.386   -18.612 1.801   1.00 50.22 ? 129 GLU A O   1 
ATOM   916  C CB  . GLU A 1 118 ? 5.037   -19.725 -0.802  1.00 53.23 ? 129 GLU A CB  1 
ATOM   917  C CG  . GLU A 1 118 ? 3.833   -19.567 -1.729  1.00 62.22 ? 129 GLU A CG  1 
ATOM   918  C CD  . GLU A 1 118 ? 4.037   -18.578 -2.858  1.00 63.37 ? 129 GLU A CD  1 
ATOM   919  O OE1 . GLU A 1 118 ? 4.080   -17.366 -2.627  1.00 56.87 ? 129 GLU A OE1 1 
ATOM   920  O OE2 . GLU A 1 118 ? 4.101   -19.019 -4.001  1.00 65.56 ? 129 GLU A OE2 1 
ATOM   921  N N   . LEU A 1 119 ? 3.206   -17.274 0.014   1.00 46.41 ? 130 LEU A N   1 
ATOM   922  C CA  . LEU A 1 119 ? 1.851   -16.858 0.221   1.00 44.55 ? 130 LEU A CA  1 
ATOM   923  C C   . LEU A 1 119 ? 1.125   -16.670 -1.085  1.00 43.78 ? 130 LEU A C   1 
ATOM   924  O O   . LEU A 1 119 ? 1.612   -15.988 -1.924  1.00 44.83 ? 130 LEU A O   1 
ATOM   925  C CB  . LEU A 1 119 ? 1.874   -15.560 0.978   1.00 44.49 ? 130 LEU A CB  1 
ATOM   926  C CG  . LEU A 1 119 ? 0.703   -15.455 1.889   1.00 49.97 ? 130 LEU A CG  1 
ATOM   927  C CD1 . LEU A 1 119 ? 0.878   -16.448 2.993   1.00 52.09 ? 130 LEU A CD1 1 
ATOM   928  C CD2 . LEU A 1 119 ? 0.577   -14.056 2.439   1.00 47.23 ? 130 LEU A CD2 1 
ATOM   929  N N   . LYS A 1 120 ? -0.079  -17.202 -1.207  1.00 37.97 ? 131 LYS A N   1 
ATOM   930  C CA  . LYS A 1 120 ? -0.961  -16.887 -2.327  1.00 46.46 ? 131 LYS A CA  1 
ATOM   931  C C   . LYS A 1 120 ? -2.041  -15.861 -1.922  1.00 39.84 ? 131 LYS A C   1 
ATOM   932  O O   . LYS A 1 120 ? -2.395  -15.764 -0.780  1.00 34.11 ? 131 LYS A O   1 
ATOM   933  C CB  . LYS A 1 120 ? -1.592  -18.142 -2.928  1.00 43.45 ? 131 LYS A CB  1 
ATOM   934  C CG  . LYS A 1 120 ? -0.592  -19.275 -3.111  1.00 53.08 ? 131 LYS A CG  1 
ATOM   935  C CD  . LYS A 1 120 ? -0.828  -20.129 -4.355  1.00 53.67 ? 131 LYS A CD  1 
ATOM   936  C CE  . LYS A 1 120 ? -0.588  -21.616 -4.118  1.00 54.57 ? 131 LYS A CE  1 
ATOM   937  N NZ  . LYS A 1 120 ? -1.668  -22.446 -4.710  1.00 51.19 ? 131 LYS A NZ  1 
ATOM   938  N N   . CYS A 1 121 ? -2.516  -15.088 -2.889  1.00 35.33 ? 133 CYS A N   1 
ATOM   939  C CA  . CYS A 1 121 ? -3.416  -13.971 -2.637  1.00 28.97 ? 133 CYS A CA  1 
ATOM   940  C C   . CYS A 1 121 ? -4.750  -14.369 -2.048  1.00 30.84 ? 133 CYS A C   1 
ATOM   941  O O   . CYS A 1 121 ? -5.130  -13.707 -1.058  1.00 28.82 ? 133 CYS A O   1 
ATOM   942  C CB  . CYS A 1 121 ? -3.602  -13.115 -3.892  1.00 26.97 ? 133 CYS A CB  1 
ATOM   943  S SG  . CYS A 1 121 ? -2.210  -12.022 -4.308  1.00 26.79 ? 133 CYS A SG  1 
ATOM   944  O OXT . CYS A 1 121 ? -5.321  -15.324 -2.621  1.00 36.19 ? 133 CYS A OXT 1 
HETATM 945  N N1  . SPD B 2 .   ? 1.884   -2.678  -2.069  1.00 30.59 ? 201 SPD A N1  1 
HETATM 946  C C2  . SPD B 2 .   ? 3.333   -2.567  -2.284  1.00 45.96 ? 201 SPD A C2  1 
HETATM 947  C C3  . SPD B 2 .   ? 3.743   -1.147  -2.671  1.00 39.65 ? 201 SPD A C3  1 
HETATM 948  C C4  . SPD B 2 .   ? 4.389   -0.463  -1.500  1.00 41.58 ? 201 SPD A C4  1 
HETATM 949  C C5  . SPD B 2 .   ? 3.574   0.724   -1.019  1.00 44.08 ? 201 SPD A C5  1 
HETATM 950  N N6  . SPD B 2 .   ? 4.380   1.906   -0.926  1.00 51.13 ? 201 SPD A N6  1 
HETATM 951  C C7  . SPD B 2 .   ? 4.897   2.603   -2.097  1.00 50.77 ? 201 SPD A C7  1 
HETATM 952  C C8  . SPD B 2 .   ? 5.293   3.973   -1.555  1.00 48.80 ? 201 SPD A C8  1 
HETATM 953  C C9  . SPD B 2 .   ? 5.199   5.086   -2.594  1.00 49.29 ? 201 SPD A C9  1 
HETATM 954  N N10 . SPD B 2 .   ? 3.838   5.606   -2.588  1.00 55.69 ? 201 SPD A N10 1 
HETATM 955  S S   . SO4 C 3 .   ? 0.906   11.442  -10.494 1.00 47.47 ? 202 SO4 A S   1 
HETATM 956  O O1  . SO4 C 3 .   ? 1.589   12.637  -11.041 1.00 55.63 ? 202 SO4 A O1  1 
HETATM 957  O O2  . SO4 C 3 .   ? -0.186  11.082  -11.429 1.00 54.02 ? 202 SO4 A O2  1 
HETATM 958  O O3  . SO4 C 3 .   ? 1.882   10.336  -10.260 1.00 46.71 ? 202 SO4 A O3  1 
HETATM 959  O O4  . SO4 C 3 .   ? 0.207   11.712  -9.200  1.00 48.35 ? 202 SO4 A O4  1 
HETATM 960  O O   . HOH D 4 .   ? -16.878 0.985   -10.171 1.00 43.31 ? 301 HOH A O   1 
HETATM 961  O O   . HOH D 4 .   ? -12.178 1.536   -16.060 1.00 23.18 ? 302 HOH A O   1 
HETATM 962  O O   . HOH D 4 .   ? -15.277 3.165   -16.413 1.00 25.00 ? 303 HOH A O   1 
HETATM 963  O O   . HOH D 4 .   ? 12.089  -12.010 11.309  1.00 39.86 ? 304 HOH A O   1 
HETATM 964  O O   . HOH D 4 .   ? 0.757   12.950  -14.729 1.00 42.20 ? 305 HOH A O   1 
HETATM 965  O O   . HOH D 4 .   ? -9.264  4.825   -15.886 1.00 22.89 ? 306 HOH A O   1 
HETATM 966  O O   . HOH D 4 .   ? -9.449  -2.673  -0.695  1.00 19.58 ? 307 HOH A O   1 
HETATM 967  O O   . HOH D 4 .   ? -8.468  13.759  -4.733  1.00 37.55 ? 308 HOH A O   1 
HETATM 968  O O   . HOH D 4 .   ? -14.402 5.008   -0.250  1.00 25.56 ? 309 HOH A O   1 
HETATM 969  O O   . HOH D 4 .   ? -2.766  4.743   -7.325  1.00 24.67 ? 310 HOH A O   1 
HETATM 970  O O   . HOH D 4 .   ? 7.515   -5.583  13.152  1.00 32.40 ? 311 HOH A O   1 
HETATM 971  O O   . HOH D 4 .   ? -4.992  -2.860  -0.374  1.00 22.48 ? 312 HOH A O   1 
HETATM 972  O O   . HOH D 4 .   ? 6.776   9.813   -0.306  1.00 33.34 ? 313 HOH A O   1 
HETATM 973  O O   . HOH D 4 .   ? 3.985   -3.735  11.310  1.00 29.37 ? 314 HOH A O   1 
HETATM 974  O O   . HOH D 4 .   ? -9.570  11.290  -11.761 1.00 32.53 ? 315 HOH A O   1 
HETATM 975  O O   . HOH D 4 .   ? 3.103   -6.888  13.233  1.00 32.79 ? 316 HOH A O   1 
HETATM 976  O O   . HOH D 4 .   ? -10.905 0.526   0.781   1.00 24.47 ? 317 HOH A O   1 
HETATM 977  O O   . HOH D 4 .   ? -5.732  9.865   -14.692 1.00 31.17 ? 318 HOH A O   1 
HETATM 978  O O   . HOH D 4 .   ? -8.656  -5.036  -14.596 1.00 29.32 ? 319 HOH A O   1 
HETATM 979  O O   . HOH D 4 .   ? -6.243  15.843  -0.054  1.00 60.79 ? 320 HOH A O   1 
HETATM 980  O O   . HOH D 4 .   ? -14.290 1.654   1.399   1.00 31.57 ? 321 HOH A O   1 
HETATM 981  O O   . HOH D 4 .   ? 0.498   0.935   -12.892 1.00 28.95 ? 322 HOH A O   1 
HETATM 982  O O   . HOH D 4 .   ? -18.587 10.600  -5.894  1.00 38.01 ? 323 HOH A O   1 
HETATM 983  O O   . HOH D 4 .   ? -0.507  18.169  -11.514 1.00 60.84 ? 324 HOH A O   1 
HETATM 984  O O   . HOH D 4 .   ? -10.736 -2.257  -5.395  1.00 24.68 ? 325 HOH A O   1 
HETATM 985  O O   . HOH D 4 .   ? -13.523 -1.750  -5.273  1.00 35.15 ? 326 HOH A O   1 
HETATM 986  O O   . HOH D 4 .   ? 9.878   5.350   9.081   1.00 41.59 ? 327 HOH A O   1 
HETATM 987  O O   . HOH D 4 .   ? -2.041  -6.281  7.984   1.00 27.44 ? 328 HOH A O   1 
HETATM 988  O O   . HOH D 4 .   ? 3.304   -12.877 8.008   1.00 31.62 ? 329 HOH A O   1 
HETATM 989  O O   . HOH D 4 .   ? -6.384  1.374   -17.552 1.00 21.41 ? 330 HOH A O   1 
HETATM 990  O O   . HOH D 4 .   ? -6.276  2.424   -14.846 1.00 21.68 ? 331 HOH A O   1 
HETATM 991  O O   . HOH D 4 .   ? 0.283   -6.399  -8.114  1.00 37.76 ? 332 HOH A O   1 
HETATM 992  O O   . HOH D 4 .   ? 4.471   10.564  1.421   1.00 35.00 ? 333 HOH A O   1 
HETATM 993  O O   . HOH D 4 .   ? -11.986 9.122   -9.236  1.00 35.35 ? 334 HOH A O   1 
HETATM 994  O O   . HOH D 4 .   ? -11.794 10.210  -14.825 1.00 27.09 ? 335 HOH A O   1 
HETATM 995  O O   . HOH D 4 .   ? 5.477   14.249  9.046   1.00 49.88 ? 336 HOH A O   1 
HETATM 996  O O   . HOH D 4 .   ? -3.941  -5.014  9.474   1.00 27.68 ? 337 HOH A O   1 
HETATM 997  O O   . HOH D 4 .   ? 8.916   -12.003 10.601  1.00 48.23 ? 338 HOH A O   1 
HETATM 998  O O   . HOH D 4 .   ? 13.668  -14.686 -2.781  1.00 49.01 ? 339 HOH A O   1 
HETATM 999  O O   . HOH D 4 .   ? 9.865   -14.079 4.741   1.00 38.74 ? 340 HOH A O   1 
HETATM 1000 O O   . HOH D 4 .   ? -11.149 16.739  -1.331  1.00 58.17 ? 341 HOH A O   1 
HETATM 1001 O O   . HOH D 4 .   ? 0.285   3.319   -7.087  1.00 30.01 ? 342 HOH A O   1 
HETATM 1002 O O   . HOH D 4 .   ? 2.610   0.980   9.403   1.00 25.63 ? 343 HOH A O   1 
HETATM 1003 O O   . HOH D 4 .   ? -10.530 -3.118  -16.002 1.00 27.70 ? 344 HOH A O   1 
HETATM 1004 O O   . HOH D 4 .   ? 10.260  -4.330  0.178   1.00 44.25 ? 345 HOH A O   1 
HETATM 1005 O O   . HOH D 4 .   ? 17.653  -12.799 -3.485  1.00 32.63 ? 346 HOH A O   1 
HETATM 1006 O O   . HOH D 4 .   ? 0.377   -4.193  14.360  1.00 29.88 ? 347 HOH A O   1 
HETATM 1007 O O   . HOH D 4 .   ? -18.202 13.683  -3.553  1.00 45.60 ? 348 HOH A O   1 
HETATM 1008 O O   . HOH D 4 .   ? -1.964  -8.440  9.571   1.00 32.10 ? 349 HOH A O   1 
HETATM 1009 O O   . HOH D 4 .   ? -2.715  16.610  2.732   1.00 47.91 ? 350 HOH A O   1 
HETATM 1010 O O   . HOH D 4 .   ? 3.154   12.015  -2.992  1.00 47.96 ? 351 HOH A O   1 
HETATM 1011 O O   . HOH D 4 .   ? 8.844   11.681  -0.489  1.00 49.65 ? 352 HOH A O   1 
HETATM 1012 O O   . HOH D 4 .   ? -20.456 10.398  -0.342  1.00 58.46 ? 353 HOH A O   1 
HETATM 1013 O O   . HOH D 4 .   ? -22.857 8.143   -12.603 1.00 39.53 ? 354 HOH A O   1 
HETATM 1014 O O   . HOH D 4 .   ? 12.822  -7.370  0.176   1.00 37.75 ? 355 HOH A O   1 
HETATM 1015 O O   . HOH D 4 .   ? -3.536  11.939  -2.140  1.00 37.51 ? 356 HOH A O   1 
HETATM 1016 O O   . HOH D 4 .   ? -7.923  17.059  -11.461 1.00 59.85 ? 357 HOH A O   1 
HETATM 1017 O O   . HOH D 4 .   ? 8.504   -13.834 7.454   1.00 43.06 ? 358 HOH A O   1 
HETATM 1018 O O   . HOH D 4 .   ? 1.926   0.580   -4.528  1.00 35.82 ? 359 HOH A O   1 
HETATM 1019 O O   . HOH D 4 .   ? -15.465 3.335   -4.499  1.00 43.80 ? 360 HOH A O   1 
HETATM 1020 O O   . HOH D 4 .   ? -12.257 16.345  1.582   1.00 42.06 ? 361 HOH A O   1 
HETATM 1021 O O   . HOH D 4 .   ? -15.842 16.906  2.169   1.00 48.90 ? 362 HOH A O   1 
HETATM 1022 O O   . HOH D 4 .   ? -17.073 5.042   0.818   1.00 53.30 ? 363 HOH A O   1 
HETATM 1023 O O   . HOH D 4 .   ? -16.936 2.118   1.005   1.00 49.19 ? 364 HOH A O   1 
HETATM 1024 O O   . HOH D 4 .   ? -1.175  8.341   13.185  1.00 44.43 ? 365 HOH A O   1 
HETATM 1025 O O   . HOH D 4 .   ? -3.592  -3.004  -11.530 1.00 34.73 ? 366 HOH A O   1 
HETATM 1026 O O   . HOH D 4 .   ? 16.447  -16.746 -1.021  1.00 52.62 ? 367 HOH A O   1 
HETATM 1027 O O   . HOH D 4 .   ? 4.047   -11.205 12.323  1.00 45.26 ? 368 HOH A O   1 
HETATM 1028 O O   . HOH D 4 .   ? -1.189  1.725   15.152  1.00 41.15 ? 369 HOH A O   1 
HETATM 1029 O O   . HOH D 4 .   ? 7.594   11.765  7.777   1.00 53.40 ? 370 HOH A O   1 
HETATM 1030 O O   . HOH D 4 .   ? -14.558 0.615   -6.277  1.00 41.11 ? 371 HOH A O   1 
HETATM 1031 O O   . HOH D 4 .   ? 5.638   -7.502  14.473  1.00 36.29 ? 372 HOH A O   1 
HETATM 1032 O O   . HOH D 4 .   ? 3.668   -9.351  -4.748  1.00 38.76 ? 373 HOH A O   1 
HETATM 1033 O O   . HOH D 4 .   ? -1.526  -3.927  16.504  1.00 41.96 ? 374 HOH A O   1 
HETATM 1034 O O   . HOH D 4 .   ? -6.150  17.360  -6.919  1.00 68.32 ? 375 HOH A O   1 
HETATM 1035 O O   . HOH D 4 .   ? 4.013   12.872  -0.069  1.00 52.19 ? 376 HOH A O   1 
HETATM 1036 O O   . HOH D 4 .   ? -19.089 4.208   -7.797  1.00 59.38 ? 377 HOH A O   1 
HETATM 1037 O O   . HOH D 4 .   ? 0.018   -1.274  20.978  1.00 50.29 ? 378 HOH A O   1 
HETATM 1038 O O   . HOH D 4 .   ? 2.128   -3.639  -7.086  1.00 52.37 ? 379 HOH A O   1 
HETATM 1039 O O   . HOH D 4 .   ? -18.071 9.400   -3.001  1.00 37.50 ? 380 HOH A O   1 
HETATM 1040 O O   . HOH D 4 .   ? -7.845  -4.656  11.442  1.00 29.55 ? 381 HOH A O   1 
HETATM 1041 O O   . HOH D 4 .   ? -18.733 14.922  1.825   1.00 45.13 ? 382 HOH A O   1 
HETATM 1042 O O   . HOH D 4 .   ? 7.342   -16.871 -2.209  1.00 39.23 ? 383 HOH A O   1 
HETATM 1043 O O   . HOH D 4 .   ? -0.466  -3.040  -11.399 1.00 37.47 ? 384 HOH A O   1 
HETATM 1044 O O   . HOH D 4 .   ? 3.353   -17.543 4.386   1.00 45.64 ? 385 HOH A O   1 
HETATM 1045 O O   . HOH D 4 .   ? 10.256  -17.499 -0.813  1.00 43.53 ? 386 HOH A O   1 
HETATM 1046 O O   . HOH D 4 .   ? -15.160 5.566   -6.397  1.00 39.10 ? 387 HOH A O   1 
HETATM 1047 O O   . HOH D 4 .   ? 13.116  3.964   -1.490  1.00 45.42 ? 388 HOH A O   1 
HETATM 1048 O O   . HOH D 4 .   ? -10.666 -3.441  -2.927  1.00 22.28 ? 389 HOH A O   1 
HETATM 1049 O O   . HOH D 4 .   ? -7.365  -4.205  0.187   1.00 20.67 ? 390 HOH A O   1 
HETATM 1050 O O   . HOH D 4 .   ? 1.022   -10.320 -3.839  1.00 36.68 ? 391 HOH A O   1 
HETATM 1051 O O   . HOH D 4 .   ? 1.463   -16.050 5.983   1.00 66.32 ? 392 HOH A O   1 
HETATM 1052 O O   . HOH D 4 .   ? -17.970 5.953   -6.133  1.00 58.14 ? 393 HOH A O   1 
HETATM 1053 O O   . HOH D 4 .   ? -21.195 9.370   -6.516  1.00 58.45 ? 394 HOH A O   1 
HETATM 1054 O O   . HOH D 4 .   ? -8.946  7.186   -17.223 1.00 19.80 ? 395 HOH A O   1 
HETATM 1055 O O   . HOH D 4 .   ? -13.394 4.447   6.184   1.00 47.35 ? 396 HOH A O   1 
HETATM 1056 O O   . HOH D 4 .   ? 5.454   -4.997  -4.017  1.00 35.43 ? 397 HOH A O   1 
HETATM 1057 O O   . HOH D 4 .   ? 0.373   -0.877  -15.295 1.00 40.05 ? 398 HOH A O   1 
HETATM 1058 O O   . HOH D 4 .   ? 6.665   -4.970  -8.504  1.00 54.48 ? 399 HOH A O   1 
HETATM 1059 O O   . HOH D 4 .   ? -12.923 1.780   5.232   1.00 32.05 ? 400 HOH A O   1 
HETATM 1060 O O   . HOH D 4 .   ? -21.703 14.054  -0.964  1.00 65.58 ? 401 HOH A O   1 
HETATM 1061 O O   . HOH D 4 .   ? 6.813   10.529  11.353  1.00 63.44 ? 402 HOH A O   1 
HETATM 1062 O O   . HOH D 4 .   ? -1.807  -18.125 1.198   1.00 56.92 ? 403 HOH A O   1 
HETATM 1063 O O   . HOH D 4 .   ? -18.223 5.808   -13.802 1.00 36.46 ? 404 HOH A O   1 
HETATM 1064 O O   . HOH D 4 .   ? -4.526  -10.724 -6.935  1.00 33.96 ? 405 HOH A O   1 
HETATM 1065 O O   . HOH D 4 .   ? 8.799   8.984   7.161   1.00 41.81 ? 406 HOH A O   1 
HETATM 1066 O O   . HOH D 4 .   ? -19.864 4.680   -11.517 1.00 51.94 ? 407 HOH A O   1 
HETATM 1067 O O   . HOH D 4 .   ? -0.044  -19.816 0.015   1.00 55.20 ? 408 HOH A O   1 
HETATM 1068 O O   . HOH D 4 .   ? -12.161 15.792  -3.755  1.00 44.69 ? 409 HOH A O   1 
HETATM 1069 O O   . HOH D 4 .   ? -5.808  15.471  -10.705 1.00 56.12 ? 410 HOH A O   1 
HETATM 1070 O O   . HOH D 4 .   ? 6.564   -10.003 12.893  1.00 45.04 ? 411 HOH A O   1 
HETATM 1071 O O   . HOH D 4 .   ? -7.529  14.382  1.859   1.00 40.91 ? 412 HOH A O   1 
HETATM 1072 O O   . HOH D 4 .   ? -3.235  -5.814  13.066  1.00 41.10 ? 413 HOH A O   1 
HETATM 1073 O O   . HOH D 4 .   ? -7.741  13.582  -11.635 1.00 45.81 ? 414 HOH A O   1 
HETATM 1074 O O   . HOH D 4 .   ? -12.170 -1.976  -14.432 1.00 49.26 ? 415 HOH A O   1 
HETATM 1075 O O   . HOH D 4 .   ? -1.475  -3.452  -15.342 1.00 42.04 ? 416 HOH A O   1 
HETATM 1076 O O   . HOH D 4 .   ? 6.466   -13.341 9.295   1.00 45.20 ? 417 HOH A O   1 
HETATM 1077 O O   . HOH D 4 .   ? -3.915  14.079  -4.205  1.00 59.51 ? 418 HOH A O   1 
HETATM 1078 O O   . HOH D 4 .   ? 8.535   -18.384 6.424   1.00 58.68 ? 419 HOH A O   1 
HETATM 1079 O O   . HOH D 4 .   ? -9.492  16.253  -4.365  1.00 50.48 ? 420 HOH A O   1 
HETATM 1080 O O   . HOH D 4 .   ? 5.635   7.688   -4.350  1.00 59.05 ? 421 HOH A O   1 
HETATM 1081 O O   . HOH D 4 .   ? 4.065   -13.810 -3.022  1.00 40.15 ? 422 HOH A O   1 
HETATM 1082 O O   . HOH D 4 .   ? 2.974   -2.469  -13.240 1.00 54.00 ? 423 HOH A O   1 
HETATM 1083 O O   . HOH D 4 .   ? -10.761 6.119   6.079   1.00 40.96 ? 424 HOH A O   1 
HETATM 1084 O O   . HOH D 4 .   ? 6.967   -15.714 10.597  1.00 58.90 ? 425 HOH A O   1 
HETATM 1085 O O   . HOH D 4 .   ? -1.463  -10.913 -7.606  1.00 39.40 ? 426 HOH A O   1 
HETATM 1086 O O   . HOH D 4 .   ? 5.404   10.206  -2.702  1.00 42.25 ? 427 HOH A O   1 
HETATM 1087 O O   . HOH D 4 .   ? -3.528  -3.085  2.074   1.00 21.20 ? 428 HOH A O   1 
HETATM 1088 O O   . HOH D 4 .   ? -4.295  14.434  -8.282  1.00 55.66 ? 429 HOH A O   1 
HETATM 1089 O O   . HOH D 4 .   ? -3.841  18.956  -1.443  1.00 61.95 ? 430 HOH A O   1 
HETATM 1090 O O   . HOH D 4 .   ? 9.307   4.674   13.189  1.00 53.85 ? 431 HOH A O   1 
HETATM 1091 O O   . HOH D 4 .   ? -1.314  13.822  -7.994  1.00 53.95 ? 432 HOH A O   1 
HETATM 1092 O O   . HOH D 4 .   ? 1.234   -20.760 2.513   1.00 55.23 ? 433 HOH A O   1 
HETATM 1093 O O   . HOH D 4 .   ? -0.691  13.894  -5.122  1.00 44.41 ? 434 HOH A O   1 
HETATM 1094 O O   . HOH D 4 .   ? -0.430  -20.315 5.391   1.00 63.92 ? 435 HOH A O   1 
HETATM 1095 O O   . HOH D 4 .   ? -12.073 7.130   -6.623  1.00 34.17 ? 436 HOH A O   1 
HETATM 1096 O O   . HOH D 4 .   ? -11.037 -7.103  -14.256 1.00 52.34 ? 437 HOH A O   1 
HETATM 1097 O O   . HOH D 4 .   ? 16.544  -4.350  6.697   1.00 55.27 ? 438 HOH A O   1 
HETATM 1098 O O   . HOH D 4 .   ? 15.294  -11.343 9.224   1.00 41.76 ? 439 HOH A O   1 
HETATM 1099 O O   . HOH D 4 .   ? 19.822  -3.460  5.573   1.00 59.82 ? 440 HOH A O   1 
HETATM 1100 O O   . HOH D 4 .   ? 11.858  -8.182  -2.275  1.00 54.33 ? 441 HOH A O   1 
HETATM 1101 O O   . HOH D 4 .   ? -0.466  10.804  -14.323 1.00 37.98 ? 442 HOH A O   1 
HETATM 1102 O O   . HOH D 4 .   ? 3.014   8.269   -11.953 1.00 41.21 ? 443 HOH A O   1 
HETATM 1103 O O   . HOH D 4 .   ? -13.081 15.338  7.254   1.00 49.76 ? 444 HOH A O   1 
HETATM 1104 O O   . HOH D 4 .   ? -9.073  -9.303  -17.259 1.00 49.31 ? 445 HOH A O   1 
HETATM 1105 O O   . HOH D 4 .   ? -7.751  14.804  -1.781  1.00 53.81 ? 446 HOH A O   1 
HETATM 1106 O O   . HOH D 4 .   ? 19.696  -4.141  3.122   1.00 48.95 ? 447 HOH A O   1 
HETATM 1107 O O   . HOH D 4 .   ? 2.238   -0.649  -8.738  1.00 44.58 ? 448 HOH A O   1 
HETATM 1108 O O   . HOH D 4 .   ? 10.275  -5.746  -1.926  1.00 50.11 ? 449 HOH A O   1 
HETATM 1109 O O   . HOH D 4 .   ? -7.571  18.091  -1.952  1.00 62.13 ? 450 HOH A O   1 
HETATM 1110 O O   . HOH D 4 .   ? -24.864 5.892   -13.769 1.00 44.32 ? 451 HOH A O   1 
HETATM 1111 O O   . HOH D 4 .   ? 11.706  0.079   15.575  1.00 44.15 ? 452 HOH A O   1 
# 
